data_4HHX
# 
_entry.id   4HHX 
# 
_audit_conform.dict_name       mmcif_pdbx.dic 
_audit_conform.dict_version    5.398 
_audit_conform.dict_location   http://mmcif.pdb.org/dictionaries/ascii/mmcif_pdbx.dic 
# 
loop_
_database_2.database_id 
_database_2.database_code 
_database_2.pdbx_database_accession 
_database_2.pdbx_DOI 
PDB   4HHX         pdb_00004hhx 10.2210/pdb4hhx/pdb 
RCSB  RCSB075487   ?            ?                   
WWPDB D_1000075487 ?            ?                   
# 
loop_
_pdbx_audit_revision_history.ordinal 
_pdbx_audit_revision_history.data_content_type 
_pdbx_audit_revision_history.major_revision 
_pdbx_audit_revision_history.minor_revision 
_pdbx_audit_revision_history.revision_date 
1 'Structure model' 1 0 2013-04-03 
2 'Structure model' 1 1 2024-11-06 
# 
_pdbx_audit_revision_details.ordinal             1 
_pdbx_audit_revision_details.revision_ordinal    1 
_pdbx_audit_revision_details.data_content_type   'Structure model' 
_pdbx_audit_revision_details.provider            repository 
_pdbx_audit_revision_details.type                'Initial release' 
_pdbx_audit_revision_details.description         ? 
_pdbx_audit_revision_details.details             ? 
# 
loop_
_pdbx_audit_revision_group.ordinal 
_pdbx_audit_revision_group.revision_ordinal 
_pdbx_audit_revision_group.data_content_type 
_pdbx_audit_revision_group.group 
1 2 'Structure model' 'Data collection'      
2 2 'Structure model' 'Database references'  
3 2 'Structure model' 'Derived calculations' 
4 2 'Structure model' 'Structure summary'    
# 
loop_
_pdbx_audit_revision_category.ordinal 
_pdbx_audit_revision_category.revision_ordinal 
_pdbx_audit_revision_category.data_content_type 
_pdbx_audit_revision_category.category 
1 2 'Structure model' chem_comp_atom            
2 2 'Structure model' chem_comp_bond            
3 2 'Structure model' database_2                
4 2 'Structure model' pdbx_entry_details        
5 2 'Structure model' pdbx_modification_feature 
6 2 'Structure model' struct_conn               
7 2 'Structure model' struct_ref_seq_dif        
8 2 'Structure model' struct_site               
# 
loop_
_pdbx_audit_revision_item.ordinal 
_pdbx_audit_revision_item.revision_ordinal 
_pdbx_audit_revision_item.data_content_type 
_pdbx_audit_revision_item.item 
1 2 'Structure model' '_database_2.pdbx_DOI'                
2 2 'Structure model' '_database_2.pdbx_database_accession' 
3 2 'Structure model' '_struct_conn.pdbx_leaving_atom_flag' 
4 2 'Structure model' '_struct_ref_seq_dif.details'         
5 2 'Structure model' '_struct_site.pdbx_auth_asym_id'      
6 2 'Structure model' '_struct_site.pdbx_auth_comp_id'      
7 2 'Structure model' '_struct_site.pdbx_auth_seq_id'       
# 
_pdbx_database_status.status_code                     REL 
_pdbx_database_status.entry_id                        4HHX 
_pdbx_database_status.recvd_initial_deposition_date   2012-10-10 
_pdbx_database_status.deposit_site                    RCSB 
_pdbx_database_status.process_site                    RCSB 
_pdbx_database_status.status_code_sf                  REL 
_pdbx_database_status.status_code_mr                  ? 
_pdbx_database_status.SG_entry                        ? 
_pdbx_database_status.status_code_cs                  ? 
_pdbx_database_status.methods_development_category    ? 
_pdbx_database_status.pdb_format_compatible           Y 
_pdbx_database_status.status_code_nmr_data            ? 
# 
_pdbx_database_related.db_name        PDB 
_pdbx_database_related.db_id          4hji 
_pdbx_database_related.details        . 
_pdbx_database_related.content_type   unspecified 
# 
loop_
_audit_author.name 
_audit_author.pdbx_ordinal 
'Kolappan, S.' 1 
'Craig, L.'    2 
# 
_citation.id                        primary 
_citation.title                     
;Structure of the cytoplasmic domain of TcpE, the inner membrane core protein required for assembly of the Vibrio cholerae toxin-coregulated pilus.
;
_citation.journal_abbrev            'Acta Crystallogr.,Sect.D' 
_citation.journal_volume            69 
_citation.page_first                513 
_citation.page_last                 519 
_citation.year                      2013 
_citation.journal_id_ASTM           ABCRE6 
_citation.country                   DK 
_citation.journal_id_ISSN           0907-4449 
_citation.journal_id_CSD            0766 
_citation.book_publisher            ? 
_citation.pdbx_database_id_PubMed   23519659 
_citation.pdbx_database_id_DOI      10.1107/S0907444912050330 
# 
loop_
_citation_author.citation_id 
_citation_author.name 
_citation_author.ordinal 
_citation_author.identifier_ORCID 
primary 'Kolappan, S.' 1 ? 
primary 'Craig, L.'    2 ? 
# 
loop_
_entity.id 
_entity.type 
_entity.src_method 
_entity.pdbx_description 
_entity.formula_weight 
_entity.pdbx_number_of_molecules 
_entity.pdbx_ec 
_entity.pdbx_mutation 
_entity.pdbx_fragment 
_entity.details 
1 polymer     man 'Toxin coregulated pilus biosynthesis protein E' 13585.875 1  ? ? 
'N-TERMINAL CYTOPLASMIC DOMAIN OF TcpE : unp residues 5-120' ? 
2 non-polymer syn 'SULFATE ION'                                    96.063    1  ? ? ? ? 
3 water       nat water                                            18.015    25 ? ? ? ? 
# 
_entity_name_com.entity_id   1 
_entity_name_com.name        'TCP pilus biosynthesis protein TcpE' 
# 
_entity_poly.entity_id                      1 
_entity_poly.type                           'polypeptide(L)' 
_entity_poly.nstd_linkage                   no 
_entity_poly.nstd_monomer                   yes 
_entity_poly.pdbx_seq_one_letter_code       
;GSH(MSE)(MSE)KIISKKYRLELYS(MSE)LVDLLNDNIPLYDALNKIQNEGVGIYDKNFIKSIELIKDR(MSE)KSNS
SLTDALTGLIPDKEVL(MSE)INVAENSGKISSGIAAIRKNIIDADEIKSKAISS(MSE)ITPS
;
_entity_poly.pdbx_seq_one_letter_code_can   
;GSHMMKIISKKYRLELYSMLVDLLNDNIPLYDALNKIQNEGVGIYDKNFIKSIELIKDRMKSNSSLTDALTGLIPDKEVL
MINVAENSGKISSGIAAIRKNIIDADEIKSKAISSMITPS
;
_entity_poly.pdbx_strand_id                 A 
_entity_poly.pdbx_target_identifier         ? 
# 
loop_
_pdbx_entity_nonpoly.entity_id 
_pdbx_entity_nonpoly.name 
_pdbx_entity_nonpoly.comp_id 
2 'SULFATE ION' SO4 
3 water         HOH 
# 
loop_
_entity_poly_seq.entity_id 
_entity_poly_seq.num 
_entity_poly_seq.mon_id 
_entity_poly_seq.hetero 
1 1   GLY n 
1 2   SER n 
1 3   HIS n 
1 4   MSE n 
1 5   MSE n 
1 6   LYS n 
1 7   ILE n 
1 8   ILE n 
1 9   SER n 
1 10  LYS n 
1 11  LYS n 
1 12  TYR n 
1 13  ARG n 
1 14  LEU n 
1 15  GLU n 
1 16  LEU n 
1 17  TYR n 
1 18  SER n 
1 19  MSE n 
1 20  LEU n 
1 21  VAL n 
1 22  ASP n 
1 23  LEU n 
1 24  LEU n 
1 25  ASN n 
1 26  ASP n 
1 27  ASN n 
1 28  ILE n 
1 29  PRO n 
1 30  LEU n 
1 31  TYR n 
1 32  ASP n 
1 33  ALA n 
1 34  LEU n 
1 35  ASN n 
1 36  LYS n 
1 37  ILE n 
1 38  GLN n 
1 39  ASN n 
1 40  GLU n 
1 41  GLY n 
1 42  VAL n 
1 43  GLY n 
1 44  ILE n 
1 45  TYR n 
1 46  ASP n 
1 47  LYS n 
1 48  ASN n 
1 49  PHE n 
1 50  ILE n 
1 51  LYS n 
1 52  SER n 
1 53  ILE n 
1 54  GLU n 
1 55  LEU n 
1 56  ILE n 
1 57  LYS n 
1 58  ASP n 
1 59  ARG n 
1 60  MSE n 
1 61  LYS n 
1 62  SER n 
1 63  ASN n 
1 64  SER n 
1 65  SER n 
1 66  LEU n 
1 67  THR n 
1 68  ASP n 
1 69  ALA n 
1 70  LEU n 
1 71  THR n 
1 72  GLY n 
1 73  LEU n 
1 74  ILE n 
1 75  PRO n 
1 76  ASP n 
1 77  LYS n 
1 78  GLU n 
1 79  VAL n 
1 80  LEU n 
1 81  MSE n 
1 82  ILE n 
1 83  ASN n 
1 84  VAL n 
1 85  ALA n 
1 86  GLU n 
1 87  ASN n 
1 88  SER n 
1 89  GLY n 
1 90  LYS n 
1 91  ILE n 
1 92  SER n 
1 93  SER n 
1 94  GLY n 
1 95  ILE n 
1 96  ALA n 
1 97  ALA n 
1 98  ILE n 
1 99  ARG n 
1 100 LYS n 
1 101 ASN n 
1 102 ILE n 
1 103 ILE n 
1 104 ASP n 
1 105 ALA n 
1 106 ASP n 
1 107 GLU n 
1 108 ILE n 
1 109 LYS n 
1 110 SER n 
1 111 LYS n 
1 112 ALA n 
1 113 ILE n 
1 114 SER n 
1 115 SER n 
1 116 MSE n 
1 117 ILE n 
1 118 THR n 
1 119 PRO n 
1 120 SER n 
# 
_entity_src_gen.entity_id                          1 
_entity_src_gen.pdbx_src_id                        1 
_entity_src_gen.pdbx_alt_source_flag               sample 
_entity_src_gen.pdbx_seq_type                      ? 
_entity_src_gen.pdbx_beg_seq_num                   ? 
_entity_src_gen.pdbx_end_seq_num                   ? 
_entity_src_gen.gene_src_common_name               ? 
_entity_src_gen.gene_src_genus                     ? 
_entity_src_gen.pdbx_gene_src_gene                 'tcpE, VC_0836' 
_entity_src_gen.gene_src_species                   ? 
_entity_src_gen.gene_src_strain                    'ATCC 39315 / El Tor Inaba N16961' 
_entity_src_gen.gene_src_tissue                    ? 
_entity_src_gen.gene_src_tissue_fraction           ? 
_entity_src_gen.gene_src_details                   ? 
_entity_src_gen.pdbx_gene_src_fragment             ? 
_entity_src_gen.pdbx_gene_src_scientific_name      'Vibrio cholerae O1 biovar El Tor str. N16961' 
_entity_src_gen.pdbx_gene_src_ncbi_taxonomy_id     243277 
_entity_src_gen.pdbx_gene_src_variant              ? 
_entity_src_gen.pdbx_gene_src_cell_line            ? 
_entity_src_gen.pdbx_gene_src_atcc                 ? 
_entity_src_gen.pdbx_gene_src_organ                ? 
_entity_src_gen.pdbx_gene_src_organelle            ? 
_entity_src_gen.pdbx_gene_src_cell                 ? 
_entity_src_gen.pdbx_gene_src_cellular_location    ? 
_entity_src_gen.host_org_common_name               ? 
_entity_src_gen.pdbx_host_org_scientific_name      'Escherichia coli' 
_entity_src_gen.pdbx_host_org_ncbi_taxonomy_id     562 
_entity_src_gen.host_org_genus                     ? 
_entity_src_gen.pdbx_host_org_gene                 ? 
_entity_src_gen.pdbx_host_org_organ                ? 
_entity_src_gen.host_org_species                   ? 
_entity_src_gen.pdbx_host_org_tissue               ? 
_entity_src_gen.pdbx_host_org_tissue_fraction      ? 
_entity_src_gen.pdbx_host_org_strain               ? 
_entity_src_gen.pdbx_host_org_variant              ? 
_entity_src_gen.pdbx_host_org_cell_line            ? 
_entity_src_gen.pdbx_host_org_atcc                 ? 
_entity_src_gen.pdbx_host_org_culture_collection   ? 
_entity_src_gen.pdbx_host_org_cell                 ? 
_entity_src_gen.pdbx_host_org_organelle            ? 
_entity_src_gen.pdbx_host_org_cellular_location    ? 
_entity_src_gen.pdbx_host_org_vector_type          ? 
_entity_src_gen.pdbx_host_org_vector               ? 
_entity_src_gen.host_org_details                   ? 
_entity_src_gen.expression_system_id               ? 
_entity_src_gen.plasmid_name                       ? 
_entity_src_gen.plasmid_details                    ? 
_entity_src_gen.pdbx_description                   ? 
# 
loop_
_chem_comp.id 
_chem_comp.type 
_chem_comp.mon_nstd_flag 
_chem_comp.name 
_chem_comp.pdbx_synonyms 
_chem_comp.formula 
_chem_comp.formula_weight 
ALA 'L-peptide linking' y ALANINE          ? 'C3 H7 N O2'     89.093  
ARG 'L-peptide linking' y ARGININE         ? 'C6 H15 N4 O2 1' 175.209 
ASN 'L-peptide linking' y ASPARAGINE       ? 'C4 H8 N2 O3'    132.118 
ASP 'L-peptide linking' y 'ASPARTIC ACID'  ? 'C4 H7 N O4'     133.103 
GLN 'L-peptide linking' y GLUTAMINE        ? 'C5 H10 N2 O3'   146.144 
GLU 'L-peptide linking' y 'GLUTAMIC ACID'  ? 'C5 H9 N O4'     147.129 
GLY 'peptide linking'   y GLYCINE          ? 'C2 H5 N O2'     75.067  
HIS 'L-peptide linking' y HISTIDINE        ? 'C6 H10 N3 O2 1' 156.162 
HOH non-polymer         . WATER            ? 'H2 O'           18.015  
ILE 'L-peptide linking' y ISOLEUCINE       ? 'C6 H13 N O2'    131.173 
LEU 'L-peptide linking' y LEUCINE          ? 'C6 H13 N O2'    131.173 
LYS 'L-peptide linking' y LYSINE           ? 'C6 H15 N2 O2 1' 147.195 
MSE 'L-peptide linking' n SELENOMETHIONINE ? 'C5 H11 N O2 Se' 196.106 
PHE 'L-peptide linking' y PHENYLALANINE    ? 'C9 H11 N O2'    165.189 
PRO 'L-peptide linking' y PROLINE          ? 'C5 H9 N O2'     115.130 
SER 'L-peptide linking' y SERINE           ? 'C3 H7 N O3'     105.093 
SO4 non-polymer         . 'SULFATE ION'    ? 'O4 S -2'        96.063  
THR 'L-peptide linking' y THREONINE        ? 'C4 H9 N O3'     119.119 
TYR 'L-peptide linking' y TYROSINE         ? 'C9 H11 N O3'    181.189 
VAL 'L-peptide linking' y VALINE           ? 'C5 H11 N O2'    117.146 
# 
loop_
_pdbx_poly_seq_scheme.asym_id 
_pdbx_poly_seq_scheme.entity_id 
_pdbx_poly_seq_scheme.seq_id 
_pdbx_poly_seq_scheme.mon_id 
_pdbx_poly_seq_scheme.ndb_seq_num 
_pdbx_poly_seq_scheme.pdb_seq_num 
_pdbx_poly_seq_scheme.auth_seq_num 
_pdbx_poly_seq_scheme.pdb_mon_id 
_pdbx_poly_seq_scheme.auth_mon_id 
_pdbx_poly_seq_scheme.pdb_strand_id 
_pdbx_poly_seq_scheme.pdb_ins_code 
_pdbx_poly_seq_scheme.hetero 
A 1 1   GLY 1   -3  ?   ?   ?   A . n 
A 1 2   SER 2   -2  ?   ?   ?   A . n 
A 1 3   HIS 3   -1  -1  HIS HIS A . n 
A 1 4   MSE 4   0   0   MSE MSE A . n 
A 1 5   MSE 5   1   1   MSE MSE A . n 
A 1 6   LYS 6   2   2   LYS LYS A . n 
A 1 7   ILE 7   3   3   ILE ILE A . n 
A 1 8   ILE 8   4   4   ILE ILE A . n 
A 1 9   SER 9   5   5   SER SER A . n 
A 1 10  LYS 10  6   6   LYS LYS A . n 
A 1 11  LYS 11  7   7   LYS LYS A . n 
A 1 12  TYR 12  8   8   TYR TYR A . n 
A 1 13  ARG 13  9   9   ARG ARG A . n 
A 1 14  LEU 14  10  10  LEU LEU A . n 
A 1 15  GLU 15  11  11  GLU GLU A . n 
A 1 16  LEU 16  12  12  LEU LEU A . n 
A 1 17  TYR 17  13  13  TYR TYR A . n 
A 1 18  SER 18  14  14  SER SER A . n 
A 1 19  MSE 19  15  15  MSE MSE A . n 
A 1 20  LEU 20  16  16  LEU LEU A . n 
A 1 21  VAL 21  17  17  VAL VAL A . n 
A 1 22  ASP 22  18  18  ASP ASP A . n 
A 1 23  LEU 23  19  19  LEU LEU A . n 
A 1 24  LEU 24  20  20  LEU LEU A . n 
A 1 25  ASN 25  21  21  ASN ASN A . n 
A 1 26  ASP 26  22  22  ASP ASP A . n 
A 1 27  ASN 27  23  23  ASN ASN A . n 
A 1 28  ILE 28  24  24  ILE ILE A . n 
A 1 29  PRO 29  25  25  PRO PRO A . n 
A 1 30  LEU 30  26  26  LEU LEU A . n 
A 1 31  TYR 31  27  27  TYR TYR A . n 
A 1 32  ASP 32  28  28  ASP ASP A . n 
A 1 33  ALA 33  29  29  ALA ALA A . n 
A 1 34  LEU 34  30  30  LEU LEU A . n 
A 1 35  ASN 35  31  31  ASN ASN A . n 
A 1 36  LYS 36  32  32  LYS LYS A . n 
A 1 37  ILE 37  33  33  ILE ILE A . n 
A 1 38  GLN 38  34  34  GLN GLN A . n 
A 1 39  ASN 39  35  35  ASN ASN A . n 
A 1 40  GLU 40  36  36  GLU GLU A . n 
A 1 41  GLY 41  37  37  GLY GLY A . n 
A 1 42  VAL 42  38  38  VAL VAL A . n 
A 1 43  GLY 43  39  39  GLY GLY A . n 
A 1 44  ILE 44  40  40  ILE ILE A . n 
A 1 45  TYR 45  41  41  TYR TYR A . n 
A 1 46  ASP 46  42  42  ASP ASP A . n 
A 1 47  LYS 47  43  43  LYS LYS A . n 
A 1 48  ASN 48  44  44  ASN ASN A . n 
A 1 49  PHE 49  45  45  PHE PHE A . n 
A 1 50  ILE 50  46  46  ILE ILE A . n 
A 1 51  LYS 51  47  47  LYS LYS A . n 
A 1 52  SER 52  48  48  SER SER A . n 
A 1 53  ILE 53  49  49  ILE ILE A . n 
A 1 54  GLU 54  50  50  GLU GLU A . n 
A 1 55  LEU 55  51  51  LEU LEU A . n 
A 1 56  ILE 56  52  52  ILE ILE A . n 
A 1 57  LYS 57  53  53  LYS LYS A . n 
A 1 58  ASP 58  54  54  ASP ASP A . n 
A 1 59  ARG 59  55  55  ARG ARG A . n 
A 1 60  MSE 60  56  56  MSE MSE A . n 
A 1 61  LYS 61  57  57  LYS LYS A . n 
A 1 62  SER 62  58  58  SER SER A . n 
A 1 63  ASN 63  59  59  ASN ASN A . n 
A 1 64  SER 64  60  60  SER SER A . n 
A 1 65  SER 65  61  61  SER SER A . n 
A 1 66  LEU 66  62  62  LEU LEU A . n 
A 1 67  THR 67  63  63  THR THR A . n 
A 1 68  ASP 68  64  64  ASP ASP A . n 
A 1 69  ALA 69  65  65  ALA ALA A . n 
A 1 70  LEU 70  66  66  LEU LEU A . n 
A 1 71  THR 71  67  67  THR THR A . n 
A 1 72  GLY 72  68  68  GLY GLY A . n 
A 1 73  LEU 73  69  69  LEU LEU A . n 
A 1 74  ILE 74  70  70  ILE ILE A . n 
A 1 75  PRO 75  71  71  PRO PRO A . n 
A 1 76  ASP 76  72  72  ASP ASP A . n 
A 1 77  LYS 77  73  73  LYS LYS A . n 
A 1 78  GLU 78  74  74  GLU GLU A . n 
A 1 79  VAL 79  75  75  VAL VAL A . n 
A 1 80  LEU 80  76  76  LEU LEU A . n 
A 1 81  MSE 81  77  77  MSE MSE A . n 
A 1 82  ILE 82  78  78  ILE ILE A . n 
A 1 83  ASN 83  79  79  ASN ASN A . n 
A 1 84  VAL 84  80  80  VAL VAL A . n 
A 1 85  ALA 85  81  81  ALA ALA A . n 
A 1 86  GLU 86  82  82  GLU GLU A . n 
A 1 87  ASN 87  83  83  ASN ASN A . n 
A 1 88  SER 88  84  84  SER SER A . n 
A 1 89  GLY 89  85  85  GLY GLY A . n 
A 1 90  LYS 90  86  86  LYS LYS A . n 
A 1 91  ILE 91  87  87  ILE ILE A . n 
A 1 92  SER 92  88  88  SER SER A . n 
A 1 93  SER 93  89  89  SER SER A . n 
A 1 94  GLY 94  90  90  GLY GLY A . n 
A 1 95  ILE 95  91  91  ILE ILE A . n 
A 1 96  ALA 96  92  92  ALA ALA A . n 
A 1 97  ALA 97  93  93  ALA ALA A . n 
A 1 98  ILE 98  94  94  ILE ILE A . n 
A 1 99  ARG 99  95  95  ARG ARG A . n 
A 1 100 LYS 100 96  96  LYS LYS A . n 
A 1 101 ASN 101 97  97  ASN ASN A . n 
A 1 102 ILE 102 98  98  ILE ILE A . n 
A 1 103 ILE 103 99  99  ILE ILE A . n 
A 1 104 ASP 104 100 100 ASP ASP A . n 
A 1 105 ALA 105 101 101 ALA ALA A . n 
A 1 106 ASP 106 102 102 ASP ASP A . n 
A 1 107 GLU 107 103 ?   ?   ?   A . n 
A 1 108 ILE 108 104 ?   ?   ?   A . n 
A 1 109 LYS 109 105 ?   ?   ?   A . n 
A 1 110 SER 110 106 ?   ?   ?   A . n 
A 1 111 LYS 111 107 ?   ?   ?   A . n 
A 1 112 ALA 112 108 ?   ?   ?   A . n 
A 1 113 ILE 113 109 ?   ?   ?   A . n 
A 1 114 SER 114 110 ?   ?   ?   A . n 
A 1 115 SER 115 111 ?   ?   ?   A . n 
A 1 116 MSE 116 112 ?   ?   ?   A . n 
A 1 117 ILE 117 113 ?   ?   ?   A . n 
A 1 118 THR 118 114 ?   ?   ?   A . n 
A 1 119 PRO 119 115 ?   ?   ?   A . n 
A 1 120 SER 120 116 ?   ?   ?   A . n 
# 
loop_
_pdbx_nonpoly_scheme.asym_id 
_pdbx_nonpoly_scheme.entity_id 
_pdbx_nonpoly_scheme.mon_id 
_pdbx_nonpoly_scheme.ndb_seq_num 
_pdbx_nonpoly_scheme.pdb_seq_num 
_pdbx_nonpoly_scheme.auth_seq_num 
_pdbx_nonpoly_scheme.pdb_mon_id 
_pdbx_nonpoly_scheme.auth_mon_id 
_pdbx_nonpoly_scheme.pdb_strand_id 
_pdbx_nonpoly_scheme.pdb_ins_code 
B 2 SO4 1  201 201 SO4 SO4 A . 
C 3 HOH 1  301 301 HOH HOH A . 
C 3 HOH 2  302 302 HOH HOH A . 
C 3 HOH 3  303 303 HOH HOH A . 
C 3 HOH 4  304 304 HOH HOH A . 
C 3 HOH 5  305 305 HOH HOH A . 
C 3 HOH 6  306 306 HOH HOH A . 
C 3 HOH 7  307 307 HOH HOH A . 
C 3 HOH 8  308 308 HOH HOH A . 
C 3 HOH 9  309 309 HOH HOH A . 
C 3 HOH 10 310 310 HOH HOH A . 
C 3 HOH 11 311 311 HOH HOH A . 
C 3 HOH 12 312 312 HOH HOH A . 
C 3 HOH 13 313 313 HOH HOH A . 
C 3 HOH 14 314 314 HOH HOH A . 
C 3 HOH 15 315 315 HOH HOH A . 
C 3 HOH 16 316 316 HOH HOH A . 
C 3 HOH 17 317 317 HOH HOH A . 
C 3 HOH 18 318 318 HOH HOH A . 
C 3 HOH 19 319 319 HOH HOH A . 
C 3 HOH 20 320 320 HOH HOH A . 
C 3 HOH 21 321 321 HOH HOH A . 
C 3 HOH 22 322 322 HOH HOH A . 
C 3 HOH 23 323 323 HOH HOH A . 
C 3 HOH 24 324 324 HOH HOH A . 
C 3 HOH 25 325 325 HOH HOH A . 
# 
loop_
_pdbx_unobs_or_zero_occ_atoms.id 
_pdbx_unobs_or_zero_occ_atoms.PDB_model_num 
_pdbx_unobs_or_zero_occ_atoms.polymer_flag 
_pdbx_unobs_or_zero_occ_atoms.occupancy_flag 
_pdbx_unobs_or_zero_occ_atoms.auth_asym_id 
_pdbx_unobs_or_zero_occ_atoms.auth_comp_id 
_pdbx_unobs_or_zero_occ_atoms.auth_seq_id 
_pdbx_unobs_or_zero_occ_atoms.PDB_ins_code 
_pdbx_unobs_or_zero_occ_atoms.auth_atom_id 
_pdbx_unobs_or_zero_occ_atoms.label_alt_id 
_pdbx_unobs_or_zero_occ_atoms.label_asym_id 
_pdbx_unobs_or_zero_occ_atoms.label_comp_id 
_pdbx_unobs_or_zero_occ_atoms.label_seq_id 
_pdbx_unobs_or_zero_occ_atoms.label_atom_id 
1 1 Y 1 A LYS 47 ? CG ? A LYS 51 CG 
2 1 Y 1 A LYS 47 ? CD ? A LYS 51 CD 
3 1 Y 1 A LYS 47 ? CE ? A LYS 51 CE 
4 1 Y 1 A LYS 47 ? NZ ? A LYS 51 NZ 
# 
loop_
_software.name 
_software.classification 
_software.version 
_software.citation_id 
_software.pdbx_ordinal 
Blu-Ice 'data collection' .        ? 1 
SQUASH  phasing           .        ? 2 
REFMAC  refinement        5.5.0109 ? 3 
XDS     'data reduction'  .        ? 4 
XSCALE  'data scaling'    .        ? 5 
# 
_cell.entry_id           4HHX 
_cell.length_a           34.790 
_cell.length_b           73.610 
_cell.length_c           95.900 
_cell.angle_alpha        90.00 
_cell.angle_beta         90.00 
_cell.angle_gamma        90.00 
_cell.Z_PDB              8 
_cell.pdbx_unique_axis   ? 
_cell.length_a_esd       ? 
_cell.length_b_esd       ? 
_cell.length_c_esd       ? 
_cell.angle_alpha_esd    ? 
_cell.angle_beta_esd     ? 
_cell.angle_gamma_esd    ? 
# 
_symmetry.entry_id                         4HHX 
_symmetry.space_group_name_H-M             'C 2 2 21' 
_symmetry.pdbx_full_space_group_name_H-M   ? 
_symmetry.cell_setting                     ? 
_symmetry.Int_Tables_number                20 
_symmetry.space_group_name_Hall            ? 
# 
_exptl.entry_id          4HHX 
_exptl.method            'X-RAY DIFFRACTION' 
_exptl.crystals_number   1 
# 
_exptl_crystal.id                    1 
_exptl_crystal.density_meas          ? 
_exptl_crystal.density_Matthews      2.26 
_exptl_crystal.density_percent_sol   45.57 
_exptl_crystal.description           ? 
_exptl_crystal.F_000                 ? 
_exptl_crystal.preparation           ? 
# 
_exptl_crystal_grow.crystal_id      1 
_exptl_crystal_grow.method          'VAPOR DIFFUSION, HANGING DROP' 
_exptl_crystal_grow.temp            293 
_exptl_crystal_grow.temp_details    ? 
_exptl_crystal_grow.pH              7.4 
_exptl_crystal_grow.pdbx_pH_range   ? 
_exptl_crystal_grow.pdbx_details    
'100 mM Tris-HCl, 1.55 M ammonium sulfate, pH 7.4, VAPOR DIFFUSION, HANGING DROP, temperature 293K' 
# 
_diffrn.id                     1 
_diffrn.ambient_temp           100 
_diffrn.ambient_temp_details   ? 
_diffrn.crystal_id             1 
# 
_diffrn_detector.diffrn_id              1 
_diffrn_detector.detector               CCD 
_diffrn_detector.type                   'MARMOSAIC 225 mm CCD' 
_diffrn_detector.pdbx_collection_date   2010-04-01 
_diffrn_detector.details                ? 
# 
_diffrn_radiation.diffrn_id                        1 
_diffrn_radiation.wavelength_id                    1 
_diffrn_radiation.pdbx_monochromatic_or_laue_m_l   M 
_diffrn_radiation.monochromator                    
;Double crystal monochromator,   
Si(111).
;
_diffrn_radiation.pdbx_diffrn_protocol             MAD 
_diffrn_radiation.pdbx_scattering_type             x-ray 
# 
loop_
_diffrn_radiation_wavelength.id 
_diffrn_radiation_wavelength.wavelength 
_diffrn_radiation_wavelength.wt 
1 0.96109 1.0 
2 0.97905 1.0 
# 
_diffrn_source.diffrn_id                   1 
_diffrn_source.source                      SYNCHROTRON 
_diffrn_source.type                        'SSRL BEAMLINE BL9-2' 
_diffrn_source.pdbx_synchrotron_site       SSRL 
_diffrn_source.pdbx_synchrotron_beamline   BL9-2 
_diffrn_source.pdbx_wavelength             ? 
_diffrn_source.pdbx_wavelength_list        '0.96109, 0.97905' 
# 
_reflns.pdbx_diffrn_id               1 
_reflns.pdbx_ordinal                 1 
_reflns.entry_id                     4HHX 
_reflns.observed_criterion_sigma_I   2.0 
_reflns.observed_criterion_sigma_F   2.0 
_reflns.d_resolution_low             20 
_reflns.d_resolution_high            1.88 
_reflns.number_obs                   10378 
_reflns.number_all                   10428 
_reflns.percent_possible_obs         99.5 
_reflns.pdbx_Rmerge_I_obs            ? 
_reflns.pdbx_Rsym_value              ? 
_reflns.pdbx_netI_over_sigmaI        ? 
_reflns.B_iso_Wilson_estimate        ? 
_reflns.pdbx_redundancy              ? 
_reflns.R_free_details               ? 
_reflns.limit_h_max                  ? 
_reflns.limit_h_min                  ? 
_reflns.limit_k_max                  ? 
_reflns.limit_k_min                  ? 
_reflns.limit_l_max                  ? 
_reflns.limit_l_min                  ? 
_reflns.observed_criterion_F_max     ? 
_reflns.observed_criterion_F_min     ? 
_reflns.pdbx_chi_squared             ? 
_reflns.pdbx_scaling_rejects         ? 
# 
loop_
_reflns_shell.pdbx_diffrn_id 
_reflns_shell.pdbx_ordinal 
_reflns_shell.d_res_high 
_reflns_shell.d_res_low 
_reflns_shell.percent_possible_all 
_reflns_shell.Rmerge_I_obs 
_reflns_shell.pdbx_Rsym_value 
_reflns_shell.meanI_over_sigI_obs 
_reflns_shell.pdbx_redundancy 
_reflns_shell.percent_possible_obs 
_reflns_shell.number_unique_all 
_reflns_shell.number_measured_all 
_reflns_shell.number_measured_obs 
_reflns_shell.number_unique_obs 
_reflns_shell.pdbx_chi_squared 
1 1 1.88 1.93 96.2  ? ? ? ? ? ? ? ? ? ? 
1 2 1.93 1.98 100.0 ? ? ? ? ? ? ? ? ? ? 
1 3 1.98 2.04 100.0 ? ? ? ? ? ? ? ? ? ? 
1 4 2.04 2.10 100.0 ? ? ? ? ? ? ? ? ? ? 
1 5 2.10 2.17 99.9  ? ? ? ? ? ? ? ? ? ? 
1 6 2.17 2.24 100.0 ? ? ? ? ? ? ? ? ? ? 
1 7 2.24 2.33 100.0 ? ? ? ? ? ? ? ? ? ? 
1 8 2.33 2.42 100.0 ? ? ? ? ? ? ? ? ? ? 
1 9 2.42 2.53 99.8  ? ? ? ? ? ? ? ? ? ? 
# 
_refine.pdbx_refine_id                           'X-RAY DIFFRACTION' 
_refine.entry_id                                 4HHX 
_refine.pdbx_diffrn_id                           1 
_refine.pdbx_TLS_residual_ADP_flag               ? 
_refine.ls_number_reflns_obs                     9890 
_refine.ls_number_reflns_all                     10378 
_refine.pdbx_ls_sigma_I                          ? 
_refine.pdbx_ls_sigma_F                          . 
_refine.pdbx_data_cutoff_high_absF               ? 
_refine.pdbx_data_cutoff_low_absF                ? 
_refine.pdbx_data_cutoff_high_rms_absF           ? 
_refine.ls_d_res_low                             19.63 
_refine.ls_d_res_high                            1.88 
_refine.ls_percent_reflns_obs                    99.48 
_refine.ls_R_factor_obs                          0.21972 
_refine.ls_R_factor_all                          ? 
_refine.ls_R_factor_R_work                       0.21828 
_refine.ls_R_factor_R_free                       0.24739 
_refine.ls_R_factor_R_free_error                 ? 
_refine.ls_R_factor_R_free_error_details         ? 
_refine.ls_percent_reflns_R_free                 4.7 
_refine.ls_number_reflns_R_free                  488 
_refine.ls_number_parameters                     ? 
_refine.ls_number_restraints                     ? 
_refine.occupancy_min                            ? 
_refine.occupancy_max                            ? 
_refine.correlation_coeff_Fo_to_Fc               0.949 
_refine.correlation_coeff_Fo_to_Fc_free          0.941 
_refine.B_iso_mean                               38.531 
_refine.aniso_B[1][1]                            -1.95 
_refine.aniso_B[2][2]                            2.67 
_refine.aniso_B[3][3]                            -0.72 
_refine.aniso_B[1][2]                            0.00 
_refine.aniso_B[1][3]                            0.00 
_refine.aniso_B[2][3]                            0.00 
_refine.solvent_model_details                    MASK 
_refine.solvent_model_param_ksol                 ? 
_refine.solvent_model_param_bsol                 ? 
_refine.pdbx_solvent_vdw_probe_radii             1.20 
_refine.pdbx_solvent_ion_probe_radii             0.80 
_refine.pdbx_solvent_shrinkage_radii             0.80 
_refine.pdbx_ls_cross_valid_method               THROUGHOUT 
_refine.details                                  'HYDROGENS HAVE BEEN ADDED IN THE RIDING POSITIONS' 
_refine.pdbx_starting_model                      ? 
_refine.pdbx_method_to_determine_struct          MAD 
_refine.pdbx_isotropic_thermal_model             ? 
_refine.pdbx_stereochemistry_target_values       'MAXIMUM LIKELIHOOD' 
_refine.pdbx_stereochem_target_val_spec_case     ? 
_refine.pdbx_R_Free_selection_details            RANDOM 
_refine.pdbx_overall_ESU_R                       0.153 
_refine.pdbx_overall_ESU_R_Free                  0.140 
_refine.overall_SU_ML                            0.118 
_refine.pdbx_overall_phase_error                 ? 
_refine.overall_SU_B                             8.366 
_refine.overall_SU_R_Cruickshank_DPI             ? 
_refine.pdbx_overall_SU_R_free_Cruickshank_DPI   ? 
_refine.pdbx_overall_SU_R_Blow_DPI               ? 
_refine.pdbx_overall_SU_R_free_Blow_DPI          ? 
_refine.ls_redundancy_reflns_obs                 ? 
_refine.B_iso_min                                ? 
_refine.B_iso_max                                ? 
_refine.overall_SU_R_free                        ? 
_refine.ls_wR_factor_R_free                      ? 
_refine.ls_wR_factor_R_work                      ? 
_refine.overall_FOM_free_R_set                   ? 
_refine.overall_FOM_work_R_set                   ? 
# 
_refine_hist.pdbx_refine_id                   'X-RAY DIFFRACTION' 
_refine_hist.cycle_id                         LAST 
_refine_hist.pdbx_number_atoms_protein        811 
_refine_hist.pdbx_number_atoms_nucleic_acid   0 
_refine_hist.pdbx_number_atoms_ligand         5 
_refine_hist.number_atoms_solvent             25 
_refine_hist.number_atoms_total               841 
_refine_hist.d_res_high                       1.88 
_refine_hist.d_res_low                        19.63 
# 
loop_
_refine_ls_restr.type 
_refine_ls_restr.dev_ideal 
_refine_ls_restr.dev_ideal_target 
_refine_ls_restr.weight 
_refine_ls_restr.number 
_refine_ls_restr.pdbx_refine_id 
_refine_ls_restr.pdbx_restraint_function 
r_bond_refined_d             0.006  0.019  ? 844  'X-RAY DIFFRACTION' ? 
r_bond_other_d               0.001  0.020  ? 569  'X-RAY DIFFRACTION' ? 
r_angle_refined_deg          1.014  2.028  ? 1137 'X-RAY DIFFRACTION' ? 
r_angle_other_deg            0.852  3.000  ? 1416 'X-RAY DIFFRACTION' ? 
r_dihedral_angle_1_deg       4.423  5.000  ? 107  'X-RAY DIFFRACTION' ? 
r_dihedral_angle_2_deg       39.698 26.471 ? 34   'X-RAY DIFFRACTION' ? 
r_dihedral_angle_3_deg       13.865 15.000 ? 155  'X-RAY DIFFRACTION' ? 
r_dihedral_angle_4_deg       21.649 15.000 ? 3    'X-RAY DIFFRACTION' ? 
r_chiral_restr               0.061  0.200  ? 136  'X-RAY DIFFRACTION' ? 
r_gen_planes_refined         0.003  0.020  ? 911  'X-RAY DIFFRACTION' ? 
r_gen_planes_other           0.001  0.020  ? 140  'X-RAY DIFFRACTION' ? 
r_nbd_refined                ?      ?      ? ?    'X-RAY DIFFRACTION' ? 
r_nbd_other                  ?      ?      ? ?    'X-RAY DIFFRACTION' ? 
r_nbtor_refined              ?      ?      ? ?    'X-RAY DIFFRACTION' ? 
r_nbtor_other                ?      ?      ? ?    'X-RAY DIFFRACTION' ? 
r_xyhbond_nbd_refined        ?      ?      ? ?    'X-RAY DIFFRACTION' ? 
r_xyhbond_nbd_other          ?      ?      ? ?    'X-RAY DIFFRACTION' ? 
r_metal_ion_refined          ?      ?      ? ?    'X-RAY DIFFRACTION' ? 
r_metal_ion_other            ?      ?      ? ?    'X-RAY DIFFRACTION' ? 
r_symmetry_vdw_refined       ?      ?      ? ?    'X-RAY DIFFRACTION' ? 
r_symmetry_vdw_other         ?      ?      ? ?    'X-RAY DIFFRACTION' ? 
r_symmetry_hbond_refined     ?      ?      ? ?    'X-RAY DIFFRACTION' ? 
r_symmetry_hbond_other       ?      ?      ? ?    'X-RAY DIFFRACTION' ? 
r_symmetry_metal_ion_refined ?      ?      ? ?    'X-RAY DIFFRACTION' ? 
r_symmetry_metal_ion_other   ?      ?      ? ?    'X-RAY DIFFRACTION' ? 
r_mcbond_it                  .468   1.500  ? 535  'X-RAY DIFFRACTION' ? 
r_mcbond_other               .079   1.500  ? 216  'X-RAY DIFFRACTION' ? 
r_mcangle_it                 .907   2.000  ? 870  'X-RAY DIFFRACTION' ? 
r_scbond_it                  1.532  3.000  ? 318  'X-RAY DIFFRACTION' ? 
r_scangle_it                 2.431  4.500  ? 280  'X-RAY DIFFRACTION' ? 
r_rigid_bond_restr           ?      ?      ? ?    'X-RAY DIFFRACTION' ? 
r_sphericity_free            ?      ?      ? ?    'X-RAY DIFFRACTION' ? 
r_sphericity_bonded          ?      ?      ? ?    'X-RAY DIFFRACTION' ? 
# 
_refine_ls_shell.pdbx_refine_id                   'X-RAY DIFFRACTION' 
_refine_ls_shell.pdbx_total_number_of_bins_used   20 
_refine_ls_shell.d_res_high                       1.878 
_refine_ls_shell.d_res_low                        1.927 
_refine_ls_shell.number_reflns_R_work             638 
_refine_ls_shell.R_factor_R_work                  0.317 
_refine_ls_shell.percent_reflns_obs               95.74 
_refine_ls_shell.R_factor_R_free                  0.328 
_refine_ls_shell.R_factor_R_free_error            ? 
_refine_ls_shell.percent_reflns_R_free            ? 
_refine_ls_shell.number_reflns_R_free             37 
_refine_ls_shell.number_reflns_all                ? 
_refine_ls_shell.R_factor_all                     ? 
_refine_ls_shell.redundancy_reflns_obs            ? 
_refine_ls_shell.number_reflns_obs                ? 
# 
_struct.entry_id                  4HHX 
_struct.title                     'Structure of cytoplasmic domain of TCPE from Vibrio cholerae' 
_struct.pdbx_model_details        ? 
_struct.pdbx_CASP_flag            ? 
_struct.pdbx_model_type_details   ? 
# 
_struct_keywords.entry_id        4HHX 
_struct_keywords.pdbx_keywords   'MEMBRANE PROTEIN' 
_struct_keywords.text            
;Type IV pilus assembly protein, integral inner membrane protein, GspF superfamily, Polytopic membrane protein, Inner membrane platform, N-terminal cytoplasmic domain, MEMBRANE PROTEIN
;
# 
loop_
_struct_asym.id 
_struct_asym.pdbx_blank_PDB_chainid_flag 
_struct_asym.pdbx_modified 
_struct_asym.entity_id 
_struct_asym.details 
A N N 1 ? 
B N N 2 ? 
C N N 3 ? 
# 
_struct_ref.id                         1 
_struct_ref.db_name                    UNP 
_struct_ref.db_code                    TCPE_VIBCH 
_struct_ref.pdbx_db_accession          P0C6C9 
_struct_ref.entity_id                  1 
_struct_ref.pdbx_seq_one_letter_code   
;MKIISKKYRLELYSMLVDLLNDNIPLYDALNKIQNEGVGIYDKNFIKSIELIKDRMKSNSSLTDALTGLIPDKEVLMINV
AENSGKISSGIAAIRKNIIDADEIKSKAISSMITPS
;
_struct_ref.pdbx_align_begin           1 
_struct_ref.pdbx_db_isoform            ? 
# 
_struct_ref_seq.align_id                      1 
_struct_ref_seq.ref_id                        1 
_struct_ref_seq.pdbx_PDB_id_code              4HHX 
_struct_ref_seq.pdbx_strand_id                A 
_struct_ref_seq.seq_align_beg                 5 
_struct_ref_seq.pdbx_seq_align_beg_ins_code   ? 
_struct_ref_seq.seq_align_end                 120 
_struct_ref_seq.pdbx_seq_align_end_ins_code   ? 
_struct_ref_seq.pdbx_db_accession             P0C6C9 
_struct_ref_seq.db_align_beg                  1 
_struct_ref_seq.pdbx_db_align_beg_ins_code    ? 
_struct_ref_seq.db_align_end                  116 
_struct_ref_seq.pdbx_db_align_end_ins_code    ? 
_struct_ref_seq.pdbx_auth_seq_align_beg       1 
_struct_ref_seq.pdbx_auth_seq_align_end       116 
# 
loop_
_struct_ref_seq_dif.align_id 
_struct_ref_seq_dif.pdbx_pdb_id_code 
_struct_ref_seq_dif.mon_id 
_struct_ref_seq_dif.pdbx_pdb_strand_id 
_struct_ref_seq_dif.seq_num 
_struct_ref_seq_dif.pdbx_pdb_ins_code 
_struct_ref_seq_dif.pdbx_seq_db_name 
_struct_ref_seq_dif.pdbx_seq_db_accession_code 
_struct_ref_seq_dif.db_mon_id 
_struct_ref_seq_dif.pdbx_seq_db_seq_num 
_struct_ref_seq_dif.details 
_struct_ref_seq_dif.pdbx_auth_seq_num 
_struct_ref_seq_dif.pdbx_ordinal 
1 4HHX GLY A 1 ? UNP P0C6C9 ? ? 'expression tag' -3 1 
1 4HHX SER A 2 ? UNP P0C6C9 ? ? 'expression tag' -2 2 
1 4HHX HIS A 3 ? UNP P0C6C9 ? ? 'expression tag' -1 3 
1 4HHX MSE A 4 ? UNP P0C6C9 ? ? 'expression tag' 0  4 
# 
_pdbx_struct_assembly.id                   1 
_pdbx_struct_assembly.details              author_and_software_defined_assembly 
_pdbx_struct_assembly.method_details       PISA 
_pdbx_struct_assembly.oligomeric_details   monomeric 
_pdbx_struct_assembly.oligomeric_count     1 
# 
_pdbx_struct_assembly_gen.assembly_id       1 
_pdbx_struct_assembly_gen.oper_expression   1 
_pdbx_struct_assembly_gen.asym_id_list      A,B,C 
# 
_pdbx_struct_oper_list.id                   1 
_pdbx_struct_oper_list.type                 'identity operation' 
_pdbx_struct_oper_list.name                 1_555 
_pdbx_struct_oper_list.symmetry_operation   x,y,z 
_pdbx_struct_oper_list.matrix[1][1]         1.0000000000 
_pdbx_struct_oper_list.matrix[1][2]         0.0000000000 
_pdbx_struct_oper_list.matrix[1][3]         0.0000000000 
_pdbx_struct_oper_list.vector[1]            0.0000000000 
_pdbx_struct_oper_list.matrix[2][1]         0.0000000000 
_pdbx_struct_oper_list.matrix[2][2]         1.0000000000 
_pdbx_struct_oper_list.matrix[2][3]         0.0000000000 
_pdbx_struct_oper_list.vector[2]            0.0000000000 
_pdbx_struct_oper_list.matrix[3][1]         0.0000000000 
_pdbx_struct_oper_list.matrix[3][2]         0.0000000000 
_pdbx_struct_oper_list.matrix[3][3]         1.0000000000 
_pdbx_struct_oper_list.vector[3]            0.0000000000 
# 
_struct_biol.id        1 
_struct_biol.details   monomer 
# 
loop_
_struct_conf.conf_type_id 
_struct_conf.id 
_struct_conf.pdbx_PDB_helix_id 
_struct_conf.beg_label_comp_id 
_struct_conf.beg_label_asym_id 
_struct_conf.beg_label_seq_id 
_struct_conf.pdbx_beg_PDB_ins_code 
_struct_conf.end_label_comp_id 
_struct_conf.end_label_asym_id 
_struct_conf.end_label_seq_id 
_struct_conf.pdbx_end_PDB_ins_code 
_struct_conf.beg_auth_comp_id 
_struct_conf.beg_auth_asym_id 
_struct_conf.beg_auth_seq_id 
_struct_conf.end_auth_comp_id 
_struct_conf.end_auth_asym_id 
_struct_conf.end_auth_seq_id 
_struct_conf.pdbx_PDB_helix_class 
_struct_conf.details 
_struct_conf.pdbx_PDB_helix_length 
HELX_P HELX_P1 1 SER A 9  ? ASN A 25  ? SER A 5  ASN A 21  1 ? 17 
HELX_P HELX_P2 2 PRO A 29 ? VAL A 42  ? PRO A 25 VAL A 38  1 ? 14 
HELX_P HELX_P3 3 ASP A 46 ? ASN A 63  ? ASP A 42 ASN A 59  1 ? 18 
HELX_P HELX_P4 4 SER A 65 ? THR A 71  ? SER A 61 THR A 67  1 ? 7  
HELX_P HELX_P5 5 PRO A 75 ? GLY A 89  ? PRO A 71 GLY A 85  1 ? 15 
HELX_P HELX_P6 6 LYS A 90 ? ASP A 106 ? LYS A 86 ASP A 102 1 ? 17 
# 
_struct_conf_type.id          HELX_P 
_struct_conf_type.criteria    ? 
_struct_conf_type.reference   ? 
# 
loop_
_struct_conn.id 
_struct_conn.conn_type_id 
_struct_conn.pdbx_leaving_atom_flag 
_struct_conn.pdbx_PDB_id 
_struct_conn.ptnr1_label_asym_id 
_struct_conn.ptnr1_label_comp_id 
_struct_conn.ptnr1_label_seq_id 
_struct_conn.ptnr1_label_atom_id 
_struct_conn.pdbx_ptnr1_label_alt_id 
_struct_conn.pdbx_ptnr1_PDB_ins_code 
_struct_conn.pdbx_ptnr1_standard_comp_id 
_struct_conn.ptnr1_symmetry 
_struct_conn.ptnr2_label_asym_id 
_struct_conn.ptnr2_label_comp_id 
_struct_conn.ptnr2_label_seq_id 
_struct_conn.ptnr2_label_atom_id 
_struct_conn.pdbx_ptnr2_label_alt_id 
_struct_conn.pdbx_ptnr2_PDB_ins_code 
_struct_conn.ptnr1_auth_asym_id 
_struct_conn.ptnr1_auth_comp_id 
_struct_conn.ptnr1_auth_seq_id 
_struct_conn.ptnr2_auth_asym_id 
_struct_conn.ptnr2_auth_comp_id 
_struct_conn.ptnr2_auth_seq_id 
_struct_conn.ptnr2_symmetry 
_struct_conn.pdbx_ptnr3_label_atom_id 
_struct_conn.pdbx_ptnr3_label_seq_id 
_struct_conn.pdbx_ptnr3_label_comp_id 
_struct_conn.pdbx_ptnr3_label_asym_id 
_struct_conn.pdbx_ptnr3_label_alt_id 
_struct_conn.pdbx_ptnr3_PDB_ins_code 
_struct_conn.details 
_struct_conn.pdbx_dist_value 
_struct_conn.pdbx_value_order 
_struct_conn.pdbx_role 
covale1  covale both ? A HIS 3  C ? ? ? 1_555 A MSE 4  N ? ? A HIS -1 A MSE 0  1_555 ? ? ? ? ? ? ? 1.334 ? ? 
covale2  covale both ? A MSE 4  C ? ? ? 1_555 A MSE 5  N ? ? A MSE 0  A MSE 1  1_555 ? ? ? ? ? ? ? 1.327 ? ? 
covale3  covale both ? A MSE 5  C ? ? ? 1_555 A LYS 6  N ? ? A MSE 1  A LYS 2  1_555 ? ? ? ? ? ? ? 1.334 ? ? 
covale4  covale both ? A SER 18 C ? ? ? 1_555 A MSE 19 N A ? A SER 14 A MSE 15 1_555 ? ? ? ? ? ? ? 1.328 ? ? 
covale5  covale both ? A SER 18 C ? ? ? 1_555 A MSE 19 N B ? A SER 14 A MSE 15 1_555 ? ? ? ? ? ? ? 1.330 ? ? 
covale6  covale both ? A MSE 19 C A ? ? 1_555 A LEU 20 N ? ? A MSE 15 A LEU 16 1_555 ? ? ? ? ? ? ? 1.330 ? ? 
covale7  covale both ? A MSE 19 C B ? ? 1_555 A LEU 20 N ? ? A MSE 15 A LEU 16 1_555 ? ? ? ? ? ? ? 1.332 ? ? 
covale8  covale both ? A ARG 59 C ? ? ? 1_555 A MSE 60 N ? ? A ARG 55 A MSE 56 1_555 ? ? ? ? ? ? ? 1.331 ? ? 
covale9  covale both ? A MSE 60 C ? ? ? 1_555 A LYS 61 N ? ? A MSE 56 A LYS 57 1_555 ? ? ? ? ? ? ? 1.332 ? ? 
covale10 covale both ? A LEU 80 C ? ? ? 1_555 A MSE 81 N ? ? A LEU 76 A MSE 77 1_555 ? ? ? ? ? ? ? 1.331 ? ? 
covale11 covale both ? A MSE 81 C ? ? ? 1_555 A ILE 82 N ? ? A MSE 77 A ILE 78 1_555 ? ? ? ? ? ? ? 1.329 ? ? 
# 
_struct_conn_type.id          covale 
_struct_conn_type.criteria    ? 
_struct_conn_type.reference   ? 
# 
loop_
_pdbx_modification_feature.ordinal 
_pdbx_modification_feature.label_comp_id 
_pdbx_modification_feature.label_asym_id 
_pdbx_modification_feature.label_seq_id 
_pdbx_modification_feature.label_alt_id 
_pdbx_modification_feature.modified_residue_label_comp_id 
_pdbx_modification_feature.modified_residue_label_asym_id 
_pdbx_modification_feature.modified_residue_label_seq_id 
_pdbx_modification_feature.modified_residue_label_alt_id 
_pdbx_modification_feature.auth_comp_id 
_pdbx_modification_feature.auth_asym_id 
_pdbx_modification_feature.auth_seq_id 
_pdbx_modification_feature.PDB_ins_code 
_pdbx_modification_feature.symmetry 
_pdbx_modification_feature.modified_residue_auth_comp_id 
_pdbx_modification_feature.modified_residue_auth_asym_id 
_pdbx_modification_feature.modified_residue_auth_seq_id 
_pdbx_modification_feature.modified_residue_PDB_ins_code 
_pdbx_modification_feature.modified_residue_symmetry 
_pdbx_modification_feature.comp_id_linking_atom 
_pdbx_modification_feature.modified_residue_id_linking_atom 
_pdbx_modification_feature.modified_residue_id 
_pdbx_modification_feature.ref_pcm_id 
_pdbx_modification_feature.ref_comp_id 
_pdbx_modification_feature.type 
_pdbx_modification_feature.category 
1 MSE A 4  ? . . . . MSE A 0  ? 1_555 . . . . . . . MET 1 MSE Selenomethionine 'Named protein modification' 
2 MSE A 5  ? . . . . MSE A 1  ? 1_555 . . . . . . . MET 1 MSE Selenomethionine 'Named protein modification' 
3 MSE A 19 A . . . . MSE A 15 ? 1_555 . . . . . . . MET 1 MSE Selenomethionine 'Named protein modification' 
4 MSE A 19 B . . . . MSE A 15 ? 1_555 . . . . . . . MET 1 MSE Selenomethionine 'Named protein modification' 
5 MSE A 60 ? . . . . MSE A 56 ? 1_555 . . . . . . . MET 1 MSE Selenomethionine 'Named protein modification' 
6 MSE A 81 ? . . . . MSE A 77 ? 1_555 . . . . . . . MET 1 MSE Selenomethionine 'Named protein modification' 
# 
_struct_mon_prot_cis.pdbx_id                1 
_struct_mon_prot_cis.label_comp_id          VAL 
_struct_mon_prot_cis.label_seq_id           42 
_struct_mon_prot_cis.label_asym_id          A 
_struct_mon_prot_cis.label_alt_id           . 
_struct_mon_prot_cis.pdbx_PDB_ins_code      ? 
_struct_mon_prot_cis.auth_comp_id           VAL 
_struct_mon_prot_cis.auth_seq_id            38 
_struct_mon_prot_cis.auth_asym_id           A 
_struct_mon_prot_cis.pdbx_label_comp_id_2   GLY 
_struct_mon_prot_cis.pdbx_label_seq_id_2    43 
_struct_mon_prot_cis.pdbx_label_asym_id_2   A 
_struct_mon_prot_cis.pdbx_PDB_ins_code_2    ? 
_struct_mon_prot_cis.pdbx_auth_comp_id_2    GLY 
_struct_mon_prot_cis.pdbx_auth_seq_id_2     39 
_struct_mon_prot_cis.pdbx_auth_asym_id_2    A 
_struct_mon_prot_cis.pdbx_PDB_model_num     1 
_struct_mon_prot_cis.pdbx_omega_angle       0.11 
# 
_struct_site.id                   AC1 
_struct_site.pdbx_evidence_code   Software 
_struct_site.pdbx_auth_asym_id    A 
_struct_site.pdbx_auth_comp_id    SO4 
_struct_site.pdbx_auth_seq_id     201 
_struct_site.pdbx_auth_ins_code   ? 
_struct_site.pdbx_num_residues    4 
_struct_site.details              'BINDING SITE FOR RESIDUE SO4 A 201' 
# 
loop_
_struct_site_gen.id 
_struct_site_gen.site_id 
_struct_site_gen.pdbx_num_res 
_struct_site_gen.label_comp_id 
_struct_site_gen.label_asym_id 
_struct_site_gen.label_seq_id 
_struct_site_gen.pdbx_auth_ins_code 
_struct_site_gen.auth_comp_id 
_struct_site_gen.auth_asym_id 
_struct_site_gen.auth_seq_id 
_struct_site_gen.label_atom_id 
_struct_site_gen.label_alt_id 
_struct_site_gen.symmetry 
_struct_site_gen.details 
1 AC1 4 LYS A 90 ? LYS A 86  . ? 1_555 ? 
2 AC1 4 SER A 92 ? SER A 88  . ? 1_555 ? 
3 AC1 4 SER A 93 ? SER A 89  . ? 1_555 ? 
4 AC1 4 HOH C .  ? HOH A 321 . ? 1_555 ? 
# 
_pdbx_entry_details.entry_id                   4HHX 
_pdbx_entry_details.compound_details           ? 
_pdbx_entry_details.source_details             ? 
_pdbx_entry_details.nonpolymer_details         ? 
_pdbx_entry_details.sequence_details           ? 
_pdbx_entry_details.has_ligand_of_interest     ? 
_pdbx_entry_details.has_protein_modification   Y 
# 
loop_
_pdbx_struct_mod_residue.id 
_pdbx_struct_mod_residue.label_asym_id 
_pdbx_struct_mod_residue.label_comp_id 
_pdbx_struct_mod_residue.label_seq_id 
_pdbx_struct_mod_residue.auth_asym_id 
_pdbx_struct_mod_residue.auth_comp_id 
_pdbx_struct_mod_residue.auth_seq_id 
_pdbx_struct_mod_residue.PDB_ins_code 
_pdbx_struct_mod_residue.parent_comp_id 
_pdbx_struct_mod_residue.details 
1 A MSE 4  A MSE 0  ? MET SELENOMETHIONINE 
2 A MSE 5  A MSE 1  ? MET SELENOMETHIONINE 
3 A MSE 19 A MSE 15 ? MET SELENOMETHIONINE 
4 A MSE 60 A MSE 56 ? MET SELENOMETHIONINE 
5 A MSE 81 A MSE 77 ? MET SELENOMETHIONINE 
# 
_pdbx_refine_tls.pdbx_refine_id   'X-RAY DIFFRACTION' 
_pdbx_refine_tls.id               1 
_pdbx_refine_tls.details          ? 
_pdbx_refine_tls.method           refined 
_pdbx_refine_tls.origin_x         -0.2274 
_pdbx_refine_tls.origin_y         -0.4550 
_pdbx_refine_tls.origin_z         0.1706 
_pdbx_refine_tls.T[1][1]          0.0505 
_pdbx_refine_tls.T[2][2]          0.0788 
_pdbx_refine_tls.T[3][3]          0.0557 
_pdbx_refine_tls.T[1][2]          0.0093 
_pdbx_refine_tls.T[1][3]          -0.0075 
_pdbx_refine_tls.T[2][3]          -0.0129 
_pdbx_refine_tls.L[1][1]          4.3513 
_pdbx_refine_tls.L[2][2]          3.4193 
_pdbx_refine_tls.L[3][3]          2.7669 
_pdbx_refine_tls.L[1][2]          0.2478 
_pdbx_refine_tls.L[1][3]          -0.3275 
_pdbx_refine_tls.L[2][3]          0.7934 
_pdbx_refine_tls.S[1][1]          -0.0004 
_pdbx_refine_tls.S[1][2]          0.1333 
_pdbx_refine_tls.S[1][3]          -0.3173 
_pdbx_refine_tls.S[2][1]          0.0226 
_pdbx_refine_tls.S[2][2]          -0.0615 
_pdbx_refine_tls.S[2][3]          0.2131 
_pdbx_refine_tls.S[3][1]          0.1955 
_pdbx_refine_tls.S[3][2]          -0.3436 
_pdbx_refine_tls.S[3][3]          0.0620 
# 
_pdbx_refine_tls_group.pdbx_refine_id      'X-RAY DIFFRACTION' 
_pdbx_refine_tls_group.id                  1 
_pdbx_refine_tls_group.refine_tls_id       1 
_pdbx_refine_tls_group.beg_auth_asym_id    A 
_pdbx_refine_tls_group.beg_auth_seq_id     -1 
_pdbx_refine_tls_group.beg_label_asym_id   ? 
_pdbx_refine_tls_group.beg_label_seq_id    ? 
_pdbx_refine_tls_group.end_auth_asym_id    A 
_pdbx_refine_tls_group.end_auth_seq_id     102 
_pdbx_refine_tls_group.end_label_asym_id   ? 
_pdbx_refine_tls_group.end_label_seq_id    ? 
_pdbx_refine_tls_group.selection           ? 
_pdbx_refine_tls_group.selection_details   ? 
# 
loop_
_pdbx_unobs_or_zero_occ_residues.id 
_pdbx_unobs_or_zero_occ_residues.PDB_model_num 
_pdbx_unobs_or_zero_occ_residues.polymer_flag 
_pdbx_unobs_or_zero_occ_residues.occupancy_flag 
_pdbx_unobs_or_zero_occ_residues.auth_asym_id 
_pdbx_unobs_or_zero_occ_residues.auth_comp_id 
_pdbx_unobs_or_zero_occ_residues.auth_seq_id 
_pdbx_unobs_or_zero_occ_residues.PDB_ins_code 
_pdbx_unobs_or_zero_occ_residues.label_asym_id 
_pdbx_unobs_or_zero_occ_residues.label_comp_id 
_pdbx_unobs_or_zero_occ_residues.label_seq_id 
1  1 Y 1 A GLY -3  ? A GLY 1   
2  1 Y 1 A SER -2  ? A SER 2   
3  1 Y 1 A GLU 103 ? A GLU 107 
4  1 Y 1 A ILE 104 ? A ILE 108 
5  1 Y 1 A LYS 105 ? A LYS 109 
6  1 Y 1 A SER 106 ? A SER 110 
7  1 Y 1 A LYS 107 ? A LYS 111 
8  1 Y 1 A ALA 108 ? A ALA 112 
9  1 Y 1 A ILE 109 ? A ILE 113 
10 1 Y 1 A SER 110 ? A SER 114 
11 1 Y 1 A SER 111 ? A SER 115 
12 1 Y 1 A MSE 112 ? A MSE 116 
13 1 Y 1 A ILE 113 ? A ILE 117 
14 1 Y 1 A THR 114 ? A THR 118 
15 1 Y 1 A PRO 115 ? A PRO 119 
16 1 Y 1 A SER 116 ? A SER 120 
# 
loop_
_chem_comp_atom.comp_id 
_chem_comp_atom.atom_id 
_chem_comp_atom.type_symbol 
_chem_comp_atom.pdbx_aromatic_flag 
_chem_comp_atom.pdbx_stereo_config 
_chem_comp_atom.pdbx_ordinal 
ALA N    N  N N 1   
ALA CA   C  N S 2   
ALA C    C  N N 3   
ALA O    O  N N 4   
ALA CB   C  N N 5   
ALA OXT  O  N N 6   
ALA H    H  N N 7   
ALA H2   H  N N 8   
ALA HA   H  N N 9   
ALA HB1  H  N N 10  
ALA HB2  H  N N 11  
ALA HB3  H  N N 12  
ALA HXT  H  N N 13  
ARG N    N  N N 14  
ARG CA   C  N S 15  
ARG C    C  N N 16  
ARG O    O  N N 17  
ARG CB   C  N N 18  
ARG CG   C  N N 19  
ARG CD   C  N N 20  
ARG NE   N  N N 21  
ARG CZ   C  N N 22  
ARG NH1  N  N N 23  
ARG NH2  N  N N 24  
ARG OXT  O  N N 25  
ARG H    H  N N 26  
ARG H2   H  N N 27  
ARG HA   H  N N 28  
ARG HB2  H  N N 29  
ARG HB3  H  N N 30  
ARG HG2  H  N N 31  
ARG HG3  H  N N 32  
ARG HD2  H  N N 33  
ARG HD3  H  N N 34  
ARG HE   H  N N 35  
ARG HH11 H  N N 36  
ARG HH12 H  N N 37  
ARG HH21 H  N N 38  
ARG HH22 H  N N 39  
ARG HXT  H  N N 40  
ASN N    N  N N 41  
ASN CA   C  N S 42  
ASN C    C  N N 43  
ASN O    O  N N 44  
ASN CB   C  N N 45  
ASN CG   C  N N 46  
ASN OD1  O  N N 47  
ASN ND2  N  N N 48  
ASN OXT  O  N N 49  
ASN H    H  N N 50  
ASN H2   H  N N 51  
ASN HA   H  N N 52  
ASN HB2  H  N N 53  
ASN HB3  H  N N 54  
ASN HD21 H  N N 55  
ASN HD22 H  N N 56  
ASN HXT  H  N N 57  
ASP N    N  N N 58  
ASP CA   C  N S 59  
ASP C    C  N N 60  
ASP O    O  N N 61  
ASP CB   C  N N 62  
ASP CG   C  N N 63  
ASP OD1  O  N N 64  
ASP OD2  O  N N 65  
ASP OXT  O  N N 66  
ASP H    H  N N 67  
ASP H2   H  N N 68  
ASP HA   H  N N 69  
ASP HB2  H  N N 70  
ASP HB3  H  N N 71  
ASP HD2  H  N N 72  
ASP HXT  H  N N 73  
GLN N    N  N N 74  
GLN CA   C  N S 75  
GLN C    C  N N 76  
GLN O    O  N N 77  
GLN CB   C  N N 78  
GLN CG   C  N N 79  
GLN CD   C  N N 80  
GLN OE1  O  N N 81  
GLN NE2  N  N N 82  
GLN OXT  O  N N 83  
GLN H    H  N N 84  
GLN H2   H  N N 85  
GLN HA   H  N N 86  
GLN HB2  H  N N 87  
GLN HB3  H  N N 88  
GLN HG2  H  N N 89  
GLN HG3  H  N N 90  
GLN HE21 H  N N 91  
GLN HE22 H  N N 92  
GLN HXT  H  N N 93  
GLU N    N  N N 94  
GLU CA   C  N S 95  
GLU C    C  N N 96  
GLU O    O  N N 97  
GLU CB   C  N N 98  
GLU CG   C  N N 99  
GLU CD   C  N N 100 
GLU OE1  O  N N 101 
GLU OE2  O  N N 102 
GLU OXT  O  N N 103 
GLU H    H  N N 104 
GLU H2   H  N N 105 
GLU HA   H  N N 106 
GLU HB2  H  N N 107 
GLU HB3  H  N N 108 
GLU HG2  H  N N 109 
GLU HG3  H  N N 110 
GLU HE2  H  N N 111 
GLU HXT  H  N N 112 
GLY N    N  N N 113 
GLY CA   C  N N 114 
GLY C    C  N N 115 
GLY O    O  N N 116 
GLY OXT  O  N N 117 
GLY H    H  N N 118 
GLY H2   H  N N 119 
GLY HA2  H  N N 120 
GLY HA3  H  N N 121 
GLY HXT  H  N N 122 
HIS N    N  N N 123 
HIS CA   C  N S 124 
HIS C    C  N N 125 
HIS O    O  N N 126 
HIS CB   C  N N 127 
HIS CG   C  Y N 128 
HIS ND1  N  Y N 129 
HIS CD2  C  Y N 130 
HIS CE1  C  Y N 131 
HIS NE2  N  Y N 132 
HIS OXT  O  N N 133 
HIS H    H  N N 134 
HIS H2   H  N N 135 
HIS HA   H  N N 136 
HIS HB2  H  N N 137 
HIS HB3  H  N N 138 
HIS HD1  H  N N 139 
HIS HD2  H  N N 140 
HIS HE1  H  N N 141 
HIS HE2  H  N N 142 
HIS HXT  H  N N 143 
HOH O    O  N N 144 
HOH H1   H  N N 145 
HOH H2   H  N N 146 
ILE N    N  N N 147 
ILE CA   C  N S 148 
ILE C    C  N N 149 
ILE O    O  N N 150 
ILE CB   C  N S 151 
ILE CG1  C  N N 152 
ILE CG2  C  N N 153 
ILE CD1  C  N N 154 
ILE OXT  O  N N 155 
ILE H    H  N N 156 
ILE H2   H  N N 157 
ILE HA   H  N N 158 
ILE HB   H  N N 159 
ILE HG12 H  N N 160 
ILE HG13 H  N N 161 
ILE HG21 H  N N 162 
ILE HG22 H  N N 163 
ILE HG23 H  N N 164 
ILE HD11 H  N N 165 
ILE HD12 H  N N 166 
ILE HD13 H  N N 167 
ILE HXT  H  N N 168 
LEU N    N  N N 169 
LEU CA   C  N S 170 
LEU C    C  N N 171 
LEU O    O  N N 172 
LEU CB   C  N N 173 
LEU CG   C  N N 174 
LEU CD1  C  N N 175 
LEU CD2  C  N N 176 
LEU OXT  O  N N 177 
LEU H    H  N N 178 
LEU H2   H  N N 179 
LEU HA   H  N N 180 
LEU HB2  H  N N 181 
LEU HB3  H  N N 182 
LEU HG   H  N N 183 
LEU HD11 H  N N 184 
LEU HD12 H  N N 185 
LEU HD13 H  N N 186 
LEU HD21 H  N N 187 
LEU HD22 H  N N 188 
LEU HD23 H  N N 189 
LEU HXT  H  N N 190 
LYS N    N  N N 191 
LYS CA   C  N S 192 
LYS C    C  N N 193 
LYS O    O  N N 194 
LYS CB   C  N N 195 
LYS CG   C  N N 196 
LYS CD   C  N N 197 
LYS CE   C  N N 198 
LYS NZ   N  N N 199 
LYS OXT  O  N N 200 
LYS H    H  N N 201 
LYS H2   H  N N 202 
LYS HA   H  N N 203 
LYS HB2  H  N N 204 
LYS HB3  H  N N 205 
LYS HG2  H  N N 206 
LYS HG3  H  N N 207 
LYS HD2  H  N N 208 
LYS HD3  H  N N 209 
LYS HE2  H  N N 210 
LYS HE3  H  N N 211 
LYS HZ1  H  N N 212 
LYS HZ2  H  N N 213 
LYS HZ3  H  N N 214 
LYS HXT  H  N N 215 
MSE N    N  N N 216 
MSE CA   C  N S 217 
MSE C    C  N N 218 
MSE O    O  N N 219 
MSE OXT  O  N N 220 
MSE CB   C  N N 221 
MSE CG   C  N N 222 
MSE SE   SE N N 223 
MSE CE   C  N N 224 
MSE H    H  N N 225 
MSE H2   H  N N 226 
MSE HA   H  N N 227 
MSE HXT  H  N N 228 
MSE HB2  H  N N 229 
MSE HB3  H  N N 230 
MSE HG2  H  N N 231 
MSE HG3  H  N N 232 
MSE HE1  H  N N 233 
MSE HE2  H  N N 234 
MSE HE3  H  N N 235 
PHE N    N  N N 236 
PHE CA   C  N S 237 
PHE C    C  N N 238 
PHE O    O  N N 239 
PHE CB   C  N N 240 
PHE CG   C  Y N 241 
PHE CD1  C  Y N 242 
PHE CD2  C  Y N 243 
PHE CE1  C  Y N 244 
PHE CE2  C  Y N 245 
PHE CZ   C  Y N 246 
PHE OXT  O  N N 247 
PHE H    H  N N 248 
PHE H2   H  N N 249 
PHE HA   H  N N 250 
PHE HB2  H  N N 251 
PHE HB3  H  N N 252 
PHE HD1  H  N N 253 
PHE HD2  H  N N 254 
PHE HE1  H  N N 255 
PHE HE2  H  N N 256 
PHE HZ   H  N N 257 
PHE HXT  H  N N 258 
PRO N    N  N N 259 
PRO CA   C  N S 260 
PRO C    C  N N 261 
PRO O    O  N N 262 
PRO CB   C  N N 263 
PRO CG   C  N N 264 
PRO CD   C  N N 265 
PRO OXT  O  N N 266 
PRO H    H  N N 267 
PRO HA   H  N N 268 
PRO HB2  H  N N 269 
PRO HB3  H  N N 270 
PRO HG2  H  N N 271 
PRO HG3  H  N N 272 
PRO HD2  H  N N 273 
PRO HD3  H  N N 274 
PRO HXT  H  N N 275 
SER N    N  N N 276 
SER CA   C  N S 277 
SER C    C  N N 278 
SER O    O  N N 279 
SER CB   C  N N 280 
SER OG   O  N N 281 
SER OXT  O  N N 282 
SER H    H  N N 283 
SER H2   H  N N 284 
SER HA   H  N N 285 
SER HB2  H  N N 286 
SER HB3  H  N N 287 
SER HG   H  N N 288 
SER HXT  H  N N 289 
SO4 S    S  N N 290 
SO4 O1   O  N N 291 
SO4 O2   O  N N 292 
SO4 O3   O  N N 293 
SO4 O4   O  N N 294 
THR N    N  N N 295 
THR CA   C  N S 296 
THR C    C  N N 297 
THR O    O  N N 298 
THR CB   C  N R 299 
THR OG1  O  N N 300 
THR CG2  C  N N 301 
THR OXT  O  N N 302 
THR H    H  N N 303 
THR H2   H  N N 304 
THR HA   H  N N 305 
THR HB   H  N N 306 
THR HG1  H  N N 307 
THR HG21 H  N N 308 
THR HG22 H  N N 309 
THR HG23 H  N N 310 
THR HXT  H  N N 311 
TYR N    N  N N 312 
TYR CA   C  N S 313 
TYR C    C  N N 314 
TYR O    O  N N 315 
TYR CB   C  N N 316 
TYR CG   C  Y N 317 
TYR CD1  C  Y N 318 
TYR CD2  C  Y N 319 
TYR CE1  C  Y N 320 
TYR CE2  C  Y N 321 
TYR CZ   C  Y N 322 
TYR OH   O  N N 323 
TYR OXT  O  N N 324 
TYR H    H  N N 325 
TYR H2   H  N N 326 
TYR HA   H  N N 327 
TYR HB2  H  N N 328 
TYR HB3  H  N N 329 
TYR HD1  H  N N 330 
TYR HD2  H  N N 331 
TYR HE1  H  N N 332 
TYR HE2  H  N N 333 
TYR HH   H  N N 334 
TYR HXT  H  N N 335 
VAL N    N  N N 336 
VAL CA   C  N S 337 
VAL C    C  N N 338 
VAL O    O  N N 339 
VAL CB   C  N N 340 
VAL CG1  C  N N 341 
VAL CG2  C  N N 342 
VAL OXT  O  N N 343 
VAL H    H  N N 344 
VAL H2   H  N N 345 
VAL HA   H  N N 346 
VAL HB   H  N N 347 
VAL HG11 H  N N 348 
VAL HG12 H  N N 349 
VAL HG13 H  N N 350 
VAL HG21 H  N N 351 
VAL HG22 H  N N 352 
VAL HG23 H  N N 353 
VAL HXT  H  N N 354 
# 
loop_
_chem_comp_bond.comp_id 
_chem_comp_bond.atom_id_1 
_chem_comp_bond.atom_id_2 
_chem_comp_bond.value_order 
_chem_comp_bond.pdbx_aromatic_flag 
_chem_comp_bond.pdbx_stereo_config 
_chem_comp_bond.pdbx_ordinal 
ALA N   CA   sing N N 1   
ALA N   H    sing N N 2   
ALA N   H2   sing N N 3   
ALA CA  C    sing N N 4   
ALA CA  CB   sing N N 5   
ALA CA  HA   sing N N 6   
ALA C   O    doub N N 7   
ALA C   OXT  sing N N 8   
ALA CB  HB1  sing N N 9   
ALA CB  HB2  sing N N 10  
ALA CB  HB3  sing N N 11  
ALA OXT HXT  sing N N 12  
ARG N   CA   sing N N 13  
ARG N   H    sing N N 14  
ARG N   H2   sing N N 15  
ARG CA  C    sing N N 16  
ARG CA  CB   sing N N 17  
ARG CA  HA   sing N N 18  
ARG C   O    doub N N 19  
ARG C   OXT  sing N N 20  
ARG CB  CG   sing N N 21  
ARG CB  HB2  sing N N 22  
ARG CB  HB3  sing N N 23  
ARG CG  CD   sing N N 24  
ARG CG  HG2  sing N N 25  
ARG CG  HG3  sing N N 26  
ARG CD  NE   sing N N 27  
ARG CD  HD2  sing N N 28  
ARG CD  HD3  sing N N 29  
ARG NE  CZ   sing N N 30  
ARG NE  HE   sing N N 31  
ARG CZ  NH1  sing N N 32  
ARG CZ  NH2  doub N N 33  
ARG NH1 HH11 sing N N 34  
ARG NH1 HH12 sing N N 35  
ARG NH2 HH21 sing N N 36  
ARG NH2 HH22 sing N N 37  
ARG OXT HXT  sing N N 38  
ASN N   CA   sing N N 39  
ASN N   H    sing N N 40  
ASN N   H2   sing N N 41  
ASN CA  C    sing N N 42  
ASN CA  CB   sing N N 43  
ASN CA  HA   sing N N 44  
ASN C   O    doub N N 45  
ASN C   OXT  sing N N 46  
ASN CB  CG   sing N N 47  
ASN CB  HB2  sing N N 48  
ASN CB  HB3  sing N N 49  
ASN CG  OD1  doub N N 50  
ASN CG  ND2  sing N N 51  
ASN ND2 HD21 sing N N 52  
ASN ND2 HD22 sing N N 53  
ASN OXT HXT  sing N N 54  
ASP N   CA   sing N N 55  
ASP N   H    sing N N 56  
ASP N   H2   sing N N 57  
ASP CA  C    sing N N 58  
ASP CA  CB   sing N N 59  
ASP CA  HA   sing N N 60  
ASP C   O    doub N N 61  
ASP C   OXT  sing N N 62  
ASP CB  CG   sing N N 63  
ASP CB  HB2  sing N N 64  
ASP CB  HB3  sing N N 65  
ASP CG  OD1  doub N N 66  
ASP CG  OD2  sing N N 67  
ASP OD2 HD2  sing N N 68  
ASP OXT HXT  sing N N 69  
GLN N   CA   sing N N 70  
GLN N   H    sing N N 71  
GLN N   H2   sing N N 72  
GLN CA  C    sing N N 73  
GLN CA  CB   sing N N 74  
GLN CA  HA   sing N N 75  
GLN C   O    doub N N 76  
GLN C   OXT  sing N N 77  
GLN CB  CG   sing N N 78  
GLN CB  HB2  sing N N 79  
GLN CB  HB3  sing N N 80  
GLN CG  CD   sing N N 81  
GLN CG  HG2  sing N N 82  
GLN CG  HG3  sing N N 83  
GLN CD  OE1  doub N N 84  
GLN CD  NE2  sing N N 85  
GLN NE2 HE21 sing N N 86  
GLN NE2 HE22 sing N N 87  
GLN OXT HXT  sing N N 88  
GLU N   CA   sing N N 89  
GLU N   H    sing N N 90  
GLU N   H2   sing N N 91  
GLU CA  C    sing N N 92  
GLU CA  CB   sing N N 93  
GLU CA  HA   sing N N 94  
GLU C   O    doub N N 95  
GLU C   OXT  sing N N 96  
GLU CB  CG   sing N N 97  
GLU CB  HB2  sing N N 98  
GLU CB  HB3  sing N N 99  
GLU CG  CD   sing N N 100 
GLU CG  HG2  sing N N 101 
GLU CG  HG3  sing N N 102 
GLU CD  OE1  doub N N 103 
GLU CD  OE2  sing N N 104 
GLU OE2 HE2  sing N N 105 
GLU OXT HXT  sing N N 106 
GLY N   CA   sing N N 107 
GLY N   H    sing N N 108 
GLY N   H2   sing N N 109 
GLY CA  C    sing N N 110 
GLY CA  HA2  sing N N 111 
GLY CA  HA3  sing N N 112 
GLY C   O    doub N N 113 
GLY C   OXT  sing N N 114 
GLY OXT HXT  sing N N 115 
HIS N   CA   sing N N 116 
HIS N   H    sing N N 117 
HIS N   H2   sing N N 118 
HIS CA  C    sing N N 119 
HIS CA  CB   sing N N 120 
HIS CA  HA   sing N N 121 
HIS C   O    doub N N 122 
HIS C   OXT  sing N N 123 
HIS CB  CG   sing N N 124 
HIS CB  HB2  sing N N 125 
HIS CB  HB3  sing N N 126 
HIS CG  ND1  sing Y N 127 
HIS CG  CD2  doub Y N 128 
HIS ND1 CE1  doub Y N 129 
HIS ND1 HD1  sing N N 130 
HIS CD2 NE2  sing Y N 131 
HIS CD2 HD2  sing N N 132 
HIS CE1 NE2  sing Y N 133 
HIS CE1 HE1  sing N N 134 
HIS NE2 HE2  sing N N 135 
HIS OXT HXT  sing N N 136 
HOH O   H1   sing N N 137 
HOH O   H2   sing N N 138 
ILE N   CA   sing N N 139 
ILE N   H    sing N N 140 
ILE N   H2   sing N N 141 
ILE CA  C    sing N N 142 
ILE CA  CB   sing N N 143 
ILE CA  HA   sing N N 144 
ILE C   O    doub N N 145 
ILE C   OXT  sing N N 146 
ILE CB  CG1  sing N N 147 
ILE CB  CG2  sing N N 148 
ILE CB  HB   sing N N 149 
ILE CG1 CD1  sing N N 150 
ILE CG1 HG12 sing N N 151 
ILE CG1 HG13 sing N N 152 
ILE CG2 HG21 sing N N 153 
ILE CG2 HG22 sing N N 154 
ILE CG2 HG23 sing N N 155 
ILE CD1 HD11 sing N N 156 
ILE CD1 HD12 sing N N 157 
ILE CD1 HD13 sing N N 158 
ILE OXT HXT  sing N N 159 
LEU N   CA   sing N N 160 
LEU N   H    sing N N 161 
LEU N   H2   sing N N 162 
LEU CA  C    sing N N 163 
LEU CA  CB   sing N N 164 
LEU CA  HA   sing N N 165 
LEU C   O    doub N N 166 
LEU C   OXT  sing N N 167 
LEU CB  CG   sing N N 168 
LEU CB  HB2  sing N N 169 
LEU CB  HB3  sing N N 170 
LEU CG  CD1  sing N N 171 
LEU CG  CD2  sing N N 172 
LEU CG  HG   sing N N 173 
LEU CD1 HD11 sing N N 174 
LEU CD1 HD12 sing N N 175 
LEU CD1 HD13 sing N N 176 
LEU CD2 HD21 sing N N 177 
LEU CD2 HD22 sing N N 178 
LEU CD2 HD23 sing N N 179 
LEU OXT HXT  sing N N 180 
LYS N   CA   sing N N 181 
LYS N   H    sing N N 182 
LYS N   H2   sing N N 183 
LYS CA  C    sing N N 184 
LYS CA  CB   sing N N 185 
LYS CA  HA   sing N N 186 
LYS C   O    doub N N 187 
LYS C   OXT  sing N N 188 
LYS CB  CG   sing N N 189 
LYS CB  HB2  sing N N 190 
LYS CB  HB3  sing N N 191 
LYS CG  CD   sing N N 192 
LYS CG  HG2  sing N N 193 
LYS CG  HG3  sing N N 194 
LYS CD  CE   sing N N 195 
LYS CD  HD2  sing N N 196 
LYS CD  HD3  sing N N 197 
LYS CE  NZ   sing N N 198 
LYS CE  HE2  sing N N 199 
LYS CE  HE3  sing N N 200 
LYS NZ  HZ1  sing N N 201 
LYS NZ  HZ2  sing N N 202 
LYS NZ  HZ3  sing N N 203 
LYS OXT HXT  sing N N 204 
MSE N   CA   sing N N 205 
MSE N   H    sing N N 206 
MSE N   H2   sing N N 207 
MSE CA  C    sing N N 208 
MSE CA  CB   sing N N 209 
MSE CA  HA   sing N N 210 
MSE C   O    doub N N 211 
MSE C   OXT  sing N N 212 
MSE OXT HXT  sing N N 213 
MSE CB  CG   sing N N 214 
MSE CB  HB2  sing N N 215 
MSE CB  HB3  sing N N 216 
MSE CG  SE   sing N N 217 
MSE CG  HG2  sing N N 218 
MSE CG  HG3  sing N N 219 
MSE SE  CE   sing N N 220 
MSE CE  HE1  sing N N 221 
MSE CE  HE2  sing N N 222 
MSE CE  HE3  sing N N 223 
PHE N   CA   sing N N 224 
PHE N   H    sing N N 225 
PHE N   H2   sing N N 226 
PHE CA  C    sing N N 227 
PHE CA  CB   sing N N 228 
PHE CA  HA   sing N N 229 
PHE C   O    doub N N 230 
PHE C   OXT  sing N N 231 
PHE CB  CG   sing N N 232 
PHE CB  HB2  sing N N 233 
PHE CB  HB3  sing N N 234 
PHE CG  CD1  doub Y N 235 
PHE CG  CD2  sing Y N 236 
PHE CD1 CE1  sing Y N 237 
PHE CD1 HD1  sing N N 238 
PHE CD2 CE2  doub Y N 239 
PHE CD2 HD2  sing N N 240 
PHE CE1 CZ   doub Y N 241 
PHE CE1 HE1  sing N N 242 
PHE CE2 CZ   sing Y N 243 
PHE CE2 HE2  sing N N 244 
PHE CZ  HZ   sing N N 245 
PHE OXT HXT  sing N N 246 
PRO N   CA   sing N N 247 
PRO N   CD   sing N N 248 
PRO N   H    sing N N 249 
PRO CA  C    sing N N 250 
PRO CA  CB   sing N N 251 
PRO CA  HA   sing N N 252 
PRO C   O    doub N N 253 
PRO C   OXT  sing N N 254 
PRO CB  CG   sing N N 255 
PRO CB  HB2  sing N N 256 
PRO CB  HB3  sing N N 257 
PRO CG  CD   sing N N 258 
PRO CG  HG2  sing N N 259 
PRO CG  HG3  sing N N 260 
PRO CD  HD2  sing N N 261 
PRO CD  HD3  sing N N 262 
PRO OXT HXT  sing N N 263 
SER N   CA   sing N N 264 
SER N   H    sing N N 265 
SER N   H2   sing N N 266 
SER CA  C    sing N N 267 
SER CA  CB   sing N N 268 
SER CA  HA   sing N N 269 
SER C   O    doub N N 270 
SER C   OXT  sing N N 271 
SER CB  OG   sing N N 272 
SER CB  HB2  sing N N 273 
SER CB  HB3  sing N N 274 
SER OG  HG   sing N N 275 
SER OXT HXT  sing N N 276 
SO4 S   O1   doub N N 277 
SO4 S   O2   doub N N 278 
SO4 S   O3   sing N N 279 
SO4 S   O4   sing N N 280 
THR N   CA   sing N N 281 
THR N   H    sing N N 282 
THR N   H2   sing N N 283 
THR CA  C    sing N N 284 
THR CA  CB   sing N N 285 
THR CA  HA   sing N N 286 
THR C   O    doub N N 287 
THR C   OXT  sing N N 288 
THR CB  OG1  sing N N 289 
THR CB  CG2  sing N N 290 
THR CB  HB   sing N N 291 
THR OG1 HG1  sing N N 292 
THR CG2 HG21 sing N N 293 
THR CG2 HG22 sing N N 294 
THR CG2 HG23 sing N N 295 
THR OXT HXT  sing N N 296 
TYR N   CA   sing N N 297 
TYR N   H    sing N N 298 
TYR N   H2   sing N N 299 
TYR CA  C    sing N N 300 
TYR CA  CB   sing N N 301 
TYR CA  HA   sing N N 302 
TYR C   O    doub N N 303 
TYR C   OXT  sing N N 304 
TYR CB  CG   sing N N 305 
TYR CB  HB2  sing N N 306 
TYR CB  HB3  sing N N 307 
TYR CG  CD1  doub Y N 308 
TYR CG  CD2  sing Y N 309 
TYR CD1 CE1  sing Y N 310 
TYR CD1 HD1  sing N N 311 
TYR CD2 CE2  doub Y N 312 
TYR CD2 HD2  sing N N 313 
TYR CE1 CZ   doub Y N 314 
TYR CE1 HE1  sing N N 315 
TYR CE2 CZ   sing Y N 316 
TYR CE2 HE2  sing N N 317 
TYR CZ  OH   sing N N 318 
TYR OH  HH   sing N N 319 
TYR OXT HXT  sing N N 320 
VAL N   CA   sing N N 321 
VAL N   H    sing N N 322 
VAL N   H2   sing N N 323 
VAL CA  C    sing N N 324 
VAL CA  CB   sing N N 325 
VAL CA  HA   sing N N 326 
VAL C   O    doub N N 327 
VAL C   OXT  sing N N 328 
VAL CB  CG1  sing N N 329 
VAL CB  CG2  sing N N 330 
VAL CB  HB   sing N N 331 
VAL CG1 HG11 sing N N 332 
VAL CG1 HG12 sing N N 333 
VAL CG1 HG13 sing N N 334 
VAL CG2 HG21 sing N N 335 
VAL CG2 HG22 sing N N 336 
VAL CG2 HG23 sing N N 337 
VAL OXT HXT  sing N N 338 
# 
_atom_sites.entry_id                    4HHX 
_atom_sites.fract_transf_matrix[1][1]   -0.02038725 
_atom_sites.fract_transf_matrix[1][2]   0.01959433 
_atom_sites.fract_transf_matrix[1][3]   0.00516137 
_atom_sites.fract_transf_matrix[2][1]   0.00155931 
_atom_sites.fract_transf_matrix[2][2]   0.00493137 
_atom_sites.fract_transf_matrix[2][3]   -0.01256194 
_atom_sites.fract_transf_matrix[3][1]   -0.00725298 
_atom_sites.fract_transf_matrix[3][2]   -0.00662434 
_atom_sites.fract_transf_matrix[3][3]   -0.00350079 
_atom_sites.fract_transf_vector[1]      0.425723 
_atom_sites.fract_transf_vector[2]      0.193468 
_atom_sites.fract_transf_vector[3]      0.097847 
# 
loop_
_atom_type.symbol 
C  
N  
O  
S  
SE 
# 
loop_
_atom_site.group_PDB 
_atom_site.id 
_atom_site.type_symbol 
_atom_site.label_atom_id 
_atom_site.label_alt_id 
_atom_site.label_comp_id 
_atom_site.label_asym_id 
_atom_site.label_entity_id 
_atom_site.label_seq_id 
_atom_site.pdbx_PDB_ins_code 
_atom_site.Cartn_x 
_atom_site.Cartn_y 
_atom_site.Cartn_z 
_atom_site.occupancy 
_atom_site.B_iso_or_equiv 
_atom_site.pdbx_formal_charge 
_atom_site.auth_seq_id 
_atom_site.auth_comp_id 
_atom_site.auth_asym_id 
_atom_site.auth_atom_id 
_atom_site.pdbx_PDB_model_num 
ATOM   1   N  N   . HIS A 1 3   ? 0.049   -5.746  19.090  0.50 51.65 ? -1  HIS A N   1 
ATOM   2   C  CA  . HIS A 1 3   ? 1.105   -4.999  19.834  0.50 51.94 ? -1  HIS A CA  1 
ATOM   3   C  C   . HIS A 1 3   ? 2.445   -5.111  19.163  0.50 50.98 ? -1  HIS A C   1 
ATOM   4   O  O   . HIS A 1 3   ? 3.410   -4.455  19.571  0.50 50.53 ? -1  HIS A O   1 
ATOM   5   C  CB  . HIS A 1 3   ? 1.206   -5.530  21.259  0.50 55.78 ? -1  HIS A CB  1 
ATOM   6   C  CG  . HIS A 1 3   ? 1.649   -6.971  21.347  0.50 57.54 ? -1  HIS A CG  1 
ATOM   7   N  ND1 . HIS A 1 3   ? 0.837   -7.992  21.020  0.50 58.38 ? -1  HIS A ND1 1 
ATOM   8   C  CD2 . HIS A 1 3   ? 2.858   -7.540  21.760  0.50 59.21 ? -1  HIS A CD2 1 
ATOM   9   C  CE1 . HIS A 1 3   ? 1.491   -9.157  21.206  0.50 60.49 ? -1  HIS A CE1 1 
ATOM   10  N  NE2 . HIS A 1 3   ? 2.728   -8.879  21.657  0.50 61.02 ? -1  HIS A NE2 1 
HETATM 11  N  N   . MSE A 1 4   ? 2.521   -5.948  18.127  0.50 50.63 ? 0   MSE A N   1 
HETATM 12  C  CA  . MSE A 1 4   ? 3.776   -6.181  17.419  0.50 50.43 ? 0   MSE A CA  1 
HETATM 13  C  C   . MSE A 1 4   ? 3.615   -5.916  15.950  0.50 48.01 ? 0   MSE A C   1 
HETATM 14  O  O   . MSE A 1 4   ? 2.618   -6.302  15.343  0.50 46.88 ? 0   MSE A O   1 
HETATM 15  C  CB  . MSE A 1 4   ? 4.213   -7.627  17.604  0.50 53.32 ? 0   MSE A CB  1 
HETATM 16  C  CG  . MSE A 1 4   ? 4.912   -7.824  18.942  0.50 57.08 ? 0   MSE A CG  1 
HETATM 17  SE SE  . MSE A 1 4   ? 4.985   -9.749  19.338  0.50 62.05 ? 0   MSE A SE  1 
HETATM 18  C  CE  . MSE A 1 4   ? 3.047   -10.006 19.583  0.50 63.11 ? 0   MSE A CE  1 
HETATM 19  N  N   . MSE A 1 5   ? 4.611   -5.260  15.369  0.50 47.54 ? 1   MSE A N   1 
HETATM 20  C  CA  . MSE A 1 5   ? 4.587   -4.899  13.958  0.50 46.42 ? 1   MSE A CA  1 
HETATM 21  C  C   . MSE A 1 5   ? 5.063   -6.049  13.120  0.50 45.88 ? 1   MSE A C   1 
HETATM 22  O  O   . MSE A 1 5   ? 6.166   -6.555  13.328  0.50 46.02 ? 1   MSE A O   1 
HETATM 23  C  CB  . MSE A 1 5   ? 5.521   -3.708  13.781  0.50 47.61 ? 1   MSE A CB  1 
HETATM 24  C  CG  . MSE A 1 5   ? 5.802   -3.404  12.317  0.50 47.29 ? 1   MSE A CG  1 
HETATM 25  SE SE  . MSE A 1 5   ? 5.522   -1.482  12.017  0.50 50.69 ? 1   MSE A SE  1 
HETATM 26  C  CE  . MSE A 1 5   ? 3.601   -1.430  12.441  0.50 46.21 ? 1   MSE A CE  1 
ATOM   27  N  N   . LYS A 1 6   ? 4.238   -6.469  12.158  1.00 45.04 ? 2   LYS A N   1 
ATOM   28  C  CA  . LYS A 1 6   ? 4.576   -7.581  11.263  1.00 44.25 ? 2   LYS A CA  1 
ATOM   29  C  C   . LYS A 1 6   ? 4.458   -7.159  9.804   1.00 39.59 ? 2   LYS A C   1 
ATOM   30  O  O   . LYS A 1 6   ? 3.632   -6.315  9.467   1.00 37.85 ? 2   LYS A O   1 
ATOM   31  C  CB  . LYS A 1 6   ? 3.658   -8.774  11.526  1.00 47.17 ? 2   LYS A CB  1 
ATOM   32  C  CG  . LYS A 1 6   ? 3.611   -9.195  12.985  1.00 50.95 ? 2   LYS A CG  1 
ATOM   33  C  CD  . LYS A 1 6   ? 2.973   -10.562 13.166  1.00 54.23 ? 2   LYS A CD  1 
ATOM   34  C  CE  . LYS A 1 6   ? 2.821   -10.899 14.639  1.00 57.50 ? 2   LYS A CE  1 
ATOM   35  N  NZ  . LYS A 1 6   ? 2.413   -12.314 14.845  1.00 61.26 ? 2   LYS A NZ  1 
ATOM   36  N  N   . ILE A 1 7   ? 5.271   -7.758  8.938   1.00 37.68 ? 3   ILE A N   1 
ATOM   37  C  CA  . ILE A 1 7   ? 5.176   -7.475  7.499   1.00 35.34 ? 3   ILE A CA  1 
ATOM   38  C  C   . ILE A 1 7   ? 3.817   -7.963  7.010   1.00 34.53 ? 3   ILE A C   1 
ATOM   39  O  O   . ILE A 1 7   ? 3.405   -9.075  7.336   1.00 35.71 ? 3   ILE A O   1 
ATOM   40  C  CB  . ILE A 1 7   ? 6.277   -8.180  6.672   1.00 36.28 ? 3   ILE A CB  1 
ATOM   41  C  CG1 . ILE A 1 7   ? 7.681   -7.800  7.161   1.00 36.95 ? 3   ILE A CG1 1 
ATOM   42  C  CG2 . ILE A 1 7   ? 6.135   -7.827  5.195   1.00 34.59 ? 3   ILE A CG2 1 
ATOM   43  C  CD1 . ILE A 1 7   ? 8.086   -6.388  6.817   1.00 34.20 ? 3   ILE A CD1 1 
ATOM   44  N  N   . ILE A 1 8   ? 3.123   -7.127  6.239   1.00 32.46 ? 4   ILE A N   1 
ATOM   45  C  CA  . ILE A 1 8   ? 1.810   -7.472  5.705   1.00 32.67 ? 4   ILE A CA  1 
ATOM   46  C  C   . ILE A 1 8   ? 1.986   -8.640  4.730   1.00 33.57 ? 4   ILE A C   1 
ATOM   47  O  O   . ILE A 1 8   ? 2.953   -8.671  3.974   1.00 32.51 ? 4   ILE A O   1 
ATOM   48  C  CB  . ILE A 1 8   ? 1.146   -6.257  5.015   1.00 30.88 ? 4   ILE A CB  1 
ATOM   49  C  CG1 . ILE A 1 8   ? 0.867   -5.146  6.037   1.00 29.96 ? 4   ILE A CG1 1 
ATOM   50  C  CG2 . ILE A 1 8   ? -0.153  -6.657  4.337   1.00 31.49 ? 4   ILE A CG2 1 
ATOM   51  C  CD1 . ILE A 1 8   ? 0.446   -3.831  5.409   1.00 27.87 ? 4   ILE A CD1 1 
ATOM   52  N  N   . SER A 1 9   ? 1.070   -9.608  4.767   1.00 35.66 ? 5   SER A N   1 
ATOM   53  C  CA  . SER A 1 9   ? 1.213   -10.827 3.963   1.00 37.14 ? 5   SER A CA  1 
ATOM   54  C  C   . SER A 1 9   ? 1.271   -10.506 2.474   1.00 35.69 ? 5   SER A C   1 
ATOM   55  O  O   . SER A 1 9   ? 0.731   -9.496  2.022   1.00 32.68 ? 5   SER A O   1 
ATOM   56  C  CB  . SER A 1 9   ? 0.065   -11.807 4.224   1.00 40.37 ? 5   SER A CB  1 
ATOM   57  O  OG  . SER A 1 9   ? -1.150  -11.323 3.672   1.00 40.28 ? 5   SER A OG  1 
ATOM   58  N  N   . LYS A 1 10  ? 1.932   -11.381 1.725   1.00 36.82 ? 6   LYS A N   1 
ATOM   59  C  CA  . LYS A 1 10  ? 2.064   -11.237 0.275   1.00 37.29 ? 6   LYS A CA  1 
ATOM   60  C  C   . LYS A 1 10  ? 0.699   -11.116 -0.410  1.00 36.99 ? 6   LYS A C   1 
ATOM   61  O  O   . LYS A 1 10  ? 0.522   -10.305 -1.318  1.00 34.53 ? 6   LYS A O   1 
ATOM   62  C  CB  . LYS A 1 10  ? 2.822   -12.447 -0.267  1.00 40.58 ? 6   LYS A CB  1 
ATOM   63  C  CG  . LYS A 1 10  ? 3.167   -12.421 -1.743  1.00 41.89 ? 6   LYS A CG  1 
ATOM   64  C  CD  . LYS A 1 10  ? 3.953   -13.680 -2.092  1.00 45.04 ? 6   LYS A CD  1 
ATOM   65  C  CE  . LYS A 1 10  ? 4.071   -13.901 -3.593  1.00 46.94 ? 6   LYS A CE  1 
ATOM   66  N  NZ  . LYS A 1 10  ? 4.611   -15.251 -3.929  1.00 49.76 ? 6   LYS A NZ  1 
ATOM   67  N  N   . LYS A 1 11  ? -0.256  -11.926 0.039   1.00 38.60 ? 7   LYS A N   1 
ATOM   68  C  CA  . LYS A 1 11  ? -1.607  -11.917 -0.521  1.00 39.51 ? 7   LYS A CA  1 
ATOM   69  C  C   . LYS A 1 11  ? -2.283  -10.564 -0.298  1.00 37.11 ? 7   LYS A C   1 
ATOM   70  O  O   . LYS A 1 11  ? -2.874  -10.000 -1.219  1.00 35.51 ? 7   LYS A O   1 
ATOM   71  C  CB  . LYS A 1 11  ? -2.447  -13.037 0.085   1.00 42.89 ? 7   LYS A CB  1 
ATOM   72  C  CG  . LYS A 1 11  ? -3.793  -13.207 -0.602  1.00 45.28 ? 7   LYS A CG  1 
ATOM   73  C  CD  . LYS A 1 11  ? -4.308  -14.635 -0.538  1.00 49.49 ? 7   LYS A CD  1 
ATOM   74  C  CE  . LYS A 1 11  ? -5.473  -14.838 -1.500  1.00 51.51 ? 7   LYS A CE  1 
ATOM   75  N  NZ  . LYS A 1 11  ? -5.727  -16.270 -1.785  1.00 54.88 ? 7   LYS A NZ  1 
ATOM   76  N  N   . TYR A 1 12  ? -2.164  -10.035 0.918   1.00 35.96 ? 8   TYR A N   1 
ATOM   77  C  CA  . TYR A 1 12  ? -2.708  -8.715  1.241   1.00 34.26 ? 8   TYR A CA  1 
ATOM   78  C  C   . TYR A 1 12  ? -2.029  -7.612  0.428   1.00 32.23 ? 8   TYR A C   1 
ATOM   79  O  O   . TYR A 1 12  ? -2.705  -6.730  -0.100  1.00 31.14 ? 8   TYR A O   1 
ATOM   80  C  CB  . TYR A 1 12  ? -2.579  -8.427  2.743   1.00 34.01 ? 8   TYR A CB  1 
ATOM   81  C  CG  . TYR A 1 12  ? -3.615  -9.102  3.638   1.00 36.44 ? 8   TYR A CG  1 
ATOM   82  C  CD1 . TYR A 1 12  ? -3.830  -8.630  4.925   1.00 36.87 ? 8   TYR A CD1 1 
ATOM   83  C  CD2 . TYR A 1 12  ? -4.392  -10.181 3.201   1.00 38.74 ? 8   TYR A CD2 1 
ATOM   84  C  CE1 . TYR A 1 12  ? -4.760  -9.213  5.759   1.00 39.18 ? 8   TYR A CE1 1 
ATOM   85  C  CE2 . TYR A 1 12  ? -5.331  -10.774 4.034   1.00 41.37 ? 8   TYR A CE2 1 
ATOM   86  C  CZ  . TYR A 1 12  ? -5.510  -10.280 5.313   1.00 41.54 ? 8   TYR A CZ  1 
ATOM   87  O  OH  . TYR A 1 12  ? -6.431  -10.831 6.161   1.00 44.28 ? 8   TYR A OH  1 
ATOM   88  N  N   . ARG A 1 13  ? -0.700  -7.653  0.329   1.00 31.64 ? 9   ARG A N   1 
ATOM   89  C  CA  . ARG A 1 13  ? 0.036   -6.632  -0.421  1.00 30.07 ? 9   ARG A CA  1 
ATOM   90  C  C   . ARG A 1 13  ? -0.338  -6.642  -1.903  1.00 30.95 ? 9   ARG A C   1 
ATOM   91  O  O   . ARG A 1 13  ? -0.533  -5.583  -2.498  1.00 31.10 ? 9   ARG A O   1 
ATOM   92  C  CB  . ARG A 1 13  ? 1.561   -6.780  -0.246  1.00 29.77 ? 9   ARG A CB  1 
ATOM   93  C  CG  . ARG A 1 13  ? 2.035   -6.548  1.186   1.00 29.63 ? 9   ARG A CG  1 
ATOM   94  C  CD  . ARG A 1 13  ? 3.525   -6.242  1.303   1.00 29.07 ? 9   ARG A CD  1 
ATOM   95  N  NE  . ARG A 1 13  ? 4.372   -7.041  0.416   1.00 30.12 ? 9   ARG A NE  1 
ATOM   96  C  CZ  . ARG A 1 13  ? 4.783   -8.285  0.643   1.00 31.88 ? 9   ARG A CZ  1 
ATOM   97  N  NH1 . ARG A 1 13  ? 4.425   -8.947  1.737   1.00 32.99 ? 9   ARG A NH1 1 
ATOM   98  N  NH2 . ARG A 1 13  ? 5.562   -8.881  -0.249  1.00 33.46 ? 9   ARG A NH2 1 
ATOM   99  N  N   . LEU A 1 14  ? -0.443  -7.824  -2.499  1.00 33.07 ? 10  LEU A N   1 
ATOM   100 C  CA  . LEU A 1 14  ? -0.828  -7.934  -3.914  1.00 34.25 ? 10  LEU A CA  1 
ATOM   101 C  C   . LEU A 1 14  ? -2.207  -7.318  -4.167  1.00 34.82 ? 10  LEU A C   1 
ATOM   102 O  O   . LEU A 1 14  ? -2.392  -6.576  -5.133  1.00 33.48 ? 10  LEU A O   1 
ATOM   103 C  CB  . LEU A 1 14  ? -0.823  -9.393  -4.375  1.00 37.42 ? 10  LEU A CB  1 
ATOM   104 C  CG  . LEU A 1 14  ? 0.481   -9.988  -4.902  1.00 38.40 ? 10  LEU A CG  1 
ATOM   105 C  CD1 . LEU A 1 14  ? 0.282   -11.473 -5.180  1.00 41.32 ? 10  LEU A CD1 1 
ATOM   106 C  CD2 . LEU A 1 14  ? 0.943   -9.270  -6.168  1.00 38.35 ? 10  LEU A CD2 1 
ATOM   107 N  N   . GLU A 1 15  ? -3.167  -7.644  -3.303  1.00 35.81 ? 11  GLU A N   1 
ATOM   108 C  CA  . GLU A 1 15  ? -4.522  -7.096  -3.395  1.00 37.17 ? 11  GLU A CA  1 
ATOM   109 C  C   . GLU A 1 15  ? -4.526  -5.582  -3.200  1.00 34.34 ? 11  GLU A C   1 
ATOM   110 O  O   . GLU A 1 15  ? -5.166  -4.860  -3.957  1.00 34.44 ? 11  GLU A O   1 
ATOM   111 C  CB  . GLU A 1 15  ? -5.442  -7.756  -2.358  1.00 40.09 ? 11  GLU A CB  1 
ATOM   112 C  CG  . GLU A 1 15  ? -6.914  -7.375  -2.458  1.00 42.51 ? 11  GLU A CG  1 
ATOM   113 C  CD  . GLU A 1 15  ? -7.588  -7.844  -3.742  1.00 45.85 ? 11  GLU A CD  1 
ATOM   114 O  OE1 . GLU A 1 15  ? -8.628  -7.251  -4.102  1.00 48.13 ? 11  GLU A OE1 1 
ATOM   115 O  OE2 . GLU A 1 15  ? -7.097  -8.794  -4.392  1.00 47.42 ? 11  GLU A OE2 1 
ATOM   116 N  N   . LEU A 1 16  ? -3.801  -5.112  -2.189  1.00 32.41 ? 12  LEU A N   1 
ATOM   117 C  CA  . LEU A 1 16  ? -3.732  -3.688  -1.871  1.00 31.25 ? 12  LEU A CA  1 
ATOM   118 C  C   . LEU A 1 16  ? -3.080  -2.911  -3.014  1.00 29.68 ? 12  LEU A C   1 
ATOM   119 O  O   . LEU A 1 16  ? -3.606  -1.886  -3.447  1.00 27.90 ? 12  LEU A O   1 
ATOM   120 C  CB  . LEU A 1 16  ? -2.987  -3.487  -0.546  1.00 31.48 ? 12  LEU A CB  1 
ATOM   121 C  CG  . LEU A 1 16  ? -2.978  -2.145  0.201   1.00 32.84 ? 12  LEU A CG  1 
ATOM   122 C  CD1 . LEU A 1 16  ? -1.852  -1.253  -0.300  1.00 32.46 ? 12  LEU A CD1 1 
ATOM   123 C  CD2 . LEU A 1 16  ? -4.330  -1.441  0.142   1.00 33.93 ? 12  LEU A CD2 1 
ATOM   124 N  N   . TYR A 1 17  ? -1.945  -3.405  -3.510  1.00 29.09 ? 13  TYR A N   1 
ATOM   125 C  CA  . TYR A 1 17  ? -1.235  -2.742  -4.610  1.00 29.39 ? 13  TYR A CA  1 
ATOM   126 C  C   . TYR A 1 17  ? -2.071  -2.664  -5.875  1.00 31.32 ? 13  TYR A C   1 
ATOM   127 O  O   . TYR A 1 17  ? -2.044  -1.652  -6.564  1.00 31.78 ? 13  TYR A O   1 
ATOM   128 C  CB  . TYR A 1 17  ? 0.088   -3.450  -4.934  1.00 29.38 ? 13  TYR A CB  1 
ATOM   129 C  CG  . TYR A 1 17  ? 1.150   -3.417  -3.848  1.00 29.03 ? 13  TYR A CG  1 
ATOM   130 C  CD1 . TYR A 1 17  ? 1.172   -2.418  -2.871  1.00 28.52 ? 13  TYR A CD1 1 
ATOM   131 C  CD2 . TYR A 1 17  ? 2.156   -4.383  -3.816  1.00 29.93 ? 13  TYR A CD2 1 
ATOM   132 C  CE1 . TYR A 1 17  ? 2.150   -2.398  -1.885  1.00 28.76 ? 13  TYR A CE1 1 
ATOM   133 C  CE2 . TYR A 1 17  ? 3.139   -4.366  -2.836  1.00 29.89 ? 13  TYR A CE2 1 
ATOM   134 C  CZ  . TYR A 1 17  ? 3.129   -3.373  -1.875  1.00 28.93 ? 13  TYR A CZ  1 
ATOM   135 O  OH  . TYR A 1 17  ? 4.108   -3.341  -0.912  1.00 30.12 ? 13  TYR A OH  1 
ATOM   136 N  N   . SER A 1 18  ? -2.797  -3.732  -6.202  1.00 34.37 ? 14  SER A N   1 
ATOM   137 C  CA  . SER A 1 18  ? -3.592  -3.739  -7.430  1.00 37.11 ? 14  SER A CA  1 
ATOM   138 C  C   . SER A 1 18  ? -4.726  -2.703  -7.384  1.00 37.73 ? 14  SER A C   1 
ATOM   139 O  O   . SER A 1 18  ? -4.970  -2.001  -8.364  1.00 38.30 ? 14  SER A O   1 
ATOM   140 C  CB  . SER A 1 18  ? -4.131  -5.144  -7.736  1.00 40.67 ? 14  SER A CB  1 
ATOM   141 O  OG  . SER A 1 18  ? -5.086  -5.569  -6.779  1.00 43.25 ? 14  SER A OG  1 
HETATM 142 N  N   A MSE A 1 19  ? -5.396  -2.611  -6.241  0.50 37.40 ? 15  MSE A N   1 
HETATM 143 N  N   B MSE A 1 19  ? -5.401  -2.611  -6.241  0.50 37.10 ? 15  MSE A N   1 
HETATM 144 C  CA  A MSE A 1 19  ? -6.485  -1.657  -6.055  0.50 38.59 ? 15  MSE A CA  1 
HETATM 145 C  CA  B MSE A 1 19  ? -6.498  -1.657  -6.064  0.50 38.06 ? 15  MSE A CA  1 
HETATM 146 C  C   A MSE A 1 19  ? -5.985  -0.240  -6.017  0.50 36.21 ? 15  MSE A C   1 
HETATM 147 C  C   B MSE A 1 19  ? -5.991  -0.238  -6.010  0.50 35.91 ? 15  MSE A C   1 
HETATM 148 O  O   A MSE A 1 19  ? -6.625  0.663   -6.559  0.50 36.28 ? 15  MSE A O   1 
HETATM 149 O  O   B MSE A 1 19  ? -6.635  0.669   -6.539  0.50 36.02 ? 15  MSE A O   1 
HETATM 150 C  CB  A MSE A 1 19  ? -7.173  -1.985  -4.742  0.50 40.39 ? 15  MSE A CB  1 
HETATM 151 C  CB  B MSE A 1 19  ? -7.254  -1.988  -4.782  0.50 39.36 ? 15  MSE A CB  1 
HETATM 152 C  CG  A MSE A 1 19  ? -7.936  -3.293  -4.878  0.50 44.05 ? 15  MSE A CG  1 
HETATM 153 C  CG  B MSE A 1 19  ? -8.759  -1.875  -4.998  0.50 42.92 ? 15  MSE A CG  1 
HETATM 154 SE SE  A MSE A 1 19  ? -9.085  -3.512  -3.301  0.50 49.00 ? 15  MSE A SE  1 
HETATM 155 SE SE  B MSE A 1 19  ? -9.480  -3.598  -5.615  0.50 47.65 ? 15  MSE A SE  1 
HETATM 156 C  CE  A MSE A 1 19  ? -7.720  -3.804  -1.928  0.50 43.51 ? 15  MSE A CE  1 
HETATM 157 C  CE  B MSE A 1 19  ? -11.300 -2.980  -6.057  0.50 49.93 ? 15  MSE A CE  1 
ATOM   158 N  N   . LEU A 1 20  ? -4.840  -0.034  -5.372  1.00 33.29 ? 16  LEU A N   1 
ATOM   159 C  CA  . LEU A 1 20  ? -4.207  1.289   -5.307  1.00 31.54 ? 16  LEU A CA  1 
ATOM   160 C  C   . LEU A 1 20  ? -3.801  1.798   -6.686  1.00 31.98 ? 16  LEU A C   1 
ATOM   161 O  O   . LEU A 1 20  ? -4.047  2.952   -7.004  1.00 32.78 ? 16  LEU A O   1 
ATOM   162 C  CB  . LEU A 1 20  ? -2.984  1.285   -4.387  1.00 29.52 ? 16  LEU A CB  1 
ATOM   163 C  CG  . LEU A 1 20  ? -3.241  1.328   -2.883  1.00 28.78 ? 16  LEU A CG  1 
ATOM   164 C  CD1 . LEU A 1 20  ? -1.907  1.293   -2.156  1.00 27.74 ? 16  LEU A CD1 1 
ATOM   165 C  CD2 . LEU A 1 20  ? -4.040  2.565   -2.486  1.00 29.16 ? 16  LEU A CD2 1 
ATOM   166 N  N   . VAL A 1 21  ? -3.200  0.944   -7.508  1.00 32.41 ? 17  VAL A N   1 
ATOM   167 C  CA  . VAL A 1 21  ? -2.833  1.354   -8.873  1.00 33.52 ? 17  VAL A CA  1 
ATOM   168 C  C   . VAL A 1 21  ? -4.052  1.860   -9.644  1.00 36.42 ? 17  VAL A C   1 
ATOM   169 O  O   . VAL A 1 21  ? -3.964  2.859   -10.356 1.00 38.30 ? 17  VAL A O   1 
ATOM   170 C  CB  . VAL A 1 21  ? -2.162  0.213   -9.662  1.00 34.21 ? 17  VAL A CB  1 
ATOM   171 C  CG1 . VAL A 1 21  ? -1.961  0.609   -11.121 1.00 35.78 ? 17  VAL A CG1 1 
ATOM   172 C  CG2 . VAL A 1 21  ? -0.835  -0.168  -9.033  1.00 32.46 ? 17  VAL A CG2 1 
ATOM   173 N  N   . ASP A 1 22  ? -5.183  1.171   -9.505  1.00 37.49 ? 18  ASP A N   1 
ATOM   174 C  CA  . ASP A 1 22  ? -6.405  1.548   -10.215 1.00 40.77 ? 18  ASP A CA  1 
ATOM   175 C  C   . ASP A 1 22  ? -6.896  2.935   -9.788  1.00 39.87 ? 18  ASP A C   1 
ATOM   176 O  O   . ASP A 1 22  ? -7.240  3.771   -10.623 1.00 40.89 ? 18  ASP A O   1 
ATOM   177 C  CB  . ASP A 1 22  ? -7.507  0.507   -9.979  1.00 43.02 ? 18  ASP A CB  1 
ATOM   178 C  CG  . ASP A 1 22  ? -7.236  -0.822  -10.691 1.00 45.95 ? 18  ASP A CG  1 
ATOM   179 O  OD1 . ASP A 1 22  ? -7.441  -1.888  -10.067 1.00 48.21 ? 18  ASP A OD1 1 
ATOM   180 O  OD2 . ASP A 1 22  ? -6.825  -0.806  -11.871 1.00 47.45 ? 18  ASP A OD2 1 
ATOM   181 N  N   . LEU A 1 23  ? -6.914  3.162   -8.481  1.00 37.08 ? 19  LEU A N   1 
ATOM   182 C  CA  . LEU A 1 23  ? -7.406  4.417   -7.907  1.00 37.22 ? 19  LEU A CA  1 
ATOM   183 C  C   . LEU A 1 23  ? -6.452  5.583   -8.150  1.00 36.56 ? 19  LEU A C   1 
ATOM   184 O  O   . LEU A 1 23  ? -6.895  6.683   -8.487  1.00 37.55 ? 19  LEU A O   1 
ATOM   185 C  CB  . LEU A 1 23  ? -7.644  4.249   -6.404  1.00 35.82 ? 19  LEU A CB  1 
ATOM   186 C  CG  . LEU A 1 23  ? -9.032  3.853   -5.875  1.00 37.85 ? 19  LEU A CG  1 
ATOM   187 C  CD1 . LEU A 1 23  ? -10.067 3.550   -6.951  1.00 39.96 ? 19  LEU A CD1 1 
ATOM   188 C  CD2 . LEU A 1 23  ? -8.896  2.696   -4.891  1.00 36.97 ? 19  LEU A CD2 1 
ATOM   189 N  N   . LEU A 1 24  ? -5.153  5.344   -7.979  1.00 34.76 ? 20  LEU A N   1 
ATOM   190 C  CA  . LEU A 1 24  ? -4.147  6.387   -8.188  1.00 35.72 ? 20  LEU A CA  1 
ATOM   191 C  C   . LEU A 1 24  ? -4.148  6.905   -9.632  1.00 38.86 ? 20  LEU A C   1 
ATOM   192 O  O   . LEU A 1 24  ? -4.068  8.112   -9.861  1.00 40.63 ? 20  LEU A O   1 
ATOM   193 C  CB  . LEU A 1 24  ? -2.753  5.890   -7.799  1.00 33.57 ? 20  LEU A CB  1 
ATOM   194 C  CG  . LEU A 1 24  ? -2.507  5.629   -6.311  1.00 32.13 ? 20  LEU A CG  1 
ATOM   195 C  CD1 . LEU A 1 24  ? -1.169  4.927   -6.108  1.00 31.56 ? 20  LEU A CD1 1 
ATOM   196 C  CD2 . LEU A 1 24  ? -2.550  6.928   -5.526  1.00 31.78 ? 20  LEU A CD2 1 
ATOM   197 N  N   A ASN A 1 25  ? -4.226  6.021   -10.621 0.50 40.92 ? 21  ASN A N   1 
ATOM   198 N  N   B ASN A 1 25  ? -4.270  5.980   -10.579 0.50 39.97 ? 21  ASN A N   1 
ATOM   199 C  CA  A ASN A 1 25  ? -4.277  6.509   -12.005 0.50 44.04 ? 21  ASN A CA  1 
ATOM   200 C  CA  B ASN A 1 25  ? -4.350  6.310   -12.000 0.50 42.57 ? 21  ASN A CA  1 
ATOM   201 C  C   A ASN A 1 25  ? -5.677  6.980   -12.441 0.50 46.81 ? 21  ASN A C   1 
ATOM   202 C  C   B ASN A 1 25  ? -5.643  7.024   -12.404 0.50 45.90 ? 21  ASN A C   1 
ATOM   203 O  O   A ASN A 1 25  ? -5.905  7.247   -13.620 0.50 49.20 ? 21  ASN A O   1 
ATOM   204 O  O   B ASN A 1 25  ? -5.760  7.519   -13.524 0.50 48.19 ? 21  ASN A O   1 
ATOM   205 C  CB  A ASN A 1 25  ? -3.659  5.515   -12.996 0.50 45.50 ? 21  ASN A CB  1 
ATOM   206 C  CB  B ASN A 1 25  ? -4.164  5.042   -12.828 0.50 42.98 ? 21  ASN A CB  1 
ATOM   207 C  CG  A ASN A 1 25  ? -4.181  4.111   -12.825 0.50 45.58 ? 21  ASN A CG  1 
ATOM   208 C  CG  B ASN A 1 25  ? -2.732  4.557   -12.816 0.50 40.82 ? 21  ASN A CG  1 
ATOM   209 O  OD1 A ASN A 1 25  ? -3.453  3.139   -13.038 0.50 45.58 ? 21  ASN A OD1 1 
ATOM   210 O  OD1 B ASN A 1 25  ? -1.825  5.302   -12.459 0.50 39.45 ? 21  ASN A OD1 1 
ATOM   211 N  ND2 A ASN A 1 25  ? -5.444  3.992   -12.443 0.50 46.35 ? 21  ASN A ND2 1 
ATOM   212 N  ND2 B ASN A 1 25  ? -2.518  3.309   -13.209 0.50 40.91 ? 21  ASN A ND2 1 
ATOM   213 N  N   . ASP A 1 26  ? -6.600  7.079   -11.481 1.00 46.47 ? 22  ASP A N   1 
ATOM   214 C  CA  . ASP A 1 26  ? -7.806  7.905   -11.629 1.00 50.18 ? 22  ASP A CA  1 
ATOM   215 C  C   . ASP A 1 26  ? -7.615  9.240   -10.890 1.00 49.51 ? 22  ASP A C   1 
ATOM   216 O  O   . ASP A 1 26  ? -8.591  9.953   -10.621 1.00 51.50 ? 22  ASP A O   1 
ATOM   217 C  CB  . ASP A 1 26  ? -9.045  7.181   -11.072 1.00 51.94 ? 22  ASP A CB  1 
ATOM   218 C  CG  . ASP A 1 26  ? -9.707  6.268   -12.087 1.00 55.88 ? 22  ASP A CG  1 
ATOM   219 O  OD1 . ASP A 1 26  ? -9.419  6.385   -13.299 1.00 58.96 ? 22  ASP A OD1 1 
ATOM   220 O  OD2 . ASP A 1 26  ? -10.537 5.432   -11.664 1.00 57.96 ? 22  ASP A OD2 1 
ATOM   221 N  N   . ASN A 1 27  ? -6.362  9.567   -10.563 1.00 47.62 ? 23  ASN A N   1 
ATOM   222 C  CA  . ASN A 1 27  ? -6.001  10.798  -9.858  1.00 47.23 ? 23  ASN A CA  1 
ATOM   223 C  C   . ASN A 1 27  ? -6.616  10.928  -8.463  1.00 45.16 ? 23  ASN A C   1 
ATOM   224 O  O   . ASN A 1 27  ? -6.851  12.038  -7.988  1.00 46.29 ? 23  ASN A O   1 
ATOM   225 C  CB  . ASN A 1 27  ? -6.346  12.034  -10.701 1.00 51.20 ? 23  ASN A CB  1 
ATOM   226 C  CG  . ASN A 1 27  ? -5.616  12.060  -12.029 1.00 53.66 ? 23  ASN A CG  1 
ATOM   227 O  OD1 . ASN A 1 27  ? -4.501  11.551  -12.150 1.00 53.59 ? 23  ASN A OD1 1 
ATOM   228 N  ND2 . ASN A 1 27  ? -6.233  12.676  -13.029 1.00 58.02 ? 23  ASN A ND2 1 
ATOM   229 N  N   . ILE A 1 28  ? -6.875  9.800   -7.805  1.00 42.57 ? 24  ILE A N   1 
ATOM   230 C  CA  . ILE A 1 28  ? -7.308  9.819   -6.412  1.00 40.20 ? 24  ILE A CA  1 
ATOM   231 C  C   . ILE A 1 28  ? -6.053  9.857   -5.536  1.00 36.79 ? 24  ILE A C   1 
ATOM   232 O  O   . ILE A 1 28  ? -5.135  9.063   -5.750  1.00 35.04 ? 24  ILE A O   1 
ATOM   233 C  CB  . ILE A 1 28  ? -8.181  8.596   -6.065  1.00 40.56 ? 24  ILE A CB  1 
ATOM   234 C  CG1 . ILE A 1 28  ? -9.440  8.587   -6.939  1.00 43.78 ? 24  ILE A CG1 1 
ATOM   235 C  CG2 . ILE A 1 28  ? -8.547  8.600   -4.588  1.00 39.50 ? 24  ILE A CG2 1 
ATOM   236 C  CD1 . ILE A 1 28  ? -10.493 7.586   -6.505  1.00 45.22 ? 24  ILE A CD1 1 
ATOM   237 N  N   . PRO A 1 29  ? -5.988  10.790  -4.563  1.00 35.29 ? 25  PRO A N   1 
ATOM   238 C  CA  . PRO A 1 29  ? -4.817  10.848  -3.682  1.00 33.29 ? 25  PRO A CA  1 
ATOM   239 C  C   . PRO A 1 29  ? -4.670  9.571   -2.856  1.00 30.96 ? 25  PRO A C   1 
ATOM   240 O  O   . PRO A 1 29  ? -5.670  8.921   -2.560  1.00 31.25 ? 25  PRO A O   1 
ATOM   241 C  CB  . PRO A 1 29  ? -5.129  12.040  -2.769  1.00 34.06 ? 25  PRO A CB  1 
ATOM   242 C  CG  . PRO A 1 29  ? -6.067  12.876  -3.552  1.00 37.05 ? 25  PRO A CG  1 
ATOM   243 C  CD  . PRO A 1 29  ? -6.925  11.893  -4.284  1.00 37.87 ? 25  PRO A CD  1 
ATOM   244 N  N   . LEU A 1 30  ? -3.442  9.224   -2.486  1.00 29.72 ? 26  LEU A N   1 
ATOM   245 C  CA  . LEU A 1 30  ? -3.151  7.935   -1.850  1.00 28.96 ? 26  LEU A CA  1 
ATOM   246 C  C   . LEU A 1 30  ? -3.950  7.706   -0.574  1.00 28.07 ? 26  LEU A C   1 
ATOM   247 O  O   . LEU A 1 30  ? -4.505  6.637   -0.391  1.00 28.05 ? 26  LEU A O   1 
ATOM   248 C  CB  . LEU A 1 30  ? -1.658  7.797   -1.535  1.00 29.18 ? 26  LEU A CB  1 
ATOM   249 C  CG  . LEU A 1 30  ? -1.043  6.389   -1.443  1.00 29.59 ? 26  LEU A CG  1 
ATOM   250 C  CD1 . LEU A 1 30  ? 0.177   6.392   -0.533  1.00 28.48 ? 26  LEU A CD1 1 
ATOM   251 C  CD2 . LEU A 1 30  ? -2.014  5.308   -1.001  1.00 30.76 ? 26  LEU A CD2 1 
ATOM   252 N  N   . TYR A 1 31  ? -4.008  8.699   0.307   1.00 27.66 ? 27  TYR A N   1 
ATOM   253 C  CA  . TYR A 1 31  ? -4.740  8.535   1.563   1.00 27.52 ? 27  TYR A CA  1 
ATOM   254 C  C   . TYR A 1 31  ? -6.238  8.384   1.309   1.00 29.30 ? 27  TYR A C   1 
ATOM   255 O  O   . TYR A 1 31  ? -6.890  7.537   1.923   1.00 28.63 ? 27  TYR A O   1 
ATOM   256 C  CB  . TYR A 1 31  ? -4.470  9.696   2.525   1.00 27.81 ? 27  TYR A CB  1 
ATOM   257 C  CG  . TYR A 1 31  ? -4.896  9.400   3.947   1.00 27.61 ? 27  TYR A CG  1 
ATOM   258 C  CD1 . TYR A 1 31  ? -4.036  8.758   4.841   1.00 26.90 ? 27  TYR A CD1 1 
ATOM   259 C  CD2 . TYR A 1 31  ? -6.160  9.743   4.386   1.00 29.37 ? 27  TYR A CD2 1 
ATOM   260 C  CE1 . TYR A 1 31  ? -4.430  8.490   6.136   1.00 27.57 ? 27  TYR A CE1 1 
ATOM   261 C  CE2 . TYR A 1 31  ? -6.565  9.477   5.681   1.00 30.36 ? 27  TYR A CE2 1 
ATOM   262 C  CZ  . TYR A 1 31  ? -5.693  8.854   6.547   1.00 29.18 ? 27  TYR A CZ  1 
ATOM   263 O  OH  . TYR A 1 31  ? -6.114  8.600   7.825   1.00 30.87 ? 27  TYR A OH  1 
ATOM   264 N  N   . ASP A 1 32  ? -6.770  9.198   0.396   1.00 30.84 ? 28  ASP A N   1 
ATOM   265 C  CA  . ASP A 1 32  ? -8.169  9.089   -0.035  1.00 32.83 ? 28  ASP A CA  1 
ATOM   266 C  C   . ASP A 1 32  ? -8.459  7.714   -0.654  1.00 31.66 ? 28  ASP A C   1 
ATOM   267 O  O   . ASP A 1 32  ? -9.548  7.169   -0.477  1.00 32.52 ? 28  ASP A O   1 
ATOM   268 C  CB  . ASP A 1 32  ? -8.515  10.176  -1.058  1.00 35.63 ? 28  ASP A CB  1 
ATOM   269 C  CG  . ASP A 1 32  ? -8.508  11.582  -0.465  1.00 38.01 ? 28  ASP A CG  1 
ATOM   270 O  OD1 . ASP A 1 32  ? -8.431  11.747  0.766   1.00 39.45 ? 28  ASP A OD1 1 
ATOM   271 O  OD2 . ASP A 1 32  ? -8.603  12.540  -1.247  1.00 42.08 ? 28  ASP A OD2 1 
ATOM   272 N  N   . ALA A 1 33  ? -7.493  7.175   -1.389  1.00 30.21 ? 29  ALA A N   1 
ATOM   273 C  CA  . ALA A 1 33  ? -7.629  5.854   -2.008  1.00 30.46 ? 29  ALA A CA  1 
ATOM   274 C  C   . ALA A 1 33  ? -7.745  4.769   -0.942  1.00 29.96 ? 29  ALA A C   1 
ATOM   275 O  O   . ALA A 1 33  ? -8.601  3.889   -1.040  1.00 30.73 ? 29  ALA A O   1 
ATOM   276 C  CB  . ALA A 1 33  ? -6.460  5.567   -2.938  1.00 28.95 ? 29  ALA A CB  1 
ATOM   277 N  N   . LEU A 1 34  ? -6.893  4.843   0.077   1.00 29.05 ? 30  LEU A N   1 
ATOM   278 C  CA  . LEU A 1 34  ? -6.965  3.916   1.206   1.00 29.24 ? 30  LEU A CA  1 
ATOM   279 C  C   . LEU A 1 34  ? -8.329  3.963   1.891   1.00 31.72 ? 30  LEU A C   1 
ATOM   280 O  O   . LEU A 1 34  ? -8.899  2.911   2.193   1.00 31.88 ? 30  LEU A O   1 
ATOM   281 C  CB  . LEU A 1 34  ? -5.852  4.190   2.221   1.00 28.35 ? 30  LEU A CB  1 
ATOM   282 C  CG  . LEU A 1 34  ? -4.424  3.912   1.749   1.00 27.22 ? 30  LEU A CG  1 
ATOM   283 C  CD1 . LEU A 1 34  ? -3.432  4.441   2.776   1.00 27.04 ? 30  LEU A CD1 1 
ATOM   284 C  CD2 . LEU A 1 34  ? -4.173  2.435   1.469   1.00 26.90 ? 30  LEU A CD2 1 
ATOM   285 N  N   . ASN A 1 35  ? -8.847  5.169   2.147   1.00 33.16 ? 31  ASN A N   1 
ATOM   286 C  CA  . ASN A 1 35  ? -10.200 5.319   2.695   1.00 35.90 ? 31  ASN A CA  1 
ATOM   287 C  C   . ASN A 1 35  ? -11.250 4.668   1.802   1.00 37.23 ? 31  ASN A C   1 
ATOM   288 O  O   . ASN A 1 35  ? -12.178 4.030   2.303   1.00 38.74 ? 31  ASN A O   1 
ATOM   289 C  CB  . ASN A 1 35  ? -10.574 6.796   2.904   1.00 37.94 ? 31  ASN A CB  1 
ATOM   290 C  CG  . ASN A 1 35  ? -9.933  7.405   4.144   1.00 38.66 ? 31  ASN A CG  1 
ATOM   291 O  OD1 . ASN A 1 35  ? -9.558  6.697   5.075   1.00 39.03 ? 31  ASN A OD1 1 
ATOM   292 N  ND2 . ASN A 1 35  ? -9.823  8.733   4.165   1.00 39.35 ? 31  ASN A ND2 1 
ATOM   293 N  N   . LYS A 1 36  ? -11.119 4.840   0.488   1.00 36.89 ? 32  LYS A N   1 
ATOM   294 C  CA  . LYS A 1 36  ? -12.107 4.288   -0.441  1.00 39.82 ? 32  LYS A CA  1 
ATOM   295 C  C   . LYS A 1 36  ? -12.108 2.770   -0.383  1.00 39.47 ? 32  LYS A C   1 
ATOM   296 O  O   . LYS A 1 36  ? -13.168 2.149   -0.309  1.00 40.56 ? 32  LYS A O   1 
ATOM   297 C  CB  . LYS A 1 36  ? -11.861 4.754   -1.878  1.00 41.21 ? 32  LYS A CB  1 
ATOM   298 C  CG  . LYS A 1 36  ? -12.964 4.345   -2.848  1.00 44.78 ? 32  LYS A CG  1 
ATOM   299 C  CD  . LYS A 1 36  ? -12.865 5.094   -4.170  1.00 46.73 ? 32  LYS A CD  1 
ATOM   300 C  CE  . LYS A 1 36  ? -14.118 4.927   -5.023  1.00 50.45 ? 32  LYS A CE  1 
ATOM   301 N  NZ  . LYS A 1 36  ? -15.296 5.664   -4.482  1.00 53.47 ? 32  LYS A NZ  1 
ATOM   302 N  N   . ILE A 1 37  ? -10.914 2.186   -0.403  1.00 37.50 ? 33  ILE A N   1 
ATOM   303 C  CA  . ILE A 1 37  ? -10.753 0.735   -0.333  1.00 38.68 ? 33  ILE A CA  1 
ATOM   304 C  C   . ILE A 1 37  ? -11.428 0.167   0.917   1.00 40.79 ? 33  ILE A C   1 
ATOM   305 O  O   . ILE A 1 37  ? -12.202 -0.798  0.825   1.00 42.26 ? 33  ILE A O   1 
ATOM   306 C  CB  . ILE A 1 37  ? -9.267  0.329   -0.372  1.00 35.76 ? 33  ILE A CB  1 
ATOM   307 C  CG1 . ILE A 1 37  ? -8.683  0.577   -1.770  1.00 34.97 ? 33  ILE A CG1 1 
ATOM   308 C  CG2 . ILE A 1 37  ? -9.104  -1.126  0.034   1.00 36.68 ? 33  ILE A CG2 1 
ATOM   309 C  CD1 . ILE A 1 37  ? -7.170  0.490   -1.823  1.00 32.36 ? 33  ILE A CD1 1 
ATOM   310 N  N   . GLN A 1 38  ? -11.163 0.777   2.071   1.00 41.17 ? 34  GLN A N   1 
ATOM   311 C  CA  . GLN A 1 38  ? -11.805 0.364   3.330   1.00 44.24 ? 34  GLN A CA  1 
ATOM   312 C  C   . GLN A 1 38  ? -13.314 0.458   3.286   1.00 47.75 ? 34  GLN A C   1 
ATOM   313 O  O   . GLN A 1 38  ? -14.012 -0.524  3.524   1.00 51.24 ? 34  GLN A O   1 
ATOM   314 C  CB  . GLN A 1 38  ? -11.363 1.241   4.495   1.00 43.82 ? 34  GLN A CB  1 
ATOM   315 C  CG  . GLN A 1 38  ? -10.004 0.916   5.065   1.00 42.55 ? 34  GLN A CG  1 
ATOM   316 C  CD  . GLN A 1 38  ? -9.828  1.495   6.449   1.00 42.80 ? 34  GLN A CD  1 
ATOM   317 O  OE1 . GLN A 1 38  ? -9.162  0.907   7.292   1.00 42.68 ? 34  GLN A OE1 1 
ATOM   318 N  NE2 . GLN A 1 38  ? -10.442 2.648   6.694   1.00 42.82 ? 34  GLN A NE2 1 
ATOM   319 N  N   . ASN A 1 39  ? -13.806 1.659   3.006   1.00 48.98 ? 35  ASN A N   1 
ATOM   320 C  CA  . ASN A 1 39  ? -15.229 1.957   3.087   1.00 53.02 ? 35  ASN A CA  1 
ATOM   321 C  C   . ASN A 1 39  ? -16.073 1.040   2.216   1.00 55.28 ? 35  ASN A C   1 
ATOM   322 O  O   . ASN A 1 39  ? -17.192 0.691   2.576   1.00 57.62 ? 35  ASN A O   1 
ATOM   323 C  CB  . ASN A 1 39  ? -15.491 3.418   2.703   1.00 54.11 ? 35  ASN A CB  1 
ATOM   324 C  CG  . ASN A 1 39  ? -14.983 4.405   3.744   1.00 54.11 ? 35  ASN A CG  1 
ATOM   325 O  OD1 . ASN A 1 39  ? -14.709 5.562   3.427   1.00 55.72 ? 35  ASN A OD1 1 
ATOM   326 N  ND2 . ASN A 1 39  ? -14.864 3.957   4.991   1.00 54.01 ? 35  ASN A ND2 1 
ATOM   327 N  N   . GLU A 1 40  ? -15.521 0.649   1.075   1.00 55.24 ? 36  GLU A N   1 
ATOM   328 C  CA  . GLU A 1 40  ? -16.223 -0.201  0.131   1.00 58.62 ? 36  GLU A CA  1 
ATOM   329 C  C   . GLU A 1 40  ? -15.907 -1.676  0.356   1.00 58.08 ? 36  GLU A C   1 
ATOM   330 O  O   . GLU A 1 40  ? -16.575 -2.546  -0.201  1.00 59.74 ? 36  GLU A O   1 
ATOM   331 C  CB  . GLU A 1 40  ? -15.858 0.235   -1.283  1.00 59.02 ? 36  GLU A CB  1 
ATOM   332 C  CG  . GLU A 1 40  ? -16.203 1.699   -1.523  1.00 60.61 ? 36  GLU A CG  1 
ATOM   333 C  CD  . GLU A 1 40  ? -15.767 2.212   -2.877  1.00 61.82 ? 36  GLU A CD  1 
ATOM   334 O  OE1 . GLU A 1 40  ? -14.963 1.531   -3.554  1.00 61.79 ? 36  GLU A OE1 1 
ATOM   335 O  OE2 . GLU A 1 40  ? -16.231 3.312   -3.258  1.00 64.10 ? 36  GLU A OE2 1 
ATOM   336 N  N   . GLY A 1 41  ? -14.908 -1.949  1.195   1.00 55.82 ? 37  GLY A N   1 
ATOM   337 C  CA  . GLY A 1 41  ? -14.438 -3.308  1.445   1.00 56.45 ? 37  GLY A CA  1 
ATOM   338 C  C   . GLY A 1 41  ? -15.030 -3.994  2.664   1.00 59.20 ? 37  GLY A C   1 
ATOM   339 O  O   . GLY A 1 41  ? -14.996 -5.219  2.757   1.00 60.69 ? 37  GLY A O   1 
ATOM   340 N  N   . VAL A 1 42  ? -15.560 -3.217  3.605   1.00 61.21 ? 38  VAL A N   1 
ATOM   341 C  CA  . VAL A 1 42  ? -16.209 -3.779  4.795   1.00 65.15 ? 38  VAL A CA  1 
ATOM   342 C  C   . VAL A 1 42  ? -17.711 -3.982  4.516   1.00 69.03 ? 38  VAL A C   1 
ATOM   343 O  O   . VAL A 1 42  ? -18.373 -3.033  4.105   1.00 70.35 ? 38  VAL A O   1 
ATOM   344 C  CB  . VAL A 1 42  ? -16.002 -2.870  6.033   1.00 64.57 ? 38  VAL A CB  1 
ATOM   345 C  CG1 . VAL A 1 42  ? -16.488 -1.451  5.769   1.00 64.52 ? 38  VAL A CG1 1 
ATOM   346 C  CG2 . VAL A 1 42  ? -16.696 -3.455  7.254   1.00 67.32 ? 38  VAL A CG2 1 
ATOM   347 N  N   . GLY A 1 43  ? -18.273 -5.183  4.711   1.00 72.66 ? 39  GLY A N   1 
ATOM   348 C  CA  . GLY A 1 43  ? -17.582 -6.390  5.188   1.00 72.07 ? 39  GLY A CA  1 
ATOM   349 C  C   . GLY A 1 43  ? -17.470 -7.460  4.114   1.00 71.82 ? 39  GLY A C   1 
ATOM   350 O  O   . GLY A 1 43  ? -17.824 -8.623  4.336   1.00 73.62 ? 39  GLY A O   1 
ATOM   351 N  N   . ILE A 1 44  ? -16.989 -7.055  2.941   1.00 68.81 ? 40  ILE A N   1 
ATOM   352 C  CA  . ILE A 1 44  ? -16.635 -7.985  1.872   1.00 67.67 ? 40  ILE A CA  1 
ATOM   353 C  C   . ILE A 1 44  ? -15.277 -8.596  2.180   1.00 65.20 ? 40  ILE A C   1 
ATOM   354 O  O   . ILE A 1 44  ? -15.106 -9.811  2.112   1.00 65.78 ? 40  ILE A O   1 
ATOM   355 C  CB  . ILE A 1 44  ? -16.578 -7.279  0.500   1.00 66.43 ? 40  ILE A CB  1 
ATOM   356 C  CG1 . ILE A 1 44  ? -17.957 -7.266  -0.150  1.00 69.64 ? 40  ILE A CG1 1 
ATOM   357 C  CG2 . ILE A 1 44  ? -15.599 -7.975  -0.430  1.00 65.16 ? 40  ILE A CG2 1 
ATOM   358 C  CD1 . ILE A 1 44  ? -18.367 -8.604  -0.724  1.00 72.54 ? 40  ILE A CD1 1 
ATOM   359 N  N   . TYR A 1 45  ? -14.314 -7.735  2.510   1.00 62.22 ? 41  TYR A N   1 
ATOM   360 C  CA  . TYR A 1 45  ? -12.967 -8.172  2.857   1.00 59.79 ? 41  TYR A CA  1 
ATOM   361 C  C   . TYR A 1 45  ? -12.893 -8.649  4.301   1.00 58.50 ? 41  TYR A C   1 
ATOM   362 O  O   . TYR A 1 45  ? -13.744 -8.313  5.127   1.00 58.98 ? 41  TYR A O   1 
ATOM   363 C  CB  . TYR A 1 45  ? -11.953 -7.050  2.614   1.00 58.35 ? 41  TYR A CB  1 
ATOM   364 C  CG  . TYR A 1 45  ? -11.718 -6.799  1.148   1.00 59.18 ? 41  TYR A CG  1 
ATOM   365 C  CD1 . TYR A 1 45  ? -10.637 -7.365  0.491   1.00 59.10 ? 41  TYR A CD1 1 
ATOM   366 C  CD2 . TYR A 1 45  ? -12.602 -6.024  0.409   1.00 61.37 ? 41  TYR A CD2 1 
ATOM   367 C  CE1 . TYR A 1 45  ? -10.428 -7.146  -0.862  1.00 60.36 ? 41  TYR A CE1 1 
ATOM   368 C  CE2 . TYR A 1 45  ? -12.408 -5.803  -0.942  1.00 62.17 ? 41  TYR A CE2 1 
ATOM   369 C  CZ  . TYR A 1 45  ? -11.318 -6.365  -1.573  1.00 61.95 ? 41  TYR A CZ  1 
ATOM   370 O  OH  . TYR A 1 45  ? -11.116 -6.149  -2.916  1.00 64.39 ? 41  TYR A OH  1 
ATOM   371 N  N   . ASP A 1 46  ? -11.860 -9.435  4.586   1.00 56.82 ? 42  ASP A N   1 
ATOM   372 C  CA  . ASP A 1 46  ? -11.634 -9.967  5.923   1.00 57.30 ? 42  ASP A CA  1 
ATOM   373 C  C   . ASP A 1 46  ? -11.335 -8.833  6.896   1.00 54.24 ? 42  ASP A C   1 
ATOM   374 O  O   . ASP A 1 46  ? -10.809 -7.792  6.501   1.00 50.33 ? 42  ASP A O   1 
ATOM   375 C  CB  . ASP A 1 46  ? -10.464 -10.952 5.917   1.00 57.37 ? 42  ASP A CB  1 
ATOM   376 C  CG  . ASP A 1 46  ? -10.350 -11.723 7.215   1.00 59.69 ? 42  ASP A CG  1 
ATOM   377 O  OD1 . ASP A 1 46  ? -11.134 -12.674 7.411   1.00 63.65 ? 42  ASP A OD1 1 
ATOM   378 O  OD2 . ASP A 1 46  ? -9.483  -11.376 8.041   1.00 58.93 ? 42  ASP A OD2 1 
ATOM   379 N  N   . LYS A 1 47  ? -11.679 -9.051  8.164   1.00 55.07 ? 43  LYS A N   1 
ATOM   380 C  CA  . LYS A 1 47  ? -11.420 -8.089  9.232   1.00 53.63 ? 43  LYS A CA  1 
ATOM   381 C  C   . LYS A 1 47  ? -9.947  -7.695  9.255   1.00 50.20 ? 43  LYS A C   1 
ATOM   382 O  O   . LYS A 1 47  ? -9.621  -6.516  9.386   1.00 48.23 ? 43  LYS A O   1 
ATOM   383 C  CB  . LYS A 1 47  ? -11.846 -8.672  10.591  1.00 56.92 ? 43  LYS A CB  1 
ATOM   384 C  CG  . LYS A 1 47  ? -12.015 -7.636  11.691  1.00 57.42 ? 43  LYS A CG  1 
ATOM   385 C  CD  . LYS A 1 47  ? -12.431 -8.264  13.014  1.00 61.06 ? 43  LYS A CD  1 
ATOM   386 C  CE  . LYS A 1 47  ? -12.391 -7.244  14.147  1.00 61.47 ? 43  LYS A CE  1 
ATOM   387 N  NZ  . LYS A 1 47  ? -12.747 -7.842  15.468  1.00 65.14 ? 43  LYS A NZ  1 
ATOM   388 N  N   . ASN A 1 48  ? -9.061  -8.676  9.087   1.00 49.58 ? 44  ASN A N   1 
ATOM   389 C  CA  . ASN A 1 48  ? -7.616  -8.423  9.114   1.00 47.20 ? 44  ASN A CA  1 
ATOM   390 C  C   . ASN A 1 48  ? -7.109  -7.608  7.929   1.00 43.18 ? 44  ASN A C   1 
ATOM   391 O  O   . ASN A 1 48  ? -6.139  -6.875  8.061   1.00 41.00 ? 44  ASN A O   1 
ATOM   392 C  CB  . ASN A 1 48  ? -6.830  -9.736  9.215   1.00 49.30 ? 44  ASN A CB  1 
ATOM   393 C  CG  . ASN A 1 48  ? -7.058  -10.451 10.530  1.00 53.04 ? 44  ASN A CG  1 
ATOM   394 O  OD1 . ASN A 1 48  ? -7.437  -9.838  11.528  1.00 54.49 ? 44  ASN A OD1 1 
ATOM   395 N  ND2 . ASN A 1 48  ? -6.835  -11.764 10.538  1.00 56.51 ? 44  ASN A ND2 1 
ATOM   396 N  N   . PHE A 1 49  ? -7.757  -7.730  6.773   1.00 42.04 ? 45  PHE A N   1 
ATOM   397 C  CA  . PHE A 1 49  ? -7.381  -6.908  5.625   1.00 39.36 ? 45  PHE A CA  1 
ATOM   398 C  C   . PHE A 1 49  ? -7.739  -5.444  5.869   1.00 37.84 ? 45  PHE A C   1 
ATOM   399 O  O   . PHE A 1 49  ? -6.935  -4.556  5.601   1.00 35.95 ? 45  PHE A O   1 
ATOM   400 C  CB  . PHE A 1 49  ? -8.043  -7.393  4.340   1.00 40.30 ? 45  PHE A CB  1 
ATOM   401 C  CG  . PHE A 1 49  ? -7.582  -6.648  3.124   1.00 38.33 ? 45  PHE A CG  1 
ATOM   402 C  CD1 . PHE A 1 49  ? -6.297  -6.831  2.640   1.00 37.39 ? 45  PHE A CD1 1 
ATOM   403 C  CD2 . PHE A 1 49  ? -8.418  -5.747  2.478   1.00 38.57 ? 45  PHE A CD2 1 
ATOM   404 C  CE1 . PHE A 1 49  ? -5.853  -6.142  1.527   1.00 35.89 ? 45  PHE A CE1 1 
ATOM   405 C  CE2 . PHE A 1 49  ? -7.979  -5.050  1.357   1.00 37.28 ? 45  PHE A CE2 1 
ATOM   406 C  CZ  . PHE A 1 49  ? -6.693  -5.253  0.886   1.00 35.99 ? 45  PHE A CZ  1 
ATOM   407 N  N   . ILE A 1 50  ? -8.945  -5.204  6.376   1.00 39.11 ? 46  ILE A N   1 
ATOM   408 C  CA  . ILE A 1 50  ? -9.363  -3.852  6.751   1.00 38.26 ? 46  ILE A CA  1 
ATOM   409 C  C   . ILE A 1 50  ? -8.421  -3.268  7.817   1.00 37.04 ? 46  ILE A C   1 
ATOM   410 O  O   . ILE A 1 50  ? -8.052  -2.097  7.745   1.00 33.98 ? 46  ILE A O   1 
ATOM   411 C  CB  . ILE A 1 50  ? -10.812 -3.818  7.279   1.00 40.65 ? 46  ILE A CB  1 
ATOM   412 C  CG1 . ILE A 1 50  ? -11.813 -4.303  6.215   1.00 41.95 ? 46  ILE A CG1 1 
ATOM   413 C  CG2 . ILE A 1 50  ? -11.186 -2.409  7.715   1.00 40.97 ? 46  ILE A CG2 1 
ATOM   414 C  CD1 . ILE A 1 50  ? -11.676 -3.607  4.877   1.00 40.14 ? 46  ILE A CD1 1 
ATOM   415 N  N   . LYS A 1 51  ? -8.039  -4.094  8.795   1.00 38.32 ? 47  LYS A N   1 
ATOM   416 C  CA  . LYS A 1 51  ? -7.104  -3.681  9.849   1.00 38.40 ? 47  LYS A CA  1 
ATOM   417 C  C   . LYS A 1 51  ? -5.720  -3.318  9.300   1.00 36.30 ? 47  LYS A C   1 
ATOM   418 O  O   . LYS A 1 51  ? -5.071  -2.410  9.826   1.00 35.45 ? 47  LYS A O   1 
ATOM   419 C  CB  . LYS A 1 51  ? -6.989  -4.759  10.930  1.00 40.94 ? 47  LYS A CB  1 
ATOM   420 N  N   . SER A 1 52  ? -5.287  -3.997  8.237   1.00 35.97 ? 48  SER A N   1 
ATOM   421 C  CA  . SER A 1 52  ? -4.004  -3.701  7.602   1.00 34.44 ? 48  SER A CA  1 
ATOM   422 C  C   . SER A 1 52  ? -4.020  -2.328  6.947   1.00 32.66 ? 48  SER A C   1 
ATOM   423 O  O   . SER A 1 52  ? -3.025  -1.621  6.985   1.00 31.76 ? 48  SER A O   1 
ATOM   424 C  CB  . SER A 1 52  ? -3.629  -4.762  6.561   1.00 34.90 ? 48  SER A CB  1 
ATOM   425 O  OG  . SER A 1 52  ? -3.367  -6.013  7.180   1.00 38.54 ? 48  SER A OG  1 
ATOM   426 N  N   . ILE A 1 53  ? -5.154  -1.950  6.358   1.00 32.87 ? 49  ILE A N   1 
ATOM   427 C  CA  . ILE A 1 53  ? -5.291  -0.614  5.778   1.00 31.69 ? 49  ILE A CA  1 
ATOM   428 C  C   . ILE A 1 53  ? -5.328  0.439   6.883   1.00 31.63 ? 49  ILE A C   1 
ATOM   429 O  O   . ILE A 1 53  ? -4.725  1.494   6.745   1.00 30.06 ? 49  ILE A O   1 
ATOM   430 C  CB  . ILE A 1 53  ? -6.548  -0.486  4.898   1.00 32.19 ? 49  ILE A CB  1 
ATOM   431 C  CG1 . ILE A 1 53  ? -6.481  -1.462  3.722   1.00 32.10 ? 49  ILE A CG1 1 
ATOM   432 C  CG2 . ILE A 1 53  ? -6.680  0.936   4.372   1.00 31.55 ? 49  ILE A CG2 1 
ATOM   433 C  CD1 . ILE A 1 53  ? -7.769  -1.522  2.935   1.00 33.93 ? 49  ILE A CD1 1 
ATOM   434 N  N   . GLU A 1 54  ? -6.028  0.149   7.982   1.00 34.39 ? 50  GLU A N   1 
ATOM   435 C  CA  . GLU A 1 54  ? -6.048  1.065   9.127   1.00 36.10 ? 50  GLU A CA  1 
ATOM   436 C  C   . GLU A 1 54  ? -4.644  1.300   9.666   1.00 34.53 ? 50  GLU A C   1 
ATOM   437 O  O   . GLU A 1 54  ? -4.337  2.401   10.116  1.00 33.96 ? 50  GLU A O   1 
ATOM   438 C  CB  . GLU A 1 54  ? -6.931  0.546   10.268  1.00 40.48 ? 50  GLU A CB  1 
ATOM   439 C  CG  . GLU A 1 54  ? -8.334  1.128   10.309  1.00 44.73 ? 50  GLU A CG  1 
ATOM   440 C  CD  . GLU A 1 54  ? -8.355  2.650   10.385  1.00 45.92 ? 50  GLU A CD  1 
ATOM   441 O  OE1 . GLU A 1 54  ? -8.097  3.204   11.473  1.00 49.77 ? 50  GLU A OE1 1 
ATOM   442 O  OE2 . GLU A 1 54  ? -8.656  3.293   9.360   1.00 45.91 ? 50  GLU A OE2 1 
ATOM   443 N  N   . LEU A 1 55  ? -3.812  0.260   9.629   1.00 33.86 ? 51  LEU A N   1 
ATOM   444 C  CA  . LEU A 1 55  ? -2.434  0.332   10.120  1.00 33.86 ? 51  LEU A CA  1 
ATOM   445 C  C   . LEU A 1 55  ? -1.615  1.253   9.229   1.00 31.22 ? 51  LEU A C   1 
ATOM   446 O  O   . LEU A 1 55  ? -0.858  2.080   9.715   1.00 31.56 ? 51  LEU A O   1 
ATOM   447 C  CB  . LEU A 1 55  ? -1.786  -1.057  10.133  1.00 35.56 ? 51  LEU A CB  1 
ATOM   448 C  CG  . LEU A 1 55  ? -0.833  -1.376  11.286  1.00 38.52 ? 51  LEU A CG  1 
ATOM   449 C  CD1 . LEU A 1 55  ? 0.063   -2.546  10.897  1.00 39.11 ? 51  LEU A CD1 1 
ATOM   450 C  CD2 . LEU A 1 55  ? -0.003  -0.177  11.731  1.00 38.21 ? 51  LEU A CD2 1 
ATOM   451 N  N   . ILE A 1 56  ? -1.778  1.110   7.922   1.00 29.52 ? 52  ILE A N   1 
ATOM   452 C  CA  . ILE A 1 56  ? -1.073  1.961   6.968   1.00 27.83 ? 52  ILE A CA  1 
ATOM   453 C  C   . ILE A 1 56  ? -1.493  3.429   7.161   1.00 27.02 ? 52  ILE A C   1 
ATOM   454 O  O   . ILE A 1 56  ? -0.640  4.315   7.276   1.00 26.21 ? 52  ILE A O   1 
ATOM   455 C  CB  . ILE A 1 56  ? -1.317  1.504   5.517   1.00 27.87 ? 52  ILE A CB  1 
ATOM   456 C  CG1 . ILE A 1 56  ? -0.672  0.134   5.275   1.00 28.76 ? 52  ILE A CG1 1 
ATOM   457 C  CG2 . ILE A 1 56  ? -0.741  2.512   4.534   1.00 25.89 ? 52  ILE A CG2 1 
ATOM   458 C  CD1 . ILE A 1 56  ? -1.043  -0.492  3.941   1.00 28.68 ? 52  ILE A CD1 1 
ATOM   459 N  N   . LYS A 1 57  ? -2.797  3.674   7.234   1.00 27.29 ? 53  LYS A N   1 
ATOM   460 C  CA  . LYS A 1 57  ? -3.320  5.013   7.533   1.00 27.87 ? 53  LYS A CA  1 
ATOM   461 C  C   . LYS A 1 57  ? -2.779  5.598   8.839   1.00 28.34 ? 53  LYS A C   1 
ATOM   462 O  O   . LYS A 1 57  ? -2.376  6.758   8.877   1.00 28.12 ? 53  LYS A O   1 
ATOM   463 C  CB  . LYS A 1 57  ? -4.856  5.002   7.586   1.00 29.24 ? 53  LYS A CB  1 
ATOM   464 C  CG  . LYS A 1 57  ? -5.539  4.897   6.231   1.00 28.87 ? 53  LYS A CG  1 
ATOM   465 C  CD  . LYS A 1 57  ? -7.024  4.567   6.364   1.00 30.71 ? 53  LYS A CD  1 
ATOM   466 C  CE  . LYS A 1 57  ? -7.771  5.548   7.249   1.00 32.24 ? 53  LYS A CE  1 
ATOM   467 N  NZ  . LYS A 1 57  ? -9.243  5.297   7.264   1.00 33.72 ? 53  LYS A NZ  1 
ATOM   468 N  N   . ASP A 1 58  ? -2.775  4.806   9.907   1.00 29.58 ? 54  ASP A N   1 
ATOM   469 C  CA  . ASP A 1 58  ? -2.253  5.270   11.197  1.00 31.81 ? 54  ASP A CA  1 
ATOM   470 C  C   . ASP A 1 58  ? -0.785  5.684   11.100  1.00 30.64 ? 54  ASP A C   1 
ATOM   471 O  O   . ASP A 1 58  ? -0.367  6.689   11.681  1.00 29.92 ? 54  ASP A O   1 
ATOM   472 C  CB  . ASP A 1 58  ? -2.397  4.194   12.281  1.00 34.67 ? 54  ASP A CB  1 
ATOM   473 C  CG  . ASP A 1 58  ? -3.788  4.119   12.861  1.00 37.77 ? 54  ASP A CG  1 
ATOM   474 O  OD1 . ASP A 1 58  ? -4.506  5.143   12.884  1.00 40.26 ? 54  ASP A OD1 1 
ATOM   475 O  OD2 . ASP A 1 58  ? -4.161  3.025   13.329  1.00 41.11 ? 54  ASP A OD2 1 
ATOM   476 N  N   . ARG A 1 59  ? -0.005  4.907   10.363  1.00 30.00 ? 55  ARG A N   1 
ATOM   477 C  CA  . ARG A 1 59  ? 1.423   5.192   10.212  1.00 30.13 ? 55  ARG A CA  1 
ATOM   478 C  C   . ARG A 1 59  ? 1.702   6.394   9.330   1.00 28.25 ? 55  ARG A C   1 
ATOM   479 O  O   . ARG A 1 59  ? 2.653   7.129   9.584   1.00 28.04 ? 55  ARG A O   1 
ATOM   480 C  CB  . ARG A 1 59  ? 2.165   3.943   9.744   1.00 30.72 ? 55  ARG A CB  1 
ATOM   481 C  CG  . ARG A 1 59  ? 2.141   2.865   10.828  1.00 34.87 ? 55  ARG A CG  1 
ATOM   482 C  CD  . ARG A 1 59  ? 3.332   1.941   10.755  1.00 37.12 ? 55  ARG A CD  1 
ATOM   483 N  NE  . ARG A 1 59  ? 4.567   2.643   11.095  1.00 39.64 ? 55  ARG A NE  1 
ATOM   484 C  CZ  . ARG A 1 59  ? 5.746   2.423   10.523  1.00 39.82 ? 55  ARG A CZ  1 
ATOM   485 N  NH1 . ARG A 1 59  ? 5.871   1.524   9.558   1.00 41.18 ? 55  ARG A NH1 1 
ATOM   486 N  NH2 . ARG A 1 59  ? 6.807   3.118   10.897  1.00 40.55 ? 55  ARG A NH2 1 
HETATM 487 N  N   . MSE A 1 60  ? 0.856   6.618   8.327   1.00 28.01 ? 56  MSE A N   1 
HETATM 488 C  CA  . MSE A 1 60  ? 0.961   7.812   7.480   1.00 27.98 ? 56  MSE A CA  1 
HETATM 489 C  C   . MSE A 1 60  ? 0.678   9.046   8.295   1.00 29.57 ? 56  MSE A C   1 
HETATM 490 O  O   . MSE A 1 60  ? 1.328   10.077  8.112   1.00 29.83 ? 56  MSE A O   1 
HETATM 491 C  CB  . MSE A 1 60  ? 0.006   7.703   6.288   1.00 28.87 ? 56  MSE A CB  1 
HETATM 492 C  CG  . MSE A 1 60  ? 0.564   6.721   5.256   1.00 28.88 ? 56  MSE A CG  1 
HETATM 493 SE SE  . MSE A 1 60  ? -0.685  6.552   3.736   1.00 31.25 ? 56  MSE A SE  1 
HETATM 494 C  CE  . MSE A 1 60  ? -0.238  8.217   2.784   1.00 30.74 ? 56  MSE A CE  1 
ATOM   495 N  N   . LYS A 1 61  ? -0.278  8.956   9.217   1.00 31.01 ? 57  LYS A N   1 
ATOM   496 C  CA  . LYS A 1 61  ? -0.591  10.078  10.110  1.00 32.77 ? 57  LYS A CA  1 
ATOM   497 C  C   . LYS A 1 61  ? 0.514   10.352  11.142  1.00 33.67 ? 57  LYS A C   1 
ATOM   498 O  O   . LYS A 1 61  ? 0.711   11.499  11.532  1.00 35.05 ? 57  LYS A O   1 
ATOM   499 C  CB  . LYS A 1 61  ? -1.941  9.862   10.815  1.00 34.49 ? 57  LYS A CB  1 
ATOM   500 C  CG  . LYS A 1 61  ? -3.135  10.012  9.885   1.00 34.57 ? 57  LYS A CG  1 
ATOM   501 C  CD  . LYS A 1 61  ? -4.454  9.924   10.626  1.00 37.15 ? 57  LYS A CD  1 
ATOM   502 C  CE  . LYS A 1 61  ? -4.814  8.492   10.982  1.00 37.07 ? 57  LYS A CE  1 
ATOM   503 N  NZ  . LYS A 1 61  ? -6.194  8.428   11.543  1.00 39.18 ? 57  LYS A NZ  1 
ATOM   504 N  N   . SER A 1 62  ? 1.226   9.310   11.579  1.00 33.14 ? 58  SER A N   1 
ATOM   505 C  CA  . SER A 1 62  ? 2.241   9.455   12.622  1.00 34.29 ? 58  SER A CA  1 
ATOM   506 C  C   . SER A 1 62  ? 3.688   9.586   12.109  1.00 33.84 ? 58  SER A C   1 
ATOM   507 O  O   . SER A 1 62  ? 4.610   9.712   12.917  1.00 35.75 ? 58  SER A O   1 
ATOM   508 C  CB  . SER A 1 62  ? 2.134   8.298   13.622  1.00 35.50 ? 58  SER A CB  1 
ATOM   509 O  OG  . SER A 1 62  ? 2.544   7.073   13.041  1.00 34.64 ? 58  SER A OG  1 
ATOM   510 N  N   . ASN A 1 63  ? 3.881   9.585   10.785  1.00 31.14 ? 59  ASN A N   1 
ATOM   511 C  CA  . ASN A 1 63  ? 5.203   9.709   10.170  1.00 30.69 ? 59  ASN A CA  1 
ATOM   512 C  C   . ASN A 1 63  ? 5.252   10.843  9.138   1.00 31.35 ? 59  ASN A C   1 
ATOM   513 O  O   . ASN A 1 63  ? 4.210   11.362  8.728   1.00 30.91 ? 59  ASN A O   1 
ATOM   514 C  CB  . ASN A 1 63  ? 5.609   8.379   9.543   1.00 29.49 ? 59  ASN A CB  1 
ATOM   515 C  CG  . ASN A 1 63  ? 5.883   7.319   10.590  1.00 30.65 ? 59  ASN A CG  1 
ATOM   516 O  OD1 . ASN A 1 63  ? 5.002   6.534   10.975  1.00 30.86 ? 59  ASN A OD1 1 
ATOM   517 N  ND2 . ASN A 1 63  ? 7.087   7.326   11.093  1.00 30.98 ? 59  ASN A ND2 1 
ATOM   518 N  N   . SER A 1 64  ? 6.464   11.225  8.729   1.00 31.07 ? 60  SER A N   1 
ATOM   519 C  CA  . SER A 1 64  ? 6.654   12.413  7.893   1.00 31.57 ? 60  SER A CA  1 
ATOM   520 C  C   . SER A 1 64  ? 6.976   12.066  6.441   1.00 29.87 ? 60  SER A C   1 
ATOM   521 O  O   . SER A 1 64  ? 7.329   12.952  5.655   1.00 30.25 ? 60  SER A O   1 
ATOM   522 C  CB  . SER A 1 64  ? 7.739   13.316  8.488   1.00 33.72 ? 60  SER A CB  1 
ATOM   523 O  OG  . SER A 1 64  ? 9.012   12.721  8.372   1.00 35.25 ? 60  SER A OG  1 
ATOM   524 N  N   . SER A 1 65  ? 6.849   10.784  6.098   1.00 27.47 ? 61  SER A N   1 
ATOM   525 C  CA  . SER A 1 65  ? 6.930   10.317  4.720   1.00 26.61 ? 61  SER A CA  1 
ATOM   526 C  C   . SER A 1 65  ? 6.240   8.951   4.563   1.00 25.24 ? 61  SER A C   1 
ATOM   527 O  O   . SER A 1 65  ? 6.023   8.226   5.542   1.00 24.72 ? 61  SER A O   1 
ATOM   528 C  CB  . SER A 1 65  ? 8.389   10.243  4.242   1.00 26.70 ? 61  SER A CB  1 
ATOM   529 O  OG  . SER A 1 65  ? 9.095   9.178   4.860   1.00 26.72 ? 61  SER A OG  1 
ATOM   530 N  N   . LEU A 1 66  ? 5.871   8.623   3.331   1.00 25.02 ? 62  LEU A N   1 
ATOM   531 C  CA  . LEU A 1 66  ? 5.313   7.310   3.023   1.00 24.49 ? 62  LEU A CA  1 
ATOM   532 C  C   . LEU A 1 66  ? 6.382   6.238   3.233   1.00 23.45 ? 62  LEU A C   1 
ATOM   533 O  O   . LEU A 1 66  ? 6.082   5.140   3.682   1.00 24.92 ? 62  LEU A O   1 
ATOM   534 C  CB  . LEU A 1 66  ? 4.796   7.249   1.583   1.00 24.66 ? 62  LEU A CB  1 
ATOM   535 C  CG  . LEU A 1 66  ? 4.156   5.917   1.171   1.00 24.56 ? 62  LEU A CG  1 
ATOM   536 C  CD1 . LEU A 1 66  ? 2.931   5.624   2.023   1.00 25.90 ? 62  LEU A CD1 1 
ATOM   537 C  CD2 . LEU A 1 66  ? 3.807   5.908   -0.315  1.00 24.88 ? 62  LEU A CD2 1 
ATOM   538 N  N   . THR A 1 67  ? 7.628   6.556   2.902   1.00 23.82 ? 63  THR A N   1 
ATOM   539 C  CA  . THR A 1 67  ? 8.729   5.604   3.094   1.00 23.25 ? 63  THR A CA  1 
ATOM   540 C  C   . THR A 1 67  ? 8.838   5.180   4.566   1.00 23.83 ? 63  THR A C   1 
ATOM   541 O  O   . THR A 1 67  ? 8.945   3.997   4.873   1.00 23.97 ? 63  THR A O   1 
ATOM   542 C  CB  . THR A 1 67  ? 10.065  6.202   2.624   1.00 23.27 ? 63  THR A CB  1 
ATOM   543 O  OG1 . THR A 1 67  ? 9.981   6.520   1.218   1.00 23.23 ? 63  THR A OG1 1 
ATOM   544 C  CG2 . THR A 1 67  ? 11.194  5.226   2.863   1.00 23.75 ? 63  THR A CG2 1 
ATOM   545 N  N   . ASP A 1 68  ? 8.809   6.154   5.465   1.00 25.19 ? 64  ASP A N   1 
ATOM   546 C  CA  . ASP A 1 68  ? 8.847   5.872   6.902   1.00 26.57 ? 64  ASP A CA  1 
ATOM   547 C  C   . ASP A 1 68  ? 7.589   5.122   7.354   1.00 25.50 ? 64  ASP A C   1 
ATOM   548 O  O   . ASP A 1 68  ? 7.691   4.148   8.095   1.00 26.21 ? 64  ASP A O   1 
ATOM   549 C  CB  . ASP A 1 68  ? 9.022   7.162   7.716   1.00 28.48 ? 64  ASP A CB  1 
ATOM   550 C  CG  . ASP A 1 68  ? 10.431  7.759   7.604   1.00 30.52 ? 64  ASP A CG  1 
ATOM   551 O  OD1 . ASP A 1 68  ? 11.343  7.126   7.025   1.00 31.97 ? 64  ASP A OD1 1 
ATOM   552 O  OD2 . ASP A 1 68  ? 10.627  8.874   8.125   1.00 32.00 ? 64  ASP A OD2 1 
ATOM   553 N  N   . ALA A 1 69  ? 6.415   5.563   6.898   1.00 24.49 ? 65  ALA A N   1 
ATOM   554 C  CA  . ALA A 1 69  ? 5.145   4.898   7.260   1.00 24.79 ? 65  ALA A CA  1 
ATOM   555 C  C   . ALA A 1 69  ? 5.122   3.400   6.918   1.00 24.60 ? 65  ALA A C   1 
ATOM   556 O  O   . ALA A 1 69  ? 4.629   2.593   7.699   1.00 26.07 ? 65  ALA A O   1 
ATOM   557 C  CB  . ALA A 1 69  ? 3.959   5.600   6.603   1.00 23.23 ? 65  ALA A CB  1 
ATOM   558 N  N   . LEU A 1 70  ? 5.650   3.028   5.755   1.00 24.27 ? 66  LEU A N   1 
ATOM   559 C  CA  . LEU A 1 70  ? 5.626   1.622   5.304   1.00 24.26 ? 66  LEU A CA  1 
ATOM   560 C  C   . LEU A 1 70  ? 6.784   0.757   5.829   1.00 25.10 ? 66  LEU A C   1 
ATOM   561 O  O   . LEU A 1 70  ? 6.745   -0.469  5.730   1.00 24.66 ? 66  LEU A O   1 
ATOM   562 C  CB  . LEU A 1 70  ? 5.587   1.563   3.771   1.00 24.06 ? 66  LEU A CB  1 
ATOM   563 C  CG  . LEU A 1 70  ? 4.331   2.197   3.160   1.00 23.82 ? 66  LEU A CG  1 
ATOM   564 C  CD1 . LEU A 1 70  ? 4.364   2.115   1.647   1.00 23.66 ? 66  LEU A CD1 1 
ATOM   565 C  CD2 . LEU A 1 70  ? 3.085   1.516   3.715   1.00 25.23 ? 66  LEU A CD2 1 
ATOM   566 N  N   . THR A 1 71  ? 7.809   1.395   6.386   1.00 26.50 ? 67  THR A N   1 
ATOM   567 C  CA  . THR A 1 71  ? 8.930   0.682   6.977   1.00 27.38 ? 67  THR A CA  1 
ATOM   568 C  C   . THR A 1 71  ? 8.423   -0.214  8.099   1.00 28.93 ? 67  THR A C   1 
ATOM   569 O  O   . THR A 1 71  ? 7.786   0.264   9.032   1.00 30.33 ? 67  THR A O   1 
ATOM   570 C  CB  . THR A 1 71  ? 9.984   1.663   7.532   1.00 28.39 ? 67  THR A CB  1 
ATOM   571 O  OG1 . THR A 1 71  ? 10.496  2.459   6.455   1.00 28.40 ? 67  THR A OG1 1 
ATOM   572 C  CG2 . THR A 1 71  ? 11.137  0.909   8.206   1.00 30.71 ? 67  THR A CG2 1 
ATOM   573 N  N   . GLY A 1 72  ? 8.694   -1.513  7.997   1.00 29.31 ? 68  GLY A N   1 
ATOM   574 C  CA  . GLY A 1 72  ? 8.205   -2.487  8.972   1.00 31.08 ? 68  GLY A CA  1 
ATOM   575 C  C   . GLY A 1 72  ? 6.897   -3.153  8.567   1.00 30.83 ? 68  GLY A C   1 
ATOM   576 O  O   . GLY A 1 72  ? 6.533   -4.174  9.139   1.00 32.67 ? 68  GLY A O   1 
ATOM   577 N  N   . LEU A 1 73  ? 6.198   -2.589  7.577   1.00 28.94 ? 69  LEU A N   1 
ATOM   578 C  CA  . LEU A 1 73  ? 4.925   -3.151  7.084   1.00 29.06 ? 69  LEU A CA  1 
ATOM   579 C  C   . LEU A 1 73  ? 5.068   -3.897  5.742   1.00 28.63 ? 69  LEU A C   1 
ATOM   580 O  O   . LEU A 1 73  ? 4.306   -4.830  5.470   1.00 29.74 ? 69  LEU A O   1 
ATOM   581 C  CB  . LEU A 1 73  ? 3.873   -2.050  6.919   1.00 28.43 ? 69  LEU A CB  1 
ATOM   582 C  CG  . LEU A 1 73  ? 3.396   -1.258  8.143   1.00 29.17 ? 69  LEU A CG  1 
ATOM   583 C  CD1 . LEU A 1 73  ? 2.290   -0.281  7.740   1.00 27.74 ? 69  LEU A CD1 1 
ATOM   584 C  CD2 . LEU A 1 73  ? 2.909   -2.193  9.230   1.00 30.56 ? 69  LEU A CD2 1 
ATOM   585 N  N   . ILE A 1 74  ? 6.020   -3.471  4.909   1.00 27.14 ? 70  ILE A N   1 
ATOM   586 C  CA  . ILE A 1 74  ? 6.361   -4.174  3.666   1.00 27.03 ? 70  ILE A CA  1 
ATOM   587 C  C   . ILE A 1 74  ? 7.870   -4.505  3.658   1.00 27.68 ? 70  ILE A C   1 
ATOM   588 O  O   . ILE A 1 74  ? 8.644   -3.845  4.351   1.00 26.86 ? 70  ILE A O   1 
ATOM   589 C  CB  . ILE A 1 74  ? 5.970   -3.337  2.429   1.00 25.19 ? 70  ILE A CB  1 
ATOM   590 C  CG1 . ILE A 1 74  ? 6.843   -2.083  2.293   1.00 24.74 ? 70  ILE A CG1 1 
ATOM   591 C  CG2 . ILE A 1 74  ? 4.495   -2.951  2.518   1.00 24.99 ? 70  ILE A CG2 1 
ATOM   592 C  CD1 . ILE A 1 74  ? 6.511   -1.234  1.074   1.00 24.27 ? 70  ILE A CD1 1 
ATOM   593 N  N   . PRO A 1 75  ? 8.290   -5.526  2.882   1.00 28.06 ? 71  PRO A N   1 
ATOM   594 C  CA  . PRO A 1 75  ? 9.713   -5.895  2.889   1.00 29.81 ? 71  PRO A CA  1 
ATOM   595 C  C   . PRO A 1 75  ? 10.633  -4.716  2.565   1.00 29.07 ? 71  PRO A C   1 
ATOM   596 O  O   . PRO A 1 75  ? 10.254  -3.823  1.803   1.00 27.04 ? 71  PRO A O   1 
ATOM   597 C  CB  . PRO A 1 75  ? 9.803   -6.962  1.803   1.00 31.01 ? 71  PRO A CB  1 
ATOM   598 C  CG  . PRO A 1 75  ? 8.453   -7.579  1.770   1.00 31.22 ? 71  PRO A CG  1 
ATOM   599 C  CD  . PRO A 1 75  ? 7.486   -6.476  2.090   1.00 29.07 ? 71  PRO A CD  1 
ATOM   600 N  N   . ASP A 1 76  ? 11.834  -4.716  3.133   1.00 30.96 ? 72  ASP A N   1 
ATOM   601 C  CA  . ASP A 1 76  ? 12.776  -3.619  2.904   1.00 31.99 ? 72  ASP A CA  1 
ATOM   602 C  C   . ASP A 1 76  ? 12.995  -3.334  1.416   1.00 30.27 ? 72  ASP A C   1 
ATOM   603 O  O   . ASP A 1 76  ? 13.107  -2.175  1.036   1.00 29.30 ? 72  ASP A O   1 
ATOM   604 C  CB  . ASP A 1 76  ? 14.123  -3.871  3.608   1.00 35.19 ? 72  ASP A CB  1 
ATOM   605 C  CG  . ASP A 1 76  ? 14.050  -3.668  5.127   1.00 38.09 ? 72  ASP A CG  1 
ATOM   606 O  OD1 . ASP A 1 76  ? 13.120  -2.998  5.625   1.00 40.15 ? 72  ASP A OD1 1 
ATOM   607 O  OD2 . ASP A 1 76  ? 14.939  -4.172  5.836   1.00 43.24 ? 72  ASP A OD2 1 
ATOM   608 N  N   . LYS A 1 77  ? 13.031  -4.365  0.574   1.00 30.64 ? 73  LYS A N   1 
ATOM   609 C  CA  . LYS A 1 77  ? 13.251  -4.143  -0.862  1.00 31.19 ? 73  LYS A CA  1 
ATOM   610 C  C   . LYS A 1 77  ? 12.101  -3.359  -1.510  1.00 28.73 ? 73  LYS A C   1 
ATOM   611 O  O   . LYS A 1 77  ? 12.313  -2.572  -2.434  1.00 28.38 ? 73  LYS A O   1 
ATOM   612 C  CB  . LYS A 1 77  ? 13.531  -5.458  -1.610  1.00 33.74 ? 73  LYS A CB  1 
ATOM   613 C  CG  . LYS A 1 77  ? 12.341  -6.366  -1.859  1.00 35.17 ? 73  LYS A CG  1 
ATOM   614 C  CD  . LYS A 1 77  ? 12.676  -7.468  -2.865  1.00 38.38 ? 73  LYS A CD  1 
ATOM   615 C  CE  . LYS A 1 77  ? 13.300  -8.674  -2.198  1.00 41.33 ? 73  LYS A CE  1 
ATOM   616 N  NZ  . LYS A 1 77  ? 13.601  -9.786  -3.158  1.00 44.96 ? 73  LYS A NZ  1 
ATOM   617 N  N   . GLU A 1 78  ? 10.888  -3.556  -1.008  1.00 27.60 ? 74  GLU A N   1 
ATOM   618 C  CA  . GLU A 1 78  ? 9.733   -2.797  -1.489  1.00 26.41 ? 74  GLU A CA  1 
ATOM   619 C  C   . GLU A 1 78  ? 9.772   -1.364  -0.947  1.00 25.65 ? 74  GLU A C   1 
ATOM   620 O  O   . GLU A 1 78  ? 9.431   -0.433  -1.654  1.00 24.67 ? 74  GLU A O   1 
ATOM   621 C  CB  . GLU A 1 78  ? 8.431   -3.520  -1.126  1.00 26.56 ? 74  GLU A CB  1 
ATOM   622 C  CG  . GLU A 1 78  ? 8.403   -4.942  -1.683  1.00 28.60 ? 74  GLU A CG  1 
ATOM   623 C  CD  . GLU A 1 78  ? 7.060   -5.638  -1.582  1.00 29.79 ? 74  GLU A CD  1 
ATOM   624 O  OE1 . GLU A 1 78  ? 6.070   -5.003  -1.179  1.00 30.16 ? 74  GLU A OE1 1 
ATOM   625 O  OE2 . GLU A 1 78  ? 7.008   -6.843  -1.910  1.00 32.16 ? 74  GLU A OE2 1 
ATOM   626 N  N   . VAL A 1 79  ? 10.203  -1.183  0.303   1.00 26.14 ? 75  VAL A N   1 
ATOM   627 C  CA  . VAL A 1 79  ? 10.348  0.168   0.874   1.00 25.79 ? 75  VAL A CA  1 
ATOM   628 C  C   . VAL A 1 79  ? 11.318  1.009   0.037   1.00 26.58 ? 75  VAL A C   1 
ATOM   629 O  O   . VAL A 1 79  ? 11.072  2.183   -0.225  1.00 25.49 ? 75  VAL A O   1 
ATOM   630 C  CB  . VAL A 1 79  ? 10.861  0.114   2.326   1.00 26.99 ? 75  VAL A CB  1 
ATOM   631 C  CG1 . VAL A 1 79  ? 11.250  1.505   2.815   1.00 27.72 ? 75  VAL A CG1 1 
ATOM   632 C  CG2 . VAL A 1 79  ? 9.825   -0.522  3.246   1.00 27.23 ? 75  VAL A CG2 1 
ATOM   633 N  N   . LEU A 1 80  ? 12.413  0.383   -0.393  1.00 27.60 ? 76  LEU A N   1 
ATOM   634 C  CA  . LEU A 1 80  ? 13.408  1.043   -1.222  1.00 28.92 ? 76  LEU A CA  1 
ATOM   635 C  C   . LEU A 1 80  ? 12.765  1.569   -2.523  1.00 28.31 ? 76  LEU A C   1 
ATOM   636 O  O   . LEU A 1 80  ? 13.003  2.717   -2.932  1.00 26.88 ? 76  LEU A O   1 
ATOM   637 C  CB  . LEU A 1 80  ? 14.554  0.062   -1.528  1.00 31.35 ? 76  LEU A CB  1 
ATOM   638 C  CG  . LEU A 1 80  ? 15.866  0.617   -2.083  1.00 33.98 ? 76  LEU A CG  1 
ATOM   639 C  CD1 . LEU A 1 80  ? 16.928  -0.470  -2.132  1.00 35.15 ? 76  LEU A CD1 1 
ATOM   640 C  CD2 . LEU A 1 80  ? 15.650  1.198   -3.464  1.00 35.85 ? 76  LEU A CD2 1 
HETATM 641 N  N   . MSE A 1 81  ? 11.935  0.749   -3.164  1.00 27.18 ? 77  MSE A N   1 
HETATM 642 C  CA  . MSE A 1 81  ? 11.262  1.193   -4.400  1.00 27.54 ? 77  MSE A CA  1 
HETATM 643 C  C   . MSE A 1 81  ? 10.225  2.272   -4.132  1.00 25.60 ? 77  MSE A C   1 
HETATM 644 O  O   . MSE A 1 81  ? 10.033  3.168   -4.958  1.00 23.50 ? 77  MSE A O   1 
HETATM 645 C  CB  A MSE A 1 81  ? 10.560  0.014   -5.069  0.50 28.95 ? 77  MSE A CB  1 
HETATM 646 C  CB  B MSE A 1 81  ? 10.720  0.023   -5.230  0.50 28.95 ? 77  MSE A CB  1 
HETATM 647 C  CG  A MSE A 1 81  ? 11.567  -0.937  -5.679  0.50 31.51 ? 77  MSE A CG  1 
HETATM 648 C  CG  B MSE A 1 81  ? 11.858  -0.883  -5.715  0.50 31.41 ? 77  MSE A CG  1 
HETATM 649 SE SE  A MSE A 1 81  ? 12.030  -0.166  -7.418  0.50 35.76 ? 77  MSE A SE  1 
HETATM 650 SE SE  B MSE A 1 81  ? 13.145  0.009   -6.931  0.50 35.73 ? 77  MSE A SE  1 
HETATM 651 C  CE  A MSE A 1 81  ? 13.893  0.357   -7.022  0.50 36.02 ? 77  MSE A CE  1 
HETATM 652 C  CE  B MSE A 1 81  ? 14.699  0.103   -5.738  0.50 34.53 ? 77  MSE A CE  1 
ATOM   653 N  N   . ILE A 1 82  ? 9.568   2.210   -2.978  1.00 23.97 ? 78  ILE A N   1 
ATOM   654 C  CA  . ILE A 1 82  ? 8.644   3.271   -2.549  1.00 23.77 ? 78  ILE A CA  1 
ATOM   655 C  C   . ILE A 1 82  ? 9.401   4.586   -2.363  1.00 23.56 ? 78  ILE A C   1 
ATOM   656 O  O   . ILE A 1 82  ? 8.924   5.632   -2.775  1.00 23.57 ? 78  ILE A O   1 
ATOM   657 C  CB  . ILE A 1 82  ? 7.873   2.868   -1.247  1.00 23.31 ? 78  ILE A CB  1 
ATOM   658 C  CG1 . ILE A 1 82  ? 6.859   1.759   -1.552  1.00 23.85 ? 78  ILE A CG1 1 
ATOM   659 C  CG2 . ILE A 1 82  ? 7.177   4.067   -0.587  1.00 23.32 ? 78  ILE A CG2 1 
ATOM   660 C  CD1 . ILE A 1 82  ? 5.619   2.194   -2.312  1.00 24.21 ? 78  ILE A CD1 1 
ATOM   661 N  N   . ASN A 1 83  ? 10.602  4.531   -1.785  1.00 24.02 ? 79  ASN A N   1 
ATOM   662 C  CA  . ASN A 1 83  ? 11.400  5.732   -1.594  1.00 24.06 ? 79  ASN A CA  1 
ATOM   663 C  C   . ASN A 1 83  ? 11.774  6.398   -2.918  1.00 25.10 ? 79  ASN A C   1 
ATOM   664 O  O   . ASN A 1 83  ? 11.718  7.624   -3.015  1.00 24.43 ? 79  ASN A O   1 
ATOM   665 C  CB  . ASN A 1 83  ? 12.654  5.431   -0.772  1.00 24.67 ? 79  ASN A CB  1 
ATOM   666 C  CG  . ASN A 1 83  ? 13.425  6.680   -0.416  1.00 25.24 ? 79  ASN A CG  1 
ATOM   667 O  OD1 . ASN A 1 83  ? 12.883  7.613   0.190   1.00 28.07 ? 79  ASN A OD1 1 
ATOM   668 N  ND2 . ASN A 1 83  ? 14.683  6.710   -0.776  1.00 25.54 ? 79  ASN A ND2 1 
ATOM   669 N  N   . VAL A 1 84  ? 12.126  5.616   -3.941  1.00 25.86 ? 80  VAL A N   1 
ATOM   670 C  CA  . VAL A 1 84  ? 12.465  6.240   -5.231  1.00 27.50 ? 80  VAL A CA  1 
ATOM   671 C  C   . VAL A 1 84  ? 11.203  6.834   -5.868  1.00 27.71 ? 80  VAL A C   1 
ATOM   672 O  O   . VAL A 1 84  ? 11.242  7.955   -6.389  1.00 28.22 ? 80  VAL A O   1 
ATOM   673 C  CB  . VAL A 1 84  ? 13.279  5.350   -6.233  1.00 30.22 ? 80  VAL A CB  1 
ATOM   674 C  CG1 . VAL A 1 84  ? 14.119  4.286   -5.531  1.00 29.22 ? 80  VAL A CG1 1 
ATOM   675 C  CG2 . VAL A 1 84  ? 12.417  4.759   -7.328  1.00 31.72 ? 80  VAL A CG2 1 
ATOM   676 N  N   . ALA A 1 85  ? 10.088  6.105   -5.796  1.00 27.20 ? 81  ALA A N   1 
ATOM   677 C  CA  . ALA A 1 85  ? 8.801   6.578   -6.336  1.00 27.99 ? 81  ALA A CA  1 
ATOM   678 C  C   . ALA A 1 85  ? 8.317   7.841   -5.629  1.00 27.89 ? 81  ALA A C   1 
ATOM   679 O  O   . ALA A 1 85  ? 7.797   8.752   -6.272  1.00 29.61 ? 81  ALA A O   1 
ATOM   680 C  CB  . ALA A 1 85  ? 7.746   5.488   -6.236  1.00 27.98 ? 81  ALA A CB  1 
ATOM   681 N  N   . GLU A 1 86  ? 8.494   7.901   -4.312  1.00 27.36 ? 82  GLU A N   1 
ATOM   682 C  CA  . GLU A 1 86  ? 8.081   9.077   -3.529  1.00 28.20 ? 82  GLU A CA  1 
ATOM   683 C  C   . GLU A 1 86  ? 8.855   10.311  -3.962  1.00 30.15 ? 82  GLU A C   1 
ATOM   684 O  O   . GLU A 1 86  ? 8.285   11.392  -4.135  1.00 30.48 ? 82  GLU A O   1 
ATOM   685 C  CB  . GLU A 1 86  ? 8.275   8.813   -2.031  1.00 27.45 ? 82  GLU A CB  1 
ATOM   686 C  CG  . GLU A 1 86  ? 7.666   9.877   -1.146  1.00 28.90 ? 82  GLU A CG  1 
ATOM   687 C  CD  . GLU A 1 86  ? 7.494   9.436   0.294   1.00 28.53 ? 82  GLU A CD  1 
ATOM   688 O  OE1 . GLU A 1 86  ? 8.293   8.599   0.780   1.00 27.80 ? 82  GLU A OE1 1 
ATOM   689 O  OE2 . GLU A 1 86  ? 6.548   9.938   0.940   1.00 28.74 ? 82  GLU A OE2 1 
ATOM   690 N  N   . ASN A 1 87  ? 10.155  10.136  -4.161  1.00 31.36 ? 83  ASN A N   1 
ATOM   691 C  CA  . ASN A 1 87  ? 11.030  11.211  -4.615  1.00 34.03 ? 83  ASN A CA  1 
ATOM   692 C  C   . ASN A 1 87  ? 10.780  11.663  -6.044  1.00 35.97 ? 83  ASN A C   1 
ATOM   693 O  O   . ASN A 1 87  ? 10.838  12.853  -6.330  1.00 37.19 ? 83  ASN A O   1 
ATOM   694 C  CB  . ASN A 1 87  ? 12.489  10.787  -4.471  1.00 35.46 ? 83  ASN A CB  1 
ATOM   695 C  CG  . ASN A 1 87  ? 12.992  10.952  -3.062  1.00 35.66 ? 83  ASN A CG  1 
ATOM   696 O  OD1 . ASN A 1 87  ? 13.314  12.060  -2.644  1.00 37.96 ? 83  ASN A OD1 1 
ATOM   697 N  ND2 . ASN A 1 87  ? 13.054  9.863   -2.319  1.00 34.43 ? 83  ASN A ND2 1 
ATOM   698 N  N   . SER A 1 88  ? 10.504  10.718  -6.935  1.00 35.10 ? 84  SER A N   1 
ATOM   699 C  CA  . SER A 1 88  ? 10.283  11.034  -8.339  1.00 37.30 ? 84  SER A CA  1 
ATOM   700 C  C   . SER A 1 88  ? 8.834   11.416  -8.632  1.00 37.57 ? 84  SER A C   1 
ATOM   701 O  O   . SER A 1 88  ? 8.521   11.856  -9.732  1.00 39.79 ? 84  SER A O   1 
ATOM   702 C  CB  . SER A 1 88  ? 10.686  9.844   -9.207  1.00 37.79 ? 84  SER A CB  1 
ATOM   703 O  OG  . SER A 1 88  ? 9.964   8.692   -8.840  1.00 36.55 ? 84  SER A OG  1 
ATOM   704 N  N   . GLY A 1 89  ? 7.953   11.251  -7.651  1.00 36.98 ? 85  GLY A N   1 
ATOM   705 C  CA  . GLY A 1 89  ? 6.544   11.547  -7.831  1.00 37.97 ? 85  GLY A CA  1 
ATOM   706 C  C   . GLY A 1 89  ? 5.924   10.619  -8.854  1.00 39.54 ? 85  GLY A C   1 
ATOM   707 O  O   . GLY A 1 89  ? 5.246   11.067  -9.775  1.00 42.33 ? 85  GLY A O   1 
ATOM   708 N  N   . LYS A 1 90  ? 6.182   9.324   -8.698  1.00 37.70 ? 86  LYS A N   1 
ATOM   709 C  CA  . LYS A 1 90  ? 5.624   8.299   -9.566  1.00 38.13 ? 86  LYS A CA  1 
ATOM   710 C  C   . LYS A 1 90  ? 5.109   7.144   -8.705  1.00 35.55 ? 86  LYS A C   1 
ATOM   711 O  O   . LYS A 1 90  ? 5.490   6.002   -8.922  1.00 34.62 ? 86  LYS A O   1 
ATOM   712 C  CB  . LYS A 1 90  ? 6.701   7.771   -10.521 1.00 39.41 ? 86  LYS A CB  1 
ATOM   713 C  CG  . LYS A 1 90  ? 7.313   8.803   -11.454 1.00 42.69 ? 86  LYS A CG  1 
ATOM   714 C  CD  . LYS A 1 90  ? 6.344   9.195   -12.551 1.00 44.92 ? 86  LYS A CD  1 
ATOM   715 C  CE  . LYS A 1 90  ? 6.922   10.276  -13.449 1.00 48.23 ? 86  LYS A CE  1 
ATOM   716 N  NZ  . LYS A 1 90  ? 5.882   10.883  -14.329 1.00 50.79 ? 86  LYS A NZ  1 
ATOM   717 N  N   . ILE A 1 91  ? 4.249   7.431   -7.732  1.00 35.05 ? 87  ILE A N   1 
ATOM   718 C  CA  . ILE A 1 91  ? 3.834   6.404   -6.773  1.00 33.07 ? 87  ILE A CA  1 
ATOM   719 C  C   . ILE A 1 91  ? 3.128   5.233   -7.465  1.00 33.41 ? 87  ILE A C   1 
ATOM   720 O  O   . ILE A 1 91  ? 3.447   4.069   -7.204  1.00 31.64 ? 87  ILE A O   1 
ATOM   721 C  CB  . ILE A 1 91  ? 2.930   6.959   -5.651  1.00 34.28 ? 87  ILE A CB  1 
ATOM   722 C  CG1 . ILE A 1 91  ? 3.624   8.086   -4.877  1.00 34.99 ? 87  ILE A CG1 1 
ATOM   723 C  CG2 . ILE A 1 91  ? 2.557   5.855   -4.675  1.00 31.86 ? 87  ILE A CG2 1 
ATOM   724 C  CD1 . ILE A 1 91  ? 4.940   7.681   -4.256  1.00 33.89 ? 87  ILE A CD1 1 
ATOM   725 N  N   . SER A 1 92  ? 2.196   5.540   -8.368  1.00 33.33 ? 88  SER A N   1 
ATOM   726 C  CA  . SER A 1 92  ? 1.395   4.509   -9.021  1.00 34.89 ? 88  SER A CA  1 
ATOM   727 C  C   . SER A 1 92  ? 2.247   3.526   -9.826  1.00 35.89 ? 88  SER A C   1 
ATOM   728 O  O   . SER A 1 92  ? 2.070   2.317   -9.713  1.00 36.30 ? 88  SER A O   1 
ATOM   729 C  CB  . SER A 1 92  ? 0.353   5.145   -9.945  1.00 36.88 ? 88  SER A CB  1 
ATOM   730 O  OG  . SER A 1 92  ? -0.435  4.145   -10.569 1.00 38.93 ? 88  SER A OG  1 
ATOM   731 N  N   . SER A 1 93  ? 3.159   4.051   -10.640 1.00 37.00 ? 89  SER A N   1 
ATOM   732 C  CA  . SER A 1 93  ? 4.034   3.209   -11.458 1.00 38.17 ? 89  SER A CA  1 
ATOM   733 C  C   . SER A 1 93  ? 5.044   2.439   -10.606 1.00 35.53 ? 89  SER A C   1 
ATOM   734 O  O   . SER A 1 93  ? 5.418   1.321   -10.957 1.00 34.55 ? 89  SER A O   1 
ATOM   735 C  CB  . SER A 1 93  ? 4.750   4.037   -12.533 1.00 41.13 ? 89  SER A CB  1 
ATOM   736 O  OG  . SER A 1 93  ? 5.589   5.012   -11.945 1.00 42.43 ? 89  SER A OG  1 
ATOM   737 N  N   . GLY A 1 94  ? 5.466   3.025   -9.486  1.00 33.68 ? 90  GLY A N   1 
ATOM   738 C  CA  . GLY A 1 94  ? 6.329   2.333   -8.528  1.00 32.17 ? 90  GLY A CA  1 
ATOM   739 C  C   . GLY A 1 94  ? 5.623   1.164   -7.848  1.00 31.17 ? 90  GLY A C   1 
ATOM   740 O  O   . GLY A 1 94  ? 6.167   0.062   -7.743  1.00 29.77 ? 90  GLY A O   1 
ATOM   741 N  N   . ILE A 1 95  ? 4.400   1.408   -7.387  1.00 30.63 ? 91  ILE A N   1 
ATOM   742 C  CA  . ILE A 1 95  ? 3.562   0.346   -6.835  1.00 29.86 ? 91  ILE A CA  1 
ATOM   743 C  C   . ILE A 1 95  ? 3.269   -0.723  -7.891  1.00 30.50 ? 91  ILE A C   1 
ATOM   744 O  O   . ILE A 1 95  ? 3.294   -1.915  -7.587  1.00 30.58 ? 91  ILE A O   1 
ATOM   745 C  CB  . ILE A 1 95  ? 2.247   0.910   -6.249  1.00 29.41 ? 91  ILE A CB  1 
ATOM   746 C  CG1 . ILE A 1 95  ? 2.546   1.768   -5.015  1.00 28.42 ? 91  ILE A CG1 1 
ATOM   747 C  CG2 . ILE A 1 95  ? 1.303   -0.219  -5.855  1.00 30.08 ? 91  ILE A CG2 1 
ATOM   748 C  CD1 . ILE A 1 95  ? 1.324   2.486   -4.483  1.00 28.66 ? 91  ILE A CD1 1 
ATOM   749 N  N   . ALA A 1 96  ? 3.022   -0.312  -9.137  1.00 32.10 ? 92  ALA A N   1 
ATOM   750 C  CA  . ALA A 1 96  ? 2.772   -1.269  -10.216 1.00 33.72 ? 92  ALA A CA  1 
ATOM   751 C  C   . ALA A 1 96  ? 3.976   -2.188  -10.448 1.00 34.73 ? 92  ALA A C   1 
ATOM   752 O  O   . ALA A 1 96  ? 3.814   -3.382  -10.684 1.00 35.82 ? 92  ALA A O   1 
ATOM   753 C  CB  . ALA A 1 96  ? 2.400   -0.547  -11.504 1.00 35.74 ? 92  ALA A CB  1 
ATOM   754 N  N   . ALA A 1 97  ? 5.180   -1.624  -10.373 1.00 34.18 ? 93  ALA A N   1 
ATOM   755 C  CA  . ALA A 1 97  ? 6.413   -2.390  -10.569 1.00 34.88 ? 93  ALA A CA  1 
ATOM   756 C  C   . ALA A 1 97  ? 6.669   -3.356  -9.405  1.00 33.47 ? 93  ALA A C   1 
ATOM   757 O  O   . ALA A 1 97  ? 7.131   -4.474  -9.619  1.00 34.91 ? 93  ALA A O   1 
ATOM   758 C  CB  . ALA A 1 97  ? 7.598   -1.446  -10.753 1.00 35.03 ? 93  ALA A CB  1 
ATOM   759 N  N   . ILE A 1 98  ? 6.371   -2.926  -8.181  1.00 32.09 ? 94  ILE A N   1 
ATOM   760 C  CA  . ILE A 1 98  ? 6.452   -3.805  -7.009  1.00 31.45 ? 94  ILE A CA  1 
ATOM   761 C  C   . ILE A 1 98  ? 5.504   -5.000  -7.163  1.00 32.85 ? 94  ILE A C   1 
ATOM   762 O  O   . ILE A 1 98  ? 5.905   -6.156  -6.973  1.00 32.28 ? 94  ILE A O   1 
ATOM   763 C  CB  . ILE A 1 98  ? 6.132   -3.056  -5.699  1.00 29.75 ? 94  ILE A CB  1 
ATOM   764 C  CG1 . ILE A 1 98  ? 7.259   -2.078  -5.351  1.00 29.04 ? 94  ILE A CG1 1 
ATOM   765 C  CG2 . ILE A 1 98  ? 5.963   -4.033  -4.546  1.00 29.77 ? 94  ILE A CG2 1 
ATOM   766 C  CD1 . ILE A 1 98  ? 6.875   -1.072  -4.294  1.00 27.25 ? 94  ILE A CD1 1 
ATOM   767 N  N   . ARG A 1 99  ? 4.253   -4.717  -7.517  1.00 33.42 ? 95  ARG A N   1 
ATOM   768 C  CA  . ARG A 1 99  ? 3.257   -5.765  -7.772  1.00 35.91 ? 95  ARG A CA  1 
ATOM   769 C  C   . ARG A 1 99  ? 3.731   -6.744  -8.839  1.00 37.92 ? 95  ARG A C   1 
ATOM   770 O  O   . ARG A 1 99  ? 3.621   -7.955  -8.664  1.00 38.52 ? 95  ARG A O   1 
ATOM   771 C  CB  . ARG A 1 99  ? 1.918   -5.137  -8.188  1.00 36.81 ? 95  ARG A CB  1 
ATOM   772 C  CG  . ARG A 1 99  ? 0.785   -6.129  -8.399  1.00 39.86 ? 95  ARG A CG  1 
ATOM   773 C  CD  . ARG A 1 99  ? -0.458  -5.426  -8.927  1.00 41.73 ? 95  ARG A CD  1 
ATOM   774 N  NE  . ARG A 1 99  ? -1.418  -6.344  -9.543  1.00 45.28 ? 95  ARG A NE  1 
ATOM   775 C  CZ  . ARG A 1 99  ? -1.427  -6.716  -10.825 1.00 47.93 ? 95  ARG A CZ  1 
ATOM   776 N  NH1 . ARG A 1 99  ? -2.373  -7.542  -11.251 1.00 50.99 ? 95  ARG A NH1 1 
ATOM   777 N  NH2 . ARG A 1 99  ? -0.509  -6.286  -11.688 1.00 48.58 ? 95  ARG A NH2 1 
ATOM   778 N  N   . LYS A 1 100 ? 4.265   -6.223  -9.939  1.00 39.51 ? 96  LYS A N   1 
ATOM   779 C  CA  . LYS A 1 100 ? 4.802   -7.070  -11.000 1.00 42.26 ? 96  LYS A CA  1 
ATOM   780 C  C   . LYS A 1 100 ? 5.898   -8.003  -10.487 1.00 42.69 ? 96  LYS A C   1 
ATOM   781 O  O   . LYS A 1 100 ? 5.909   -9.187  -10.818 1.00 44.27 ? 96  LYS A O   1 
ATOM   782 C  CB  . LYS A 1 100 ? 5.347   -6.223  -12.153 1.00 44.15 ? 96  LYS A CB  1 
ATOM   783 C  CG  . LYS A 1 100 ? 5.727   -7.046  -13.370 1.00 47.86 ? 96  LYS A CG  1 
ATOM   784 C  CD  . LYS A 1 100 ? 6.293   -6.203  -14.499 1.00 49.90 ? 96  LYS A CD  1 
ATOM   785 C  CE  . LYS A 1 100 ? 6.497   -7.054  -15.744 1.00 53.46 ? 96  LYS A CE  1 
ATOM   786 N  NZ  . LYS A 1 100 ? 7.466   -6.452  -16.699 1.00 55.87 ? 96  LYS A NZ  1 
ATOM   787 N  N   . ASN A 1 101 ? 6.814   -7.465  -9.685  1.00 41.23 ? 97  ASN A N   1 
ATOM   788 C  CA  . ASN A 1 101 ? 7.903   -8.254  -9.101  1.00 42.29 ? 97  ASN A CA  1 
ATOM   789 C  C   . ASN A 1 101 ? 7.407   -9.430  -8.275  1.00 42.76 ? 97  ASN A C   1 
ATOM   790 O  O   . ASN A 1 101 ? 7.941   -10.534 -8.378  1.00 45.50 ? 97  ASN A O   1 
ATOM   791 C  CB  . ASN A 1 101 ? 8.800   -7.382  -8.209  1.00 40.73 ? 97  ASN A CB  1 
ATOM   792 C  CG  . ASN A 1 101 ? 9.761   -6.515  -9.000  1.00 41.43 ? 97  ASN A CG  1 
ATOM   793 O  OD1 . ASN A 1 101 ? 10.052  -6.785  -10.162 1.00 43.69 ? 97  ASN A OD1 1 
ATOM   794 N  ND2 . ASN A 1 101 ? 10.276  -5.468  -8.354  1.00 40.66 ? 97  ASN A ND2 1 
ATOM   795 N  N   . ILE A 1 102 ? 6.393   -9.183  -7.455  1.00 41.54 ? 98  ILE A N   1 
ATOM   796 C  CA  . ILE A 1 102 ? 5.784   -10.225 -6.624  1.00 42.59 ? 98  ILE A CA  1 
ATOM   797 C  C   . ILE A 1 102 ? 5.199   -11.327 -7.502  1.00 45.14 ? 98  ILE A C   1 
ATOM   798 O  O   . ILE A 1 102 ? 5.398   -12.512 -7.230  1.00 47.35 ? 98  ILE A O   1 
ATOM   799 C  CB  . ILE A 1 102 ? 4.667   -9.652  -5.725  1.00 41.49 ? 98  ILE A CB  1 
ATOM   800 C  CG1 . ILE A 1 102 ? 5.247   -8.716  -4.665  1.00 39.35 ? 98  ILE A CG1 1 
ATOM   801 C  CG2 . ILE A 1 102 ? 3.903   -10.771 -5.033  1.00 42.95 ? 98  ILE A CG2 1 
ATOM   802 C  CD1 . ILE A 1 102 ? 4.190   -7.978  -3.876  1.00 37.67 ? 98  ILE A CD1 1 
ATOM   803 N  N   . ILE A 1 103 ? 4.502   -10.926 -8.564  1.00 45.60 ? 99  ILE A N   1 
ATOM   804 C  CA  . ILE A 1 103 ? 3.850   -11.873 -9.475  1.00 48.93 ? 99  ILE A CA  1 
ATOM   805 C  C   . ILE A 1 103 ? 4.874   -12.650 -10.303 1.00 52.19 ? 99  ILE A C   1 
ATOM   806 O  O   . ILE A 1 103 ? 4.753   -13.869 -10.461 1.00 54.56 ? 99  ILE A O   1 
ATOM   807 C  CB  . ILE A 1 103 ? 2.862   -11.162 -10.425 1.00 48.56 ? 99  ILE A CB  1 
ATOM   808 C  CG1 . ILE A 1 103 ? 1.729   -10.504 -9.633  1.00 46.66 ? 99  ILE A CG1 1 
ATOM   809 C  CG2 . ILE A 1 103 ? 2.265   -12.150 -11.416 1.00 51.45 ? 99  ILE A CG2 1 
ATOM   810 C  CD1 . ILE A 1 103 ? 0.909   -9.538  -10.455 1.00 46.72 ? 99  ILE A CD1 1 
ATOM   811 N  N   . ASP A 1 104 ? 5.868   -11.941 -10.833 1.00 53.00 ? 100 ASP A N   1 
ATOM   812 C  CA  . ASP A 1 104 ? 6.951   -12.564 -11.590 1.00 56.77 ? 100 ASP A CA  1 
ATOM   813 C  C   . ASP A 1 104 ? 7.748   -13.550 -10.735 1.00 58.32 ? 100 ASP A C   1 
ATOM   814 O  O   . ASP A 1 104 ? 8.185   -14.583 -11.239 1.00 61.74 ? 100 ASP A O   1 
ATOM   815 C  CB  . ASP A 1 104 ? 7.895   -11.508 -12.175 1.00 57.05 ? 100 ASP A CB  1 
ATOM   816 C  CG  . ASP A 1 104 ? 7.262   -10.704 -13.304 1.00 58.44 ? 100 ASP A CG  1 
ATOM   817 O  OD1 . ASP A 1 104 ? 6.162   -11.071 -13.774 1.00 59.61 ? 100 ASP A OD1 1 
ATOM   818 O  OD2 . ASP A 1 104 ? 7.877   -9.696  -13.720 1.00 58.49 ? 100 ASP A OD2 1 
ATOM   819 N  N   . ALA A 1 105 ? 7.925   -13.235 -9.451  1.00 56.99 ? 101 ALA A N   1 
ATOM   820 C  CA  . ALA A 1 105 ? 8.578   -14.147 -8.504  1.00 58.59 ? 101 ALA A CA  1 
ATOM   821 C  C   . ALA A 1 105 ? 7.939   -15.534 -8.530  1.00 62.44 ? 101 ALA A C   1 
ATOM   822 O  O   . ALA A 1 105 ? 8.608   -16.532 -8.257  1.00 64.90 ? 101 ALA A O   1 
ATOM   823 C  CB  . ALA A 1 105 ? 8.545   -13.578 -7.096  1.00 55.71 ? 101 ALA A CB  1 
ATOM   824 N  N   . ASP A 1 106 ? 6.643   -15.585 -8.840  1.00 63.47 ? 102 ASP A N   1 
ATOM   825 C  CA  . ASP A 1 106 ? 5.984   -16.828 -9.245  1.00 67.60 ? 102 ASP A CA  1 
ATOM   826 C  C   . ASP A 1 106 ? 5.823   -16.841 -10.768 1.00 68.77 ? 102 ASP A C   1 
ATOM   827 O  O   . ASP A 1 106 ? 5.137   -17.691 -11.332 1.00 71.09 ? 102 ASP A O   1 
ATOM   828 C  CB  . ASP A 1 106 ? 4.623   -16.966 -8.563  1.00 68.63 ? 102 ASP A CB  1 
ATOM   829 C  CG  . ASP A 1 106 ? 4.730   -16.982 -7.051  1.00 68.15 ? 102 ASP A CG  1 
ATOM   830 O  OD1 . ASP A 1 106 ? 4.489   -18.052 -6.450  1.00 72.13 ? 102 ASP A OD1 1 
ATOM   831 O  OD2 . ASP A 1 106 ? 5.069   -15.931 -6.468  1.00 65.55 ? 102 ASP A OD2 1 
HETATM 832 S  S   . SO4 B 2 .   ? 2.713   7.531   -12.385 0.50 38.52 ? 201 SO4 A S   1 
HETATM 833 O  O1  . SO4 B 2 .   ? 2.073   8.742   -11.827 0.50 37.16 ? 201 SO4 A O1  1 
HETATM 834 O  O2  . SO4 B 2 .   ? 3.434   6.830   -11.308 0.50 34.69 ? 201 SO4 A O2  1 
HETATM 835 O  O3  . SO4 B 2 .   ? 1.689   6.623   -12.951 0.50 38.82 ? 201 SO4 A O3  1 
HETATM 836 O  O4  . SO4 B 2 .   ? 3.643   7.913   -13.473 0.50 36.91 ? 201 SO4 A O4  1 
HETATM 837 O  O   . HOH C 3 .   ? 8.542   9.723   10.161  1.00 30.08 ? 301 HOH A O   1 
HETATM 838 O  O   . HOH C 3 .   ? 13.714  -7.126  1.205   1.00 26.00 ? 302 HOH A O   1 
HETATM 839 O  O   . HOH C 3 .   ? -0.752  -9.636  7.028   1.00 36.92 ? 303 HOH A O   1 
HETATM 840 O  O   . HOH C 3 .   ? 10.419  -16.873 -5.981  1.00 47.59 ? 304 HOH A O   1 
HETATM 841 O  O   . HOH C 3 .   ? 10.432  6.545   -10.335 1.00 38.88 ? 305 HOH A O   1 
HETATM 842 O  O   . HOH C 3 .   ? 12.448  -6.965  4.930   1.00 38.65 ? 306 HOH A O   1 
HETATM 843 O  O   . HOH C 3 .   ? 0.332   -14.479 1.464   1.00 38.75 ? 307 HOH A O   1 
HETATM 844 O  O   . HOH C 3 .   ? 10.418  -2.675  6.135   1.00 31.00 ? 308 HOH A O   1 
HETATM 845 O  O   . HOH C 3 .   ? 1.626   -4.432  -11.875 1.00 39.32 ? 309 HOH A O   1 
HETATM 846 O  O   . HOH C 3 .   ? 8.590   4.803   -9.227  1.00 40.11 ? 310 HOH A O   1 
HETATM 847 O  O   . HOH C 3 .   ? 9.925   2.830   -7.807  1.00 33.33 ? 311 HOH A O   1 
HETATM 848 O  O   . HOH C 3 .   ? -8.917  8.910   8.965   1.00 45.24 ? 312 HOH A O   1 
HETATM 849 O  O   . HOH C 3 .   ? -10.533 -8.943  -5.183  1.00 57.24 ? 313 HOH A O   1 
HETATM 850 O  O   . HOH C 3 .   ? 8.107   -6.691  -4.901  1.00 46.52 ? 314 HOH A O   1 
HETATM 851 O  O   . HOH C 3 .   ? 3.234   -13.918 3.168   1.00 48.05 ? 315 HOH A O   1 
HETATM 852 O  O   . HOH C 3 .   ? 12.373  4.326   6.416   1.00 42.38 ? 316 HOH A O   1 
HETATM 853 O  O   . HOH C 3 .   ? -1.673  7.743   13.985  1.00 40.56 ? 317 HOH A O   1 
HETATM 854 O  O   . HOH C 3 .   ? 14.161  -2.885  -4.458  1.00 36.71 ? 318 HOH A O   1 
HETATM 855 O  O   . HOH C 3 .   ? 9.957   -4.864  -5.566  1.00 36.97 ? 319 HOH A O   1 
HETATM 856 O  O   . HOH C 3 .   ? 3.294   10.111  -7.870  1.00 51.51 ? 320 HOH A O   1 
HETATM 857 O  O   . HOH C 3 .   ? 1.256   8.259   -9.110  1.00 46.02 ? 321 HOH A O   1 
HETATM 858 O  O   . HOH C 3 .   ? 5.352   0.378   -13.551 1.00 38.11 ? 322 HOH A O   1 
HETATM 859 O  O   . HOH C 3 .   ? 12.621  -4.589  -5.943  1.00 31.71 ? 323 HOH A O   1 
HETATM 860 O  O   . HOH C 3 .   ? -6.568  5.582   10.796  1.00 48.04 ? 324 HOH A O   1 
HETATM 861 O  O   . HOH C 3 .   ? -12.059 8.474   -0.531  1.00 38.20 ? 325 HOH A O   1 
# 
loop_
_atom_site_anisotrop.id 
_atom_site_anisotrop.type_symbol 
_atom_site_anisotrop.pdbx_label_atom_id 
_atom_site_anisotrop.pdbx_label_alt_id 
_atom_site_anisotrop.pdbx_label_comp_id 
_atom_site_anisotrop.pdbx_label_asym_id 
_atom_site_anisotrop.pdbx_label_seq_id 
_atom_site_anisotrop.pdbx_PDB_ins_code 
_atom_site_anisotrop.U[1][1] 
_atom_site_anisotrop.U[2][2] 
_atom_site_anisotrop.U[3][3] 
_atom_site_anisotrop.U[1][2] 
_atom_site_anisotrop.U[1][3] 
_atom_site_anisotrop.U[2][3] 
_atom_site_anisotrop.pdbx_auth_seq_id 
_atom_site_anisotrop.pdbx_auth_comp_id 
_atom_site_anisotrop.pdbx_auth_asym_id 
_atom_site_anisotrop.pdbx_auth_atom_id 
1   N  N   . HIS A 3   ? 0.8142 0.7307 0.4175 -0.0562 0.0579  0.2133  -1  HIS A N   
2   C  CA  . HIS A 3   ? 0.8258 0.7559 0.3917 -0.0432 0.0367  0.2088  -1  HIS A CA  
3   C  C   . HIS A 3   ? 0.8089 0.7275 0.4004 -0.0254 0.0068  0.2077  -1  HIS A C   
4   O  O   . HIS A 3   ? 0.8044 0.7372 0.3784 -0.0143 -0.0137 0.1994  -1  HIS A O   
5   C  CB  . HIS A 3   ? 0.8989 0.8212 0.3991 -0.0481 0.0371  0.2395  -1  HIS A CB  
6   C  CG  . HIS A 3   ? 0.9367 0.8184 0.4311 -0.0461 0.0271  0.2795  -1  HIS A CG  
7   N  ND1 . HIS A 3   ? 0.9495 0.8051 0.4636 -0.0595 0.0466  0.2978  -1  HIS A ND1 
8   C  CD2 . HIS A 3   ? 0.9712 0.8340 0.4445 -0.0310 -0.0019 0.3044  -1  HIS A CD2 
9   C  CE1 . HIS A 3   ? 0.9921 0.8089 0.4974 -0.0532 0.0320  0.3331  -1  HIS A CE1 
10  N  NE2 . HIS A 3   ? 1.0051 0.8274 0.4859 -0.0344 0.0016  0.3379  -1  HIS A NE2 
11  N  N   . MSE A 4   ? 0.7980 0.6926 0.4330 -0.0232 0.0047  0.2138  0   MSE A N   
12  C  CA  . MSE A 4   ? 0.7894 0.6730 0.4538 -0.0063 -0.0204 0.2124  0   MSE A CA  
13  C  C   . MSE A 4   ? 0.7392 0.6267 0.4585 -0.0050 -0.0161 0.1873  0   MSE A C   
14  O  O   . MSE A 4   ? 0.7196 0.6003 0.4613 -0.0163 0.0019  0.1842  0   MSE A O   
15  C  CB  . MSE A 4   ? 0.8394 0.6851 0.5015 -0.0021 -0.0293 0.2465  0   MSE A CB  
16  C  CG  . MSE A 4   ? 0.9056 0.7486 0.5146 0.0051  -0.0464 0.2730  0   MSE A CG  
17  SE SE  . MSE A 4   ? 0.9906 0.7768 0.5900 0.0060  -0.0488 0.3248  0   MSE A SE  
18  C  CE  . MSE A 4   ? 1.0111 0.7915 0.5951 -0.0257 -0.0048 0.3305  0   MSE A CE  
19  N  N   . MSE A 5   ? 0.7218 0.6217 0.4626 0.0080  -0.0331 0.1695  1   MSE A N   
20  C  CA  . MSE A 5   ? 0.6904 0.5961 0.4771 0.0102  -0.0303 0.1463  1   MSE A CA  
21  C  C   . MSE A 5   ? 0.6817 0.5613 0.5002 0.0161  -0.0362 0.1546  1   MSE A C   
22  O  O   . MSE A 5   ? 0.6865 0.5550 0.5069 0.0287  -0.0538 0.1662  1   MSE A O   
23  C  CB  . MSE A 5   ? 0.6954 0.6243 0.4891 0.0200  -0.0439 0.1257  1   MSE A CB  
24  C  CG  . MSE A 5   ? 0.6758 0.6081 0.5129 0.0244  -0.0439 0.1065  1   MSE A CG  
25  SE SE  . MSE A 5   ? 0.7075 0.6700 0.5487 0.0222  -0.0378 0.0765  1   MSE A SE  
26  C  CE  . MSE A 5   ? 0.6547 0.6215 0.4796 0.0078  -0.0129 0.0772  1   MSE A CE  
27  N  N   . LYS A 6   ? 0.6648 0.5360 0.5105 0.0077  -0.0222 0.1466  2   LYS A N   
28  C  CA  . LYS A 6   ? 0.6524 0.4981 0.5308 0.0115  -0.0250 0.1489  2   LYS A CA  
29  C  C   . LYS A 6   ? 0.5776 0.4362 0.4903 0.0117  -0.0212 0.1217  2   LYS A C   
30  O  O   . LYS A 6   ? 0.5482 0.4286 0.4614 0.0041  -0.0116 0.1068  2   LYS A O   
31  C  CB  . LYS A 6   ? 0.6994 0.5166 0.5761 -0.0018 -0.0118 0.1670  2   LYS A CB  
32  C  CG  . LYS A 6   ? 0.7657 0.5689 0.6014 -0.0047 -0.0120 0.1979  2   LYS A CG  
33  C  CD  . LYS A 6   ? 0.8184 0.5839 0.6580 -0.0165 -0.0003 0.2204  2   LYS A CD  
34  C  CE  . LYS A 6   ? 0.8802 0.6329 0.6718 -0.0216 0.0023  0.2540  2   LYS A CE  
35  N  NZ  . LYS A 6   ? 0.9413 0.6492 0.7371 -0.0316 0.0119  0.2814  2   LYS A NZ  
36  N  N   . ILE A 7   ? 0.5485 0.3942 0.4891 0.0210  -0.0286 0.1157  3   ILE A N   
37  C  CA  . ILE A 7   ? 0.5059 0.3629 0.4741 0.0205  -0.0241 0.0908  3   ILE A CA  
38  C  C   . ILE A 7   ? 0.4946 0.3461 0.4714 0.0047  -0.0099 0.0854  3   ILE A C   
39  O  O   . ILE A 7   ? 0.5172 0.3424 0.4973 -0.0027 -0.0049 0.0983  3   ILE A O   
40  C  CB  . ILE A 7   ? 0.5127 0.3563 0.5094 0.0327  -0.0315 0.0836  3   ILE A CB  
41  C  CG1 . ILE A 7   ? 0.5183 0.3710 0.5146 0.0486  -0.0468 0.0886  3   ILE A CG1 
42  C  CG2 . ILE A 7   ? 0.4799 0.3381 0.4964 0.0305  -0.0253 0.0578  3   ILE A CG2 
43  C  CD1 . ILE A 7   ? 0.4732 0.3583 0.4679 0.0505  -0.0485 0.0726  3   ILE A CD1 
44  N  N   . ILE A 8   ? 0.4582 0.3346 0.4407 -0.0007 -0.0042 0.0671  4   ILE A N   
45  C  CA  . ILE A 8   ? 0.4555 0.3355 0.4505 -0.0153 0.0067  0.0585  4   ILE A CA  
46  C  C   . ILE A 8   ? 0.4655 0.3241 0.4859 -0.0172 0.0064  0.0489  4   ILE A C   
47  O  O   . ILE A 8   ? 0.4495 0.3059 0.4799 -0.0062 -0.0002 0.0384  4   ILE A O   
48  C  CB  . ILE A 8   ? 0.4208 0.3343 0.4180 -0.0166 0.0087  0.0414  4   ILE A CB  
49  C  CG1 . ILE A 8   ? 0.4104 0.3417 0.3862 -0.0153 0.0112  0.0482  4   ILE A CG1 
50  C  CG2 . ILE A 8   ? 0.4193 0.3418 0.4352 -0.0303 0.0162  0.0302  4   ILE A CG2 
51  C  CD1 . ILE A 8   ? 0.3733 0.3326 0.3529 -0.0118 0.0110  0.0335  4   ILE A CD1 
52  N  N   . SER A 9   ? 0.4933 0.3361 0.5257 -0.0319 0.0152  0.0510  5   SER A N   
53  C  CA  . SER A 9   ? 0.5120 0.3289 0.5700 -0.0352 0.0157  0.0406  5   SER A CA  
54  C  C   . SER A 9   ? 0.4824 0.3194 0.5541 -0.0328 0.0125  0.0116  5   SER A C   
55  O  O   . SER A 9   ? 0.4354 0.3056 0.5006 -0.0344 0.0118  0.0013  5   SER A O   
56  C  CB  . SER A 9   ? 0.5543 0.3537 0.6258 -0.0556 0.0272  0.0451  5   SER A CB  
57  O  OG  . SER A 9   ? 0.5392 0.3711 0.6200 -0.0690 0.0324  0.0281  5   SER A OG  
58  N  N   . LYS A 10  ? 0.4978 0.3137 0.5876 -0.0283 0.0107  -0.0011 6   LYS A N   
59  C  CA  . LYS A 10  ? 0.4952 0.3278 0.5939 -0.0266 0.0090  -0.0298 6   LYS A CA  
60  C  C   . LYS A 10  ? 0.4820 0.3375 0.5860 -0.0432 0.0115  -0.0465 6   LYS A C   
61  O  O   . LYS A 10  ? 0.4432 0.3296 0.5391 -0.0413 0.0076  -0.0614 6   LYS A O   
62  C  CB  . LYS A 10  ? 0.5400 0.3412 0.6608 -0.0218 0.0101  -0.0424 6   LYS A CB  
63  C  CG  . LYS A 10  ? 0.5496 0.3657 0.6763 -0.0187 0.0100  -0.0737 6   LYS A CG  
64  C  CD  . LYS A 10  ? 0.5924 0.3740 0.7447 -0.0123 0.0130  -0.0864 6   LYS A CD  
65  C  CE  . LYS A 10  ? 0.6105 0.4044 0.7687 -0.0139 0.0162  -0.1228 6   LYS A CE  
66  N  NZ  . LYS A 10  ? 0.6486 0.4055 0.8366 -0.0103 0.0212  -0.1401 6   LYS A NZ  
67  N  N   . LYS A 11  ? 0.5024 0.3433 0.6208 -0.0598 0.0178  -0.0424 7   LYS A N   
68  C  CA  . LYS A 11  ? 0.5016 0.3670 0.6326 -0.0773 0.0194  -0.0589 7   LYS A CA  
69  C  C   . LYS A 11  ? 0.4623 0.3688 0.5788 -0.0756 0.0171  -0.0528 7   LYS A C   
70  O  O   . LYS A 11  ? 0.4305 0.3697 0.5488 -0.0773 0.0111  -0.0701 7   LYS A O   
71  C  CB  . LYS A 11  ? 0.5453 0.3861 0.6984 -0.0972 0.0292  -0.0528 7   LYS A CB  
72  C  CG  . LYS A 11  ? 0.5591 0.4266 0.7348 -0.1172 0.0300  -0.0750 7   LYS A CG  
73  C  CD  . LYS A 11  ? 0.6132 0.4475 0.8195 -0.1380 0.0387  -0.0816 7   LYS A CD  
74  C  CE  . LYS A 11  ? 0.6199 0.4849 0.8523 -0.1571 0.0356  -0.1123 7   LYS A CE  
75  N  NZ  . LYS A 11  ? 0.6635 0.4933 0.9283 -0.1763 0.0417  -0.1286 7   LYS A NZ  
76  N  N   . TYR A 12  ? 0.4537 0.3580 0.5548 -0.0708 0.0211  -0.0287 8   TYR A N   
77  C  CA  . TYR A 12  ? 0.4247 0.3638 0.5134 -0.0669 0.0204  -0.0236 8   TYR A CA  
78  C  C   . TYR A 12  ? 0.3975 0.3557 0.4715 -0.0508 0.0105  -0.0317 8   TYR A C   
79  O  O   . TYR A 12  ? 0.3731 0.3627 0.4474 -0.0496 0.0064  -0.0396 8   TYR A O   
80  C  CB  . TYR A 12  ? 0.4304 0.3602 0.5017 -0.0649 0.0273  0.0012  8   TYR A CB  
81  C  CG  . TYR A 12  ? 0.4598 0.3839 0.5408 -0.0832 0.0407  0.0120  8   TYR A CG  
82  C  CD1 . TYR A 12  ? 0.4701 0.3987 0.5320 -0.0838 0.0492  0.0307  8   TYR A CD1 
83  C  CD2 . TYR A 12  ? 0.4823 0.3984 0.5912 -0.1014 0.0462  0.0021  8   TYR A CD2 
84  C  CE1 . TYR A 12  ? 0.4984 0.4237 0.5664 -0.1016 0.0645  0.0419  8   TYR A CE1 
85  C  CE2 . TYR A 12  ? 0.5136 0.4249 0.6334 -0.1204 0.0610  0.0133  8   TYR A CE2 
86  C  CZ  . TYR A 12  ? 0.5213 0.4377 0.6193 -0.1204 0.0711  0.0343  8   TYR A CZ  
87  O  OH  . TYR A 12  ? 0.5544 0.4681 0.6600 -0.1402 0.0888  0.0466  8   TYR A OH  
88  N  N   . ARG A 13  ? 0.3997 0.3396 0.4630 -0.0384 0.0071  -0.0287 9   ARG A N   
89  C  CA  . ARG A 13  ? 0.3789 0.3347 0.4289 -0.0252 0.0007  -0.0347 9   ARG A CA  
90  C  C   . ARG A 13  ? 0.3826 0.3565 0.4367 -0.0281 -0.0037 -0.0561 9   ARG A C   
91  O  O   . ARG A 13  ? 0.3801 0.3783 0.4233 -0.0227 -0.0085 -0.0585 9   ARG A O   
92  C  CB  . ARG A 13  ? 0.3836 0.3196 0.4281 -0.0130 -0.0006 -0.0293 9   ARG A CB  
93  C  CG  . ARG A 13  ? 0.3888 0.3136 0.4234 -0.0079 -0.0005 -0.0081 9   ARG A CG  
94  C  CD  . ARG A 13  ? 0.3849 0.3042 0.4155 0.0061  -0.0053 -0.0043 9   ARG A CD  
95  N  NE  . ARG A 13  ? 0.3971 0.3047 0.4425 0.0112  -0.0055 -0.0169 9   ARG A NE  
96  C  CZ  . ARG A 13  ? 0.4235 0.3039 0.4839 0.0130  -0.0053 -0.0148 9   ARG A CZ  
97  N  NH1 . ARG A 13  ? 0.4448 0.3039 0.5046 0.0088  -0.0052 0.0029  9   ARG A NH1 
98  N  NH2 . ARG A 13  ? 0.4406 0.3139 0.5169 0.0192  -0.0041 -0.0305 9   ARG A NH2 
99  N  N   . LEU A 14  ? 0.4090 0.3701 0.4774 -0.0365 -0.0026 -0.0715 10  LEU A N   
100 C  CA  . LEU A 14  ? 0.4176 0.3974 0.4863 -0.0407 -0.0079 -0.0951 10  LEU A CA  
101 C  C   . LEU A 14  ? 0.4124 0.4262 0.4844 -0.0477 -0.0141 -0.0983 10  LEU A C   
102 O  O   . LEU A 14  ? 0.3912 0.4310 0.4501 -0.0428 -0.0223 -0.1058 10  LEU A O   
103 C  CB  . LEU A 14  ? 0.4588 0.4170 0.5463 -0.0509 -0.0049 -0.1144 10  LEU A CB  
104 C  CG  . LEU A 14  ? 0.4788 0.4149 0.5652 -0.0419 -0.0015 -0.1255 10  LEU A CG  
105 C  CD1 . LEU A 14  ? 0.5164 0.4265 0.6273 -0.0533 0.0025  -0.1450 10  LEU A CD1 
106 C  CD2 . LEU A 14  ? 0.4772 0.4383 0.5418 -0.0345 -0.0048 -0.1399 10  LEU A CD2 
107 N  N   . GLU A 15  ? 0.4184 0.4332 0.5091 -0.0589 -0.0099 -0.0918 11  GLU A N   
108 C  CA  . GLU A 15  ? 0.4198 0.4702 0.5224 -0.0650 -0.0147 -0.0949 11  GLU A CA  
109 C  C   . GLU A 15  ? 0.3822 0.4534 0.4690 -0.0501 -0.0186 -0.0812 11  GLU A C   
110 O  O   . GLU A 15  ? 0.3736 0.4753 0.4599 -0.0460 -0.0287 -0.0873 11  GLU A O   
111 C  CB  . GLU A 15  ? 0.4498 0.4960 0.5775 -0.0808 -0.0047 -0.0890 11  GLU A CB  
112 C  CG  . GLU A 15  ? 0.4592 0.5462 0.6098 -0.0893 -0.0080 -0.0962 11  GLU A CG  
113 C  CD  . GLU A 15  ? 0.4881 0.5992 0.6551 -0.0989 -0.0203 -0.1223 11  GLU A CD  
114 O  OE1 . GLU A 15  ? 0.4980 0.6508 0.6800 -0.0992 -0.0294 -0.1290 11  GLU A OE1 
115 O  OE2 . GLU A 15  ? 0.5151 0.6055 0.6812 -0.1053 -0.0217 -0.1377 11  GLU A OE2 
116 N  N   . LEU A 16  ? 0.3680 0.4214 0.4422 -0.0418 -0.0116 -0.0632 12  LEU A N   
117 C  CA  . LEU A 16  ? 0.3531 0.4198 0.4146 -0.0286 -0.0133 -0.0517 12  LEU A CA  
118 C  C   . LEU A 16  ? 0.3370 0.4105 0.3800 -0.0170 -0.0221 -0.0548 12  LEU A C   
119 O  O   . LEU A 16  ? 0.3082 0.4036 0.3485 -0.0095 -0.0290 -0.0528 12  LEU A O   
120 C  CB  . LEU A 16  ? 0.3669 0.4116 0.4177 -0.0243 -0.0047 -0.0353 12  LEU A CB  
121 C  CG  . LEU A 16  ? 0.3843 0.4377 0.4256 -0.0141 -0.0030 -0.0249 12  LEU A CG  
122 C  CD1 . LEU A 16  ? 0.3874 0.4344 0.4113 -0.0014 -0.0082 -0.0221 12  LEU A CD1 
123 C  CD2 . LEU A 16  ? 0.3825 0.4667 0.4398 -0.0139 -0.0040 -0.0288 12  LEU A CD2 
124 N  N   . TYR A 17  ? 0.3399 0.3943 0.3710 -0.0151 -0.0209 -0.0590 13  TYR A N   
125 C  CA  . TYR A 17  ? 0.3486 0.4087 0.3596 -0.0063 -0.0255 -0.0615 13  TYR A CA  
126 C  C   . TYR A 17  ? 0.3658 0.4518 0.3725 -0.0086 -0.0360 -0.0736 13  TYR A C   
127 O  O   . TYR A 17  ? 0.3729 0.4722 0.3624 0.0000  -0.0420 -0.0677 13  TYR A O   
128 C  CB  . TYR A 17  ? 0.3576 0.3965 0.3620 -0.0052 -0.0199 -0.0678 13  TYR A CB  
129 C  CG  . TYR A 17  ? 0.3599 0.3768 0.3664 0.0003  -0.0132 -0.0554 13  TYR A CG  
130 C  CD1 . TYR A 17  ? 0.3543 0.3720 0.3574 0.0056  -0.0126 -0.0398 13  TYR A CD1 
131 C  CD2 . TYR A 17  ? 0.3759 0.3724 0.3890 0.0010  -0.0086 -0.0609 13  TYR A CD2 
132 C  CE1 . TYR A 17  ? 0.3626 0.3640 0.3659 0.0100  -0.0094 -0.0303 13  TYR A CE1 
133 C  CE2 . TYR A 17  ? 0.3796 0.3601 0.3961 0.0074  -0.0060 -0.0492 13  TYR A CE2 
134 C  CZ  . TYR A 17  ? 0.3683 0.3526 0.3785 0.0111  -0.0072 -0.0340 13  TYR A CZ  
135 O  OH  . TYR A 17  ? 0.3869 0.3591 0.3987 0.0170  -0.0071 -0.0241 13  TYR A OH  
136 N  N   . SER A 18  ? 0.3970 0.4899 0.4189 -0.0206 -0.0389 -0.0903 14  SER A N   
137 C  CA  . SER A 18  ? 0.4236 0.5453 0.4410 -0.0238 -0.0518 -0.1049 14  SER A CA  
138 C  C   . SER A 18  ? 0.4189 0.5709 0.4438 -0.0178 -0.0625 -0.0956 14  SER A C   
139 O  O   . SER A 18  ? 0.4248 0.5979 0.4326 -0.0102 -0.0749 -0.0946 14  SER A O   
140 C  CB  . SER A 18  ? 0.4620 0.5843 0.4989 -0.0401 -0.0530 -0.1284 14  SER A CB  
141 O  OG  . SER A 18  ? 0.4831 0.6081 0.5520 -0.0505 -0.0497 -0.1266 14  SER A OG  
142 N  N   A MSE A 19  ? 0.4056 0.5598 0.4558 -0.0202 -0.0573 -0.0880 15  MSE A N   
143 N  N   B MSE A 19  ? 0.4017 0.5559 0.4519 -0.0202 -0.0573 -0.0880 15  MSE A N   
144 C  CA  A MSE A 19  ? 0.4060 0.5892 0.4713 -0.0132 -0.0650 -0.0809 15  MSE A CA  
145 C  CA  B MSE A 19  ? 0.3990 0.5826 0.4645 -0.0132 -0.0651 -0.0811 15  MSE A CA  
146 C  C   A MSE A 19  ? 0.3839 0.5617 0.4301 0.0045  -0.0660 -0.0625 15  MSE A C   
147 C  C   B MSE A 19  ? 0.3801 0.5578 0.4265 0.0044  -0.0659 -0.0625 15  MSE A C   
148 O  O   A MSE A 19  ? 0.3770 0.5775 0.4239 0.0152  -0.0782 -0.0573 15  MSE A O   
149 O  O   B MSE A 19  ? 0.3736 0.5742 0.4208 0.0152  -0.0781 -0.0572 15  MSE A O   
150 C  CB  A MSE A 19  ? 0.4185 0.6023 0.5139 -0.0216 -0.0536 -0.0788 15  MSE A CB  
151 C  CB  B MSE A 19  ? 0.4041 0.5904 0.5010 -0.0219 -0.0543 -0.0795 15  MSE A CB  
152 C  CG  A MSE A 19  ? 0.4527 0.6468 0.5741 -0.0410 -0.0535 -0.0967 15  MSE A CG  
153 C  CG  B MSE A 19  ? 0.4243 0.6529 0.5537 -0.0251 -0.0641 -0.0885 15  MSE A CG  
154 SE SE  A MSE A 19  ? 0.4983 0.7037 0.6598 -0.0529 -0.0373 -0.0918 15  MSE A SE  
155 SE SE  B MSE A 19  ? 0.4709 0.7130 0.6264 -0.0508 -0.0683 -0.1159 15  MSE A SE  
156 C  CE  A MSE A 19  ? 0.4550 0.6075 0.5908 -0.0524 -0.0174 -0.0727 15  MSE A CE  
157 C  CE  B MSE A 19  ? 0.4641 0.7721 0.6610 -0.0484 -0.0867 -0.1252 15  MSE A CE  
158 N  N   . LEU A 20  ? 0.3621 0.5093 0.3936 0.0078  -0.0540 -0.0525 16  LEU A N   
159 C  CA  . LEU A 20  ? 0.3489 0.4857 0.3638 0.0219  -0.0530 -0.0366 16  LEU A CA  
160 C  C   . LEU A 20  ? 0.3619 0.5030 0.3501 0.0286  -0.0622 -0.0333 16  LEU A C   
161 O  O   . LEU A 20  ? 0.3721 0.5193 0.3542 0.0405  -0.0688 -0.0207 16  LEU A O   
162 C  CB  . LEU A 20  ? 0.3363 0.4426 0.3428 0.0215  -0.0398 -0.0299 16  LEU A CB  
163 C  CG  . LEU A 20  ? 0.3238 0.4239 0.3458 0.0196  -0.0305 -0.0259 16  LEU A CG  
164 C  CD1 . LEU A 20  ? 0.3238 0.3971 0.3333 0.0200  -0.0222 -0.0200 16  LEU A CD1 
165 C  CD2 . LEU A 20  ? 0.3204 0.4342 0.3532 0.0297  -0.0322 -0.0198 16  LEU A CD2 
166 N  N   . VAL A 21  ? 0.3743 0.5115 0.3459 0.0214  -0.0618 -0.0443 17  VAL A N   
167 C  CA  . VAL A 21  ? 0.3964 0.5404 0.3366 0.0261  -0.0686 -0.0422 17  VAL A CA  
168 C  C   . VAL A 21  ? 0.4232 0.5982 0.3626 0.0321  -0.0874 -0.0398 17  VAL A C   
169 O  O   . VAL A 21  ? 0.4535 0.6314 0.3702 0.0427  -0.0943 -0.0245 17  VAL A O   
170 C  CB  . VAL A 21  ? 0.4115 0.5520 0.3364 0.0163  -0.0646 -0.0607 17  VAL A CB  
171 C  CG1 . VAL A 21  ? 0.4393 0.5929 0.3272 0.0197  -0.0716 -0.0599 17  VAL A CG1 
172 C  CG2 . VAL A 21  ? 0.3983 0.5100 0.3251 0.0142  -0.0479 -0.0607 17  VAL A CG2 
173 N  N   . ASP A 22  ? 0.4201 0.6186 0.3859 0.0253  -0.0961 -0.0541 18  ASP A N   
174 C  CA  . ASP A 22  ? 0.4474 0.6822 0.4194 0.0312  -0.1169 -0.0547 18  ASP A CA  
175 C  C   . ASP A 22  ? 0.4308 0.6693 0.4147 0.0485  -0.1217 -0.0333 18  ASP A C   
176 O  O   . ASP A 22  ? 0.4441 0.6966 0.4130 0.0613  -0.1371 -0.0207 18  ASP A O   
177 C  CB  . ASP A 22  ? 0.4553 0.7159 0.4633 0.0180  -0.1227 -0.0762 18  ASP A CB  
178 C  CG  . ASP A 22  ? 0.4960 0.7567 0.4933 0.0017  -0.1231 -0.1007 18  ASP A CG  
179 O  OD1 . ASP A 22  ? 0.5176 0.7720 0.5422 -0.0132 -0.1143 -0.1160 18  ASP A OD1 
180 O  OD2 . ASP A 22  ? 0.5251 0.7914 0.4865 0.0034  -0.1312 -0.1050 18  ASP A OD2 
181 N  N   . LEU A 23  ? 0.3914 0.6160 0.4013 0.0493  -0.1081 -0.0294 19  LEU A N   
182 C  CA  . LEU A 23  ? 0.3869 0.6130 0.4145 0.0652  -0.1095 -0.0143 19  LEU A CA  
183 C  C   . LEU A 23  ? 0.3975 0.5945 0.3970 0.0772  -0.1057 0.0065  19  LEU A C   
184 O  O   . LEU A 23  ? 0.4080 0.6095 0.4094 0.0932  -0.1160 0.0217  19  LEU A O   
185 C  CB  . LEU A 23  ? 0.3608 0.5807 0.4196 0.0603  -0.0935 -0.0195 19  LEU A CB  
186 C  CG  . LEU A 23  ? 0.3606 0.6149 0.4625 0.0563  -0.0959 -0.0317 19  LEU A CG  
187 C  CD1 . LEU A 23  ? 0.3694 0.6645 0.4844 0.0565  -0.1175 -0.0406 19  LEU A CD1 
188 C  CD2 . LEU A 23  ? 0.3490 0.5936 0.4621 0.0374  -0.0789 -0.0433 19  LEU A CD2 
189 N  N   . LEU A 24  ? 0.3919 0.5594 0.3694 0.0694  -0.0911 0.0075  20  LEU A N   
190 C  CA  . LEU A 24  ? 0.4211 0.5608 0.3753 0.0768  -0.0847 0.0255  20  LEU A CA  
191 C  C   . LEU A 24  ? 0.4693 0.6156 0.3917 0.0841  -0.0974 0.0391  20  LEU A C   
192 O  O   . LEU A 24  ? 0.4988 0.6315 0.4135 0.0963  -0.0998 0.0597  20  LEU A O   
193 C  CB  . LEU A 24  ? 0.4067 0.5210 0.3478 0.0659  -0.0677 0.0208  20  LEU A CB  
194 C  CG  . LEU A 24  ? 0.3851 0.4865 0.3490 0.0610  -0.0554 0.0139  20  LEU A CG  
195 C  CD1 . LEU A 24  ? 0.3878 0.4707 0.3404 0.0512  -0.0433 0.0083  20  LEU A CD1 
196 C  CD2 . LEU A 24  ? 0.3813 0.4689 0.3572 0.0712  -0.0514 0.0248  20  LEU A CD2 
197 N  N   A ASN A 25  ? 0.4959 0.6612 0.3976 0.0765  -0.1054 0.0284  21  ASN A N   
198 N  N   B ASN A 25  ? 0.4830 0.6492 0.3866 0.0762  -0.1055 0.0274  21  ASN A N   
199 C  CA  A ASN A 25  ? 0.5447 0.7192 0.4093 0.0832  -0.1185 0.0421  21  ASN A CA  
200 C  CA  B ASN A 25  ? 0.5242 0.7024 0.3909 0.0815  -0.1192 0.0381  21  ASN A CA  
201 C  C   A ASN A 25  ? 0.5656 0.7706 0.4424 0.0969  -0.1433 0.0491  21  ASN A C   
202 C  C   B ASN A 25  ? 0.5545 0.7579 0.4316 0.0972  -0.1425 0.0499  21  ASN A C   
203 O  O   A ASN A 25  ? 0.6017 0.8211 0.4466 0.1029  -0.1592 0.0597  21  ASN A O   
204 O  O   B ASN A 25  ? 0.5917 0.8031 0.4361 0.1051  -0.1564 0.0653  21  ASN A O   
205 C  CB  A ASN A 25  ? 0.5724 0.7545 0.4022 0.0704  -0.1160 0.0275  21  ASN A CB  
206 C  CB  B ASN A 25  ? 0.5310 0.7260 0.3758 0.0677  -0.1211 0.0163  21  ASN A CB  
207 C  CG  A ASN A 25  ? 0.5597 0.7625 0.4096 0.0579  -0.1196 -0.0022 21  ASN A CG  
208 C  CG  B ASN A 25  ? 0.5180 0.6884 0.3443 0.0569  -0.0995 0.0099  21  ASN A CG  
209 O  OD1 A ASN A 25  ? 0.5657 0.7621 0.4042 0.0456  -0.1088 -0.0199 21  ASN A OD1 
210 O  OD1 B ASN A 25  ? 0.5112 0.6550 0.3326 0.0597  -0.0855 0.0253  21  ASN A OD1 
211 N  ND2 A ASN A 25  ? 0.5501 0.7774 0.4337 0.0607  -0.1336 -0.0086 21  ASN A ND2 
212 N  ND2 B ASN A 25  ? 0.5185 0.6979 0.3381 0.0445  -0.0968 -0.0146 21  ASN A ND2 
213 N  N   . ASP A 26  ? 0.5420 0.7589 0.4648 0.1021  -0.1464 0.0433  22  ASP A N   
214 C  CA  . ASP A 26  ? 0.5737 0.8134 0.5195 0.1205  -0.1664 0.0548  22  ASP A CA  
215 C  C   . ASP A 26  ? 0.5702 0.7794 0.5316 0.1356  -0.1573 0.0747  22  ASP A C   
216 O  O   . ASP A 26  ? 0.5799 0.8028 0.5743 0.1523  -0.1684 0.0810  22  ASP A O   
217 C  CB  . ASP A 26  ? 0.5674 0.8454 0.5608 0.1167  -0.1744 0.0328  22  ASP A CB  
218 C  CG  . ASP A 26  ? 0.6065 0.9247 0.5921 0.1090  -0.1948 0.0170  22  ASP A CG  
219 O  OD1 . ASP A 26  ? 0.6588 0.9808 0.6006 0.1117  -0.2078 0.0259  22  ASP A OD1 
220 O  OD2 . ASP A 26  ? 0.6105 0.9579 0.6338 0.0991  -0.1973 -0.0051 22  ASP A OD2 
221 N  N   . ASN A 27  ? 0.5660 0.7356 0.5077 0.1297  -0.1375 0.0823  23  ASN A N   
222 C  CA  . ASN A 27  ? 0.5681 0.7039 0.5226 0.1403  -0.1267 0.0977  23  ASN A CA  
223 C  C   . ASN A 27  ? 0.5248 0.6643 0.5268 0.1438  -0.1190 0.0837  23  ASN A C   
224 O  O   . ASN A 27  ? 0.5376 0.6608 0.5604 0.1583  -0.1172 0.0935  23  ASN A O   
225 C  CB  . ASN A 27  ? 0.6249 0.7523 0.5682 0.1600  -0.1415 0.1263  23  ASN A CB  
226 C  CG  . ASN A 27  ? 0.6771 0.7958 0.5660 0.1557  -0.1450 0.1440  23  ASN A CG  
227 O  OD1 . ASN A 27  ? 0.6897 0.7943 0.5522 0.1391  -0.1287 0.1384  23  ASN A OD1 
228 N  ND2 . ASN A 27  ? 0.7347 0.8631 0.6067 0.1715  -0.1660 0.1665  23  ASN A ND2 
229 N  N   . ILE A 28  ? 0.4799 0.6391 0.4986 0.1303  -0.1131 0.0609  24  ILE A N   
230 C  CA  . ILE A 28  ? 0.4367 0.5982 0.4925 0.1298  -0.1010 0.0476  24  ILE A CA  
231 C  C   . ILE A 28  ? 0.4098 0.5358 0.4524 0.1194  -0.0806 0.0452  24  ILE A C   
232 O  O   . ILE A 28  ? 0.3988 0.5156 0.4169 0.1053  -0.0747 0.0416  24  ILE A O   
233 C  CB  . ILE A 28  ? 0.4215 0.6189 0.5008 0.1185  -0.1025 0.0269  24  ILE A CB  
234 C  CG1 . ILE A 28  ? 0.4425 0.6807 0.5401 0.1283  -0.1252 0.0268  24  ILE A CG1 
235 C  CG2 . ILE A 28  ? 0.3971 0.5956 0.5080 0.1160  -0.0863 0.0147  24  ILE A CG2 
236 C  CD1 . ILE A 28  ? 0.4357 0.7130 0.5694 0.1178  -0.1260 0.0058  24  ILE A CD1 
237 N  N   . PRO A 29  ? 0.3910 0.4985 0.4514 0.1269  -0.0705 0.0457  25  PRO A N   
238 C  CA  . PRO A 29  ? 0.3791 0.4575 0.4284 0.1168  -0.0538 0.0413  25  PRO A CA  
239 C  C   . PRO A 29  ? 0.3459 0.4350 0.3956 0.1007  -0.0449 0.0250  25  PRO A C   
240 O  O   . PRO A 29  ? 0.3342 0.4501 0.4029 0.0985  -0.0467 0.0150  25  PRO A O   
241 C  CB  . PRO A 29  ? 0.3853 0.4499 0.4590 0.1288  -0.0471 0.0394  25  PRO A CB  
242 C  CG  . PRO A 29  ? 0.4152 0.4880 0.5047 0.1481  -0.0611 0.0518  25  PRO A CG  
243 C  CD  . PRO A 29  ? 0.4120 0.5235 0.5036 0.1462  -0.0749 0.0492  25  PRO A CD  
244 N  N   . LEU A 30  ? 0.3434 0.4117 0.3743 0.0896  -0.0357 0.0233  26  LEU A N   
245 C  CA  . LEU A 30  ? 0.3333 0.4070 0.3603 0.0753  -0.0294 0.0124  26  LEU A CA  
246 C  C   . LEU A 30  ? 0.3113 0.3974 0.3577 0.0732  -0.0217 0.0019  26  LEU A C   
247 O  O   . LEU A 30  ? 0.3034 0.4061 0.3563 0.0644  -0.0207 -0.0047 26  LEU A O   
248 C  CB  . LEU A 30  ? 0.3499 0.3998 0.3590 0.0675  -0.0219 0.0133  26  LEU A CB  
249 C  CG  . LEU A 30  ? 0.3582 0.4085 0.3577 0.0553  -0.0196 0.0074  26  LEU A CG  
250 C  CD1 . LEU A 30  ? 0.3521 0.3845 0.3453 0.0506  -0.0125 0.0060  26  LEU A CD1 
251 C  CD2 . LEU A 30  ? 0.3633 0.4310 0.3745 0.0488  -0.0193 -0.0005 26  LEU A CD2 
252 N  N   . TYR A 31  ? 0.3062 0.3834 0.3615 0.0801  -0.0149 -0.0007 27  TYR A N   
253 C  CA  . TYR A 31  ? 0.2951 0.3857 0.3649 0.0776  -0.0045 -0.0120 27  TYR A CA  
254 C  C   . TYR A 31  ? 0.2973 0.4203 0.3956 0.0826  -0.0077 -0.0163 27  TYR A C   
255 O  O   . TYR A 31  ? 0.2792 0.4213 0.3873 0.0731  -0.0003 -0.0239 27  TYR A O   
256 C  CB  . TYR A 31  ? 0.3030 0.3781 0.3755 0.0843  0.0039  -0.0179 27  TYR A CB  
257 C  CG  . TYR A 31  ? 0.2960 0.3821 0.3708 0.0782  0.0174  -0.0305 27  TYR A CG  
258 C  CD1 . TYR A 31  ? 0.2988 0.3743 0.3489 0.0659  0.0231  -0.0322 27  TYR A CD1 
259 C  CD2 . TYR A 31  ? 0.3020 0.4110 0.4029 0.0851  0.0245  -0.0400 27  TYR A CD2 
260 C  CE1 . TYR A 31  ? 0.3056 0.3912 0.3507 0.0599  0.0356  -0.0413 27  TYR A CE1 
261 C  CE2 . TYR A 31  ? 0.3111 0.4319 0.4106 0.0783  0.0398  -0.0516 27  TYR A CE2 
262 C  CZ  . TYR A 31  ? 0.3108 0.4190 0.3790 0.0652  0.0454  -0.0512 27  TYR A CZ  
263 O  OH  . TYR A 31  ? 0.3307 0.4510 0.3913 0.0580  0.0609  -0.0605 27  TYR A OH  
264 N  N   . ASP A 32  ? 0.3098 0.4396 0.4226 0.0973  -0.0189 -0.0103 28  ASP A N   
265 C  CA  . ASP A 32  ? 0.3125 0.4782 0.4566 0.1041  -0.0266 -0.0139 28  ASP A CA  
266 C  C   . ASP A 32  ? 0.2918 0.4782 0.4331 0.0901  -0.0334 -0.0165 28  ASP A C   
267 O  O   . ASP A 32  ? 0.2825 0.5013 0.4516 0.0858  -0.0326 -0.0258 28  ASP A O   
268 C  CB  . ASP A 32  ? 0.3447 0.5104 0.4988 0.1240  -0.0419 -0.0026 28  ASP A CB  
269 C  CG  . ASP A 32  ? 0.3765 0.5228 0.5449 0.1399  -0.0354 -0.0024 28  ASP A CG  
270 O  OD1 . ASP A 32  ? 0.3948 0.5353 0.5688 0.1363  -0.0190 -0.0152 28  ASP A OD1 
271 O  OD2 . ASP A 32  ? 0.4299 0.5659 0.6033 0.1565  -0.0469 0.0107  28  ASP A OD2 
272 N  N   . ALA A 33  ? 0.2893 0.4579 0.4005 0.0824  -0.0390 -0.0101 29  ALA A N   
273 C  CA  . ALA A 33  ? 0.2893 0.4718 0.3962 0.0685  -0.0447 -0.0154 29  ALA A CA  
274 C  C   . ALA A 33  ? 0.2802 0.4643 0.3939 0.0518  -0.0302 -0.0245 29  ALA A C   
275 O  O   . ALA A 33  ? 0.2753 0.4833 0.4089 0.0416  -0.0313 -0.0332 29  ALA A O   
276 C  CB  . ALA A 33  ? 0.2887 0.4496 0.3617 0.0650  -0.0502 -0.0089 29  ALA A CB  
277 N  N   . LEU A 34  ? 0.2827 0.4413 0.3799 0.0484  -0.0174 -0.0220 30  LEU A N   
278 C  CA  . LEU A 34  ? 0.2855 0.4420 0.3834 0.0341  -0.0033 -0.0261 30  LEU A CA  
279 C  C   . LEU A 34  ? 0.2964 0.4832 0.4255 0.0322  0.0057  -0.0340 30  LEU A C   
280 O  O   . LEU A 34  ? 0.2904 0.4895 0.4315 0.0171  0.0127  -0.0382 30  LEU A O   
281 C  CB  . LEU A 34  ? 0.2920 0.4202 0.3651 0.0338  0.0058  -0.0215 30  LEU A CB  
282 C  CG  . LEU A 34  ? 0.2951 0.3964 0.3427 0.0325  0.0002  -0.0151 30  LEU A CG  
283 C  CD1 . LEU A 34  ? 0.3056 0.3863 0.3355 0.0344  0.0064  -0.0125 30  LEU A CD1 
284 C  CD2 . LEU A 34  ? 0.2944 0.3899 0.3376 0.0197  -0.0006 -0.0155 30  LEU A CD2 
285 N  N   . ASN A 35  ? 0.3055 0.5038 0.4506 0.0469  0.0071  -0.0366 31  ASN A N   
286 C  CA  . ASN A 35  ? 0.3164 0.5495 0.4981 0.0477  0.0163  -0.0465 31  ASN A CA  
287 C  C   . ASN A 35  ? 0.3111 0.5791 0.5243 0.0429  0.0057  -0.0519 31  ASN A C   
288 O  O   . ASN A 35  ? 0.3124 0.6072 0.5522 0.0309  0.0166  -0.0603 31  ASN A O   
289 C  CB  . ASN A 35  ? 0.3345 0.5733 0.5336 0.0685  0.0169  -0.0500 31  ASN A CB  
290 C  CG  . ASN A 35  ? 0.3580 0.5739 0.5369 0.0697  0.0328  -0.0531 31  ASN A CG  
291 O  OD1 . ASN A 35  ? 0.3727 0.5800 0.5305 0.0550  0.0460  -0.0536 31  ASN A OD1 
292 N  ND2 . ASN A 35  ? 0.3681 0.5735 0.5535 0.0876  0.0309  -0.0551 31  ASN A ND2 
293 N  N   . LYS A 36  ? 0.3072 0.5771 0.5173 0.0512  -0.0152 -0.0477 32  LYS A N   
294 C  CA  . LYS A 36  ? 0.3228 0.6293 0.5611 0.0474  -0.0294 -0.0550 32  LYS A CA  
295 C  C   . LYS A 36  ? 0.3188 0.6253 0.5557 0.0227  -0.0235 -0.0615 32  LYS A C   
296 O  O   . LYS A 36  ? 0.3095 0.6496 0.5822 0.0114  -0.0211 -0.0724 32  LYS A O   
297 C  CB  . LYS A 36  ? 0.3448 0.6514 0.5698 0.0606  -0.0537 -0.0480 32  LYS A CB  
298 C  CG  . LYS A 36  ? 0.3653 0.7162 0.6200 0.0595  -0.0725 -0.0569 32  LYS A CG  
299 C  CD  . LYS A 36  ? 0.3938 0.7484 0.6333 0.0774  -0.0975 -0.0468 32  LYS A CD  
300 C  CE  . LYS A 36  ? 0.4119 0.8186 0.6863 0.0809  -0.1196 -0.0558 32  LYS A CE  
301 N  NZ  . LYS A 36  ? 0.4207 0.8631 0.7479 0.0954  -0.1192 -0.0596 32  LYS A NZ  
302 N  N   . ILE A 37  ? 0.3190 0.5876 0.5184 0.0147  -0.0209 -0.0553 33  ILE A N   
303 C  CA  . ILE A 37  ? 0.3383 0.5967 0.5345 -0.0070 -0.0150 -0.0600 33  ILE A CA  
304 C  C   . ILE A 37  ? 0.3554 0.6224 0.5722 -0.0222 0.0061  -0.0624 33  ILE A C   
305 O  O   . ILE A 37  ? 0.3589 0.6442 0.6024 -0.0397 0.0092  -0.0713 33  ILE A O   
306 C  CB  . ILE A 37  ? 0.3297 0.5438 0.4852 -0.0091 -0.0136 -0.0517 33  ILE A CB  
307 C  CG1 . ILE A 37  ? 0.3273 0.5374 0.4640 0.0000  -0.0317 -0.0520 33  ILE A CG1 
308 C  CG2 . ILE A 37  ? 0.3470 0.5443 0.5026 -0.0295 -0.0036 -0.0540 33  ILE A CG2 
309 C  CD1 . ILE A 37  ? 0.3189 0.4906 0.4199 0.0022  -0.0293 -0.0441 33  ILE A CD1 
310 N  N   . GLN A 38  ? 0.3683 0.6233 0.5728 -0.0168 0.0212  -0.0553 34  GLN A N   
311 C  CA  . GLN A 38  ? 0.3996 0.6643 0.6172 -0.0305 0.0440  -0.0561 34  GLN A CA  
312 C  C   . GLN A 38  ? 0.4108 0.7248 0.6788 -0.0340 0.0482  -0.0689 34  GLN A C   
313 O  O   . GLN A 38  ? 0.4422 0.7712 0.7335 -0.0545 0.0588  -0.0734 34  GLN A O   
314 C  CB  . GLN A 38  ? 0.4063 0.6575 0.6011 -0.0210 0.0575  -0.0505 34  GLN A CB  
315 C  CG  . GLN A 38  ? 0.4200 0.6277 0.5690 -0.0237 0.0604  -0.0380 34  GLN A CG  
316 C  CD  . GLN A 38  ? 0.4318 0.6340 0.5606 -0.0214 0.0771  -0.0355 34  GLN A CD  
317 O  OE1 . GLN A 38  ? 0.4486 0.6268 0.5465 -0.0305 0.0853  -0.0253 34  GLN A OE1 
318 N  NE2 . GLN A 38  ? 0.4186 0.6434 0.5649 -0.0085 0.0816  -0.0456 34  GLN A NE2 
319 N  N   . ASN A 39  ? 0.4112 0.7505 0.6993 -0.0136 0.0401  -0.0741 35  ASN A N   
320 C  CA  . ASN A 39  ? 0.4276 0.8182 0.7689 -0.0119 0.0446  -0.0869 35  ASN A CA  
321 C  C   . ASN A 39  ? 0.4329 0.8563 0.8113 -0.0265 0.0332  -0.0971 35  ASN A C   
322 O  O   . ASN A 39  ? 0.4345 0.8973 0.8577 -0.0385 0.0451  -0.1079 35  ASN A O   
323 C  CB  . ASN A 39  ? 0.4307 0.8373 0.7879 0.0168  0.0320  -0.0891 35  ASN A CB  
324 C  CG  . ASN A 39  ? 0.4454 0.8294 0.7810 0.0293  0.0476  -0.0861 35  ASN A CG  
325 O  OD1 . ASN A 39  ? 0.4701 0.8447 0.8024 0.0518  0.0369  -0.0836 35  ASN A OD1 
326 N  ND2 . ASN A 39  ? 0.4525 0.8272 0.7724 0.0142  0.0728  -0.0863 35  ASN A ND2 
327 N  N   . GLU A 40  ? 0.4435 0.8519 0.8034 -0.0264 0.0112  -0.0955 36  GLU A N   
328 C  CA  . GLU A 40  ? 0.4664 0.9043 0.8567 -0.0401 -0.0033 -0.1084 36  GLU A CA  
329 C  C   . GLU A 40  ? 0.4714 0.8836 0.8519 -0.0685 0.0085  -0.1098 36  GLU A C   
330 O  O   . GLU A 40  ? 0.4744 0.9096 0.8859 -0.0860 0.0023  -0.1236 36  GLU A O   
331 C  CB  . GLU A 40  ? 0.4769 0.9154 0.8502 -0.0238 -0.0338 -0.1080 36  GLU A CB  
332 C  CG  . GLU A 40  ? 0.4862 0.9457 0.8710 0.0052  -0.0462 -0.1031 36  GLU A CG  
333 C  CD  . GLU A 40  ? 0.5115 0.9666 0.8709 0.0220  -0.0748 -0.0970 36  GLU A CD  
334 O  OE1 . GLU A 40  ? 0.5314 0.9613 0.8551 0.0125  -0.0821 -0.0964 36  GLU A OE1 
335 O  OE2 . GLU A 40  ? 0.5280 1.0045 0.9031 0.0454  -0.0893 -0.0923 36  GLU A OE2 
336 N  N   . GLY A 41  ? 0.4718 0.8368 0.8122 -0.0729 0.0247  -0.0957 37  GLY A N   
337 C  CA  . GLY A 41  ? 0.4959 0.8266 0.8225 -0.0959 0.0352  -0.0926 37  GLY A CA  
338 C  C   . GLY A 41  ? 0.5243 0.8567 0.8683 -0.1177 0.0631  -0.0886 37  GLY A C   
339 O  O   . GLY A 41  ? 0.5488 0.8606 0.8966 -0.1402 0.0713  -0.0878 37  GLY A O   
340 N  N   . VAL A 42  ? 0.5393 0.8938 0.8928 -0.1116 0.0795  -0.0858 38  VAL A N   
341 C  CA  . VAL A 42  ? 0.5818 0.9437 0.9500 -0.1328 0.1093  -0.0817 38  VAL A CA  
342 C  C   . VAL A 42  ? 0.5894 1.0095 1.0242 -0.1463 0.1135  -0.1002 38  VAL A C   
343 O  O   . VAL A 42  ? 0.5810 1.0450 1.0471 -0.1291 0.1027  -0.1125 38  VAL A O   
344 C  CB  . VAL A 42  ? 0.5845 0.9427 0.9262 -0.1209 0.1282  -0.0722 38  VAL A CB  
345 C  CG1 . VAL A 42  ? 0.5638 0.9599 0.9278 -0.0955 0.1192  -0.0843 38  VAL A CG1 
346 C  CG2 . VAL A 42  ? 0.6126 0.9811 0.9643 -0.1440 0.1614  -0.0673 38  VAL A CG2 
347 N  N   . GLY A 43  ? 0.6257 1.0483 1.0869 -0.1766 0.1282  -0.1027 39  GLY A N   
348 C  CA  . GLY A 43  ? 0.6466 1.0147 1.0767 -0.1976 0.1413  -0.0865 39  GLY A CA  
349 C  C   . GLY A 43  ? 0.6435 0.9961 1.0892 -0.2124 0.1244  -0.0970 39  GLY A C   
350 O  O   . GLY A 43  ? 0.6640 1.0034 1.1299 -0.2409 0.1390  -0.0964 39  GLY A O   
351 N  N   . ILE A 44  ? 0.6085 0.9618 1.0443 -0.1936 0.0946  -0.1073 40  ILE A N   
352 C  CA  . ILE A 44  ? 0.6003 0.9329 1.0381 -0.2035 0.0772  -0.1189 40  ILE A CA  
353 C  C   . ILE A 44  ? 0.6085 0.8730 0.9959 -0.2022 0.0813  -0.1007 40  ILE A C   
354 O  O   . ILE A 44  ? 0.6249 0.8564 1.0181 -0.2224 0.0869  -0.1015 40  ILE A O   
355 C  CB  . ILE A 44  ? 0.5752 0.9351 1.0137 -0.1829 0.0447  -0.1354 40  ILE A CB  
356 C  CG1 . ILE A 44  ? 0.5743 0.9986 1.0732 -0.1923 0.0338  -0.1593 40  ILE A CG1 
357 C  CG2 . ILE A 44  ? 0.5820 0.9021 0.9917 -0.1833 0.0288  -0.1408 40  ILE A CG2 
358 C  CD1 . ILE A 44  ? 0.6007 1.0241 1.1313 -0.2220 0.0313  -0.1787 40  ILE A CD1 
359 N  N   . TYR A 45  ? 0.5927 0.8367 0.9346 -0.1780 0.0778  -0.0854 41  TYR A N   
360 C  CA  . TYR A 45  ? 0.5968 0.7823 0.8928 -0.1729 0.0797  -0.0676 41  TYR A CA  
361 C  C   . TYR A 45  ? 0.5945 0.7529 0.8752 -0.1854 0.1054  -0.0447 41  TYR A C   
362 O  O   . TYR A 45  ? 0.5866 0.7731 0.8815 -0.1929 0.1235  -0.0411 41  TYR A O   
363 C  CB  . TYR A 45  ? 0.5941 0.7720 0.8510 -0.1438 0.0651  -0.0618 41  TYR A CB  
364 C  CG  . TYR A 45  ? 0.5999 0.7898 0.8588 -0.1326 0.0404  -0.0789 41  TYR A CG  
365 C  CD1 . TYR A 45  ? 0.6188 0.7724 0.8545 -0.1292 0.0308  -0.0804 41  TYR A CD1 
366 C  CD2 . TYR A 45  ? 0.6028 0.8420 0.8869 -0.1252 0.0270  -0.0935 41  TYR A CD2 
367 C  CE1 . TYR A 45  ? 0.6316 0.7980 0.8639 -0.1203 0.0105  -0.0965 41  TYR A CE1 
368 C  CE2 . TYR A 45  ? 0.6107 0.8615 0.8901 -0.1154 0.0039  -0.1070 41  TYR A CE2 
369 C  CZ  . TYR A 45  ? 0.6295 0.8440 0.8805 -0.1139 -0.0032 -0.1087 41  TYR A CZ  
370 O  OH  . TYR A 45  ? 0.6593 0.8867 0.9006 -0.1053 -0.0239 -0.1223 41  TYR A OH  
371 N  N   . ASP A 46  ? 0.6011 0.7058 0.8521 -0.1869 0.1071  -0.0289 42  ASP A N   
372 C  CA  . ASP A 46  ? 0.6258 0.6979 0.8536 -0.1971 0.1282  -0.0025 42  ASP A CA  
373 C  C   . ASP A 46  ? 0.5951 0.6784 0.7872 -0.1803 0.1341  0.0108  42  ASP A C   
374 O  O   . ASP A 46  ? 0.5468 0.6420 0.7235 -0.1575 0.1186  0.0040  42  ASP A O   
375 C  CB  . ASP A 46  ? 0.6546 0.6666 0.8585 -0.1959 0.1230  0.0119  42  ASP A CB  
376 C  CG  . ASP A 46  ? 0.7030 0.6783 0.8866 -0.2095 0.1434  0.0417  42  ASP A CG  
377 O  OD1 . ASP A 46  ? 0.7467 0.7138 0.9578 -0.2354 0.1597  0.0445  42  ASP A OD1 
378 O  OD2 . ASP A 46  ? 0.7147 0.6698 0.8545 -0.1950 0.1430  0.0630  42  ASP A OD2 
379 N  N   . LYS A 47  ? 0.6120 0.6903 0.7901 -0.1928 0.1574  0.0293  43  LYS A N   
380 C  CA  . LYS A 47  ? 0.6033 0.6905 0.7438 -0.1801 0.1659  0.0406  43  LYS A CA  
381 C  C   . LYS A 47  ? 0.5851 0.6406 0.6815 -0.1573 0.1472  0.0502  43  LYS A C   
382 O  O   . LYS A 47  ? 0.5603 0.6329 0.6393 -0.1387 0.1404  0.0442  43  LYS A O   
383 C  CB  . LYS A 47  ? 0.6543 0.7314 0.7769 -0.2001 0.1943  0.0628  43  LYS A CB  
384 C  CG  . LYS A 47  ? 0.6622 0.7645 0.7551 -0.1922 0.2086  0.0661  43  LYS A CG  
385 C  CD  . LYS A 47  ? 0.7194 0.8121 0.7883 -0.2135 0.2384  0.0893  43  LYS A CD  
386 C  CE  . LYS A 47  ? 0.7315 0.8446 0.7595 -0.2038 0.2511  0.0914  43  LYS A CE  
387 N  NZ  . LYS A 47  ? 0.7919 0.8963 0.7867 -0.2246 0.2811  0.1158  43  LYS A NZ  
388 N  N   . ASN A 48  ? 0.5969 0.6066 0.6803 -0.1586 0.1389  0.0634  44  ASN A N   
389 C  CA  . ASN A 48  ? 0.5880 0.5694 0.6358 -0.1377 0.1213  0.0726  44  ASN A CA  
390 C  C   . ASN A 48  ? 0.5289 0.5250 0.5866 -0.1187 0.1002  0.0517  44  ASN A C   
391 O  O   . ASN A 48  ? 0.5118 0.5029 0.5433 -0.1007 0.0892  0.0544  44  ASN A O   
392 C  CB  . ASN A 48  ? 0.6350 0.5647 0.6736 -0.1424 0.1182  0.0914  44  ASN A CB  
393 C  CG  . ASN A 48  ? 0.6978 0.6047 0.7127 -0.1574 0.1370  0.1202  44  ASN A CG  
394 O  OD1 . ASN A 48  ? 0.7176 0.6450 0.7079 -0.1595 0.1502  0.1283  44  ASN A OD1 
395 N  ND2 . ASN A 48  ? 0.7542 0.6174 0.7757 -0.1680 0.1393  0.1361  44  ASN A ND2 
396 N  N   . PHE A 49  ? 0.4959 0.5112 0.5904 -0.1237 0.0946  0.0312  45  PHE A N   
397 C  CA  . PHE A 49  ? 0.4545 0.4864 0.5544 -0.1066 0.0759  0.0136  45  PHE A CA  
398 C  C   . PHE A 49  ? 0.4252 0.4920 0.5205 -0.0938 0.0761  0.0079  45  PHE A C   
399 O  O   . PHE A 49  ? 0.4077 0.4729 0.4853 -0.0760 0.0644  0.0063  45  PHE A O   
400 C  CB  . PHE A 49  ? 0.4493 0.4966 0.5854 -0.1154 0.0683  -0.0071 45  PHE A CB  
401 C  CG  . PHE A 49  ? 0.4205 0.4813 0.5545 -0.0986 0.0492  -0.0219 45  PHE A CG  
402 C  CD1 . PHE A 49  ? 0.4250 0.4570 0.5386 -0.0874 0.0388  -0.0202 45  PHE A CD1 
403 C  CD2 . PHE A 49  ? 0.4037 0.5062 0.5558 -0.0931 0.0421  -0.0359 45  PHE A CD2 
404 C  CE1 . PHE A 49  ? 0.4037 0.4479 0.5118 -0.0736 0.0243  -0.0320 45  PHE A CE1 
405 C  CE2 . PHE A 49  ? 0.3865 0.4986 0.5312 -0.0778 0.0249  -0.0453 45  PHE A CE2 
406 C  CZ  . PHE A 49  ? 0.3879 0.4705 0.5089 -0.0692 0.0173  -0.0431 45  PHE A CZ  
407 N  N   . ILE A 50  ? 0.4246 0.5222 0.5393 -0.1034 0.0905  0.0041  46  ILE A N   
408 C  CA  . ILE A 50  ? 0.4035 0.5325 0.5177 -0.0909 0.0938  -0.0023 46  ILE A CA  
409 C  C   . ILE A 50  ? 0.4090 0.5183 0.4801 -0.0805 0.0972  0.0105  46  ILE A C   
410 O  O   . ILE A 50  ? 0.3707 0.4881 0.4324 -0.0636 0.0897  0.0043  46  ILE A O   
411 C  CB  . ILE A 50  ? 0.4110 0.5773 0.5562 -0.1041 0.1131  -0.0088 46  ILE A CB  
412 C  CG1 . ILE A 50  ? 0.4021 0.5959 0.5959 -0.1147 0.1072  -0.0247 46  ILE A CG1 
413 C  CG2 . ILE A 50  ? 0.4049 0.6007 0.5512 -0.0887 0.1176  -0.0172 46  ILE A CG2 
414 C  CD1 . ILE A 50  ? 0.3701 0.5790 0.5759 -0.0973 0.0827  -0.0386 46  ILE A CD1 
415 N  N   . LYS A 51  ? 0.4426 0.5256 0.4876 -0.0911 0.1076  0.0285  47  LYS A N   
416 C  CA  . LYS A 51  ? 0.4644 0.5297 0.4651 -0.0825 0.1081  0.0410  47  LYS A CA  
417 C  C   . LYS A 51  ? 0.4500 0.4945 0.4346 -0.0653 0.0866  0.0411  47  LYS A C   
418 O  O   . LYS A 51  ? 0.4470 0.4921 0.4077 -0.0537 0.0824  0.0404  47  LYS A O   
419 C  CB  . LYS A 51  ? 0.5135 0.5539 0.4880 -0.0972 0.1211  0.0640  47  LYS A CB  
420 N  N   . SER A 52  ? 0.4461 0.4745 0.4461 -0.0648 0.0743  0.0394  48  SER A N   
421 C  CA  . SER A 52  ? 0.4353 0.4478 0.4254 -0.0498 0.0565  0.0377  48  SER A CA  
422 C  C   . SER A 52  ? 0.4028 0.4378 0.4003 -0.0364 0.0491  0.0227  48  SER A C   
423 O  O   . SER A 52  ? 0.3991 0.4269 0.3808 -0.0246 0.0404  0.0229  48  SER A O   
424 C  CB  . SER A 52  ? 0.4421 0.4351 0.4488 -0.0528 0.0483  0.0357  48  SER A CB  
425 O  OG  . SER A 52  ? 0.5008 0.4636 0.4999 -0.0620 0.0531  0.0520  48  SER A OG  
426 N  N   . ILE A 53  ? 0.3874 0.4498 0.4116 -0.0386 0.0521  0.0106  49  ILE A N   
427 C  CA  . ILE A 53  ? 0.3632 0.4452 0.3958 -0.0247 0.0452  -0.0004 49  ILE A CA  
428 C  C   . ILE A 53  ? 0.3648 0.4539 0.3830 -0.0183 0.0536  -0.0011 49  ILE A C   
429 O  O   . ILE A 53  ? 0.3485 0.4345 0.3591 -0.0057 0.0467  -0.0049 49  ILE A O   
430 C  CB  . ILE A 53  ? 0.3480 0.4601 0.4148 -0.0265 0.0438  -0.0122 49  ILE A CB  
431 C  CG1 . ILE A 53  ? 0.3448 0.4515 0.4235 -0.0331 0.0338  -0.0161 49  ILE A CG1 
432 C  CG2 . ILE A 53  ? 0.3321 0.4603 0.4062 -0.0097 0.0358  -0.0193 49  ILE A CG2 
433 C  CD1 . ILE A 53  ? 0.3455 0.4855 0.4584 -0.0378 0.0304  -0.0285 49  ILE A CD1 
434 N  N   . GLU A 54  ? 0.3982 0.4962 0.4123 -0.0282 0.0699  0.0017  50  GLU A N   
435 C  CA  . GLU A 54  ? 0.4236 0.5289 0.4193 -0.0235 0.0799  -0.0016 50  GLU A CA  
436 C  C   . GLU A 54  ? 0.4237 0.5044 0.3839 -0.0174 0.0710  0.0050  50  GLU A C   
437 O  O   . GLU A 54  ? 0.4189 0.5027 0.3686 -0.0085 0.0707  -0.0037 50  GLU A O   
438 C  CB  . GLU A 54  ? 0.4768 0.5947 0.4666 -0.0377 0.1014  0.0021  50  GLU A CB  
439 C  CG  . GLU A 54  ? 0.5071 0.6621 0.5301 -0.0380 0.1156  -0.0126 50  GLU A CG  
440 C  CD  . GLU A 54  ? 0.5164 0.6837 0.5447 -0.0205 0.1140  -0.0284 50  GLU A CD  
441 O  OE1 . GLU A 54  ? 0.5747 0.7402 0.5762 -0.0186 0.1238  -0.0324 50  GLU A OE1 
442 O  OE2 . GLU A 54  ? 0.5025 0.6805 0.5614 -0.0087 0.1030  -0.0370 50  GLU A OE2 
443 N  N   . LEU A 55  ? 0.4280 0.4850 0.3735 -0.0222 0.0635  0.0190  51  LEU A N   
444 C  CA  . LEU A 55  ? 0.4442 0.4813 0.3610 -0.0162 0.0526  0.0262  51  LEU A CA  
445 C  C   . LEU A 55  ? 0.4082 0.4429 0.3351 -0.0036 0.0389  0.0166  51  LEU A C   
446 O  O   . LEU A 55  ? 0.4182 0.4506 0.3304 0.0028  0.0338  0.0120  51  LEU A O   
447 C  CB  . LEU A 55  ? 0.4770 0.4895 0.3847 -0.0217 0.0468  0.0436  51  LEU A CB  
448 C  CG  . LEU A 55  ? 0.5314 0.5286 0.4033 -0.0205 0.0415  0.0581  51  LEU A CG  
449 C  CD1 . LEU A 55  ? 0.5467 0.5176 0.4217 -0.0188 0.0299  0.0722  51  LEU A CD1 
450 C  CD2 . LEU A 55  ? 0.5306 0.5350 0.3862 -0.0104 0.0326  0.0482  51  LEU A CD2 
451 N  N   . ILE A 56  ? 0.3781 0.4139 0.3294 -0.0015 0.0333  0.0130  52  ILE A N   
452 C  CA  . ILE A 56  ? 0.3547 0.3882 0.3143 0.0089  0.0229  0.0063  52  ILE A CA  
453 C  C   . ILE A 56  ? 0.3389 0.3847 0.3034 0.0165  0.0263  -0.0044 52  ILE A C   
454 O  O   . ILE A 56  ? 0.3334 0.3715 0.2910 0.0227  0.0213  -0.0084 52  ILE A O   
455 C  CB  . ILE A 56  ? 0.3480 0.3835 0.3275 0.0089  0.0174  0.0045  52  ILE A CB  
456 C  CG1 . ILE A 56  ? 0.3659 0.3842 0.3427 0.0033  0.0136  0.0116  52  ILE A CG1 
457 C  CG2 . ILE A 56  ? 0.3215 0.3565 0.3057 0.0187  0.0095  -0.0002 52  ILE A CG2 
458 C  CD1 . ILE A 56  ? 0.3582 0.3793 0.3523 0.0005  0.0101  0.0059  52  ILE A CD1 
459 N  N   . LYS A 57  ? 0.3307 0.3954 0.3108 0.0157  0.0356  -0.0103 53  LYS A N   
460 C  CA  . LYS A 57  ? 0.3313 0.4071 0.3204 0.0243  0.0408  -0.0218 53  LYS A CA  
461 C  C   . LYS A 57  ? 0.3471 0.4171 0.3126 0.0244  0.0460  -0.0276 53  LYS A C   
462 O  O   . LYS A 57  ? 0.3456 0.4097 0.3130 0.0325  0.0435  -0.0368 53  LYS A O   
463 C  CB  . LYS A 57  ? 0.3320 0.4338 0.3453 0.0232  0.0516  -0.0280 53  LYS A CB  
464 C  CG  . LYS A 57  ? 0.3133 0.4282 0.3554 0.0270  0.0433  -0.0278 53  LYS A CG  
465 C  CD  . LYS A 57  ? 0.3170 0.4626 0.3871 0.0223  0.0532  -0.0337 53  LYS A CD  
466 C  CE  . LYS A 57  ? 0.3267 0.4897 0.4088 0.0293  0.0668  -0.0456 53  LYS A CE  
467 N  NZ  . LYS A 57  ? 0.3214 0.5203 0.4395 0.0259  0.0766  -0.0531 53  LYS A NZ  
468 N  N   . ASP A 58  ? 0.3703 0.4410 0.3126 0.0148  0.0532  -0.0223 54  ASP A N   
469 C  CA  . ASP A 58  ? 0.4092 0.4772 0.3221 0.0139  0.0565  -0.0281 54  ASP A CA  
470 C  C   . ASP A 58  ? 0.4039 0.4549 0.3055 0.0183  0.0410  -0.0284 54  ASP A C   
471 O  O   . ASP A 58  ? 0.3978 0.4478 0.2911 0.0217  0.0404  -0.0419 54  ASP A O   
472 C  CB  . ASP A 58  ? 0.4549 0.5243 0.3382 0.0024  0.0647  -0.0165 54  ASP A CB  
473 C  CG  . ASP A 58  ? 0.4852 0.5762 0.3735 -0.0041 0.0857  -0.0215 54  ASP A CG  
474 O  OD1 . ASP A 58  ? 0.5053 0.6123 0.4123 0.0025  0.0947  -0.0392 54  ASP A OD1 
475 O  OD2 . ASP A 58  ? 0.5319 0.6232 0.4070 -0.0159 0.0945  -0.0074 54  ASP A OD2 
476 N  N   . ARG A 59  ? 0.3987 0.4376 0.3034 0.0176  0.0294  -0.0159 55  ARG A N   
477 C  CA  . ARG A 59  ? 0.4058 0.4329 0.3060 0.0210  0.0155  -0.0161 55  ARG A CA  
478 C  C   . ARG A 59  ? 0.3761 0.3993 0.2980 0.0278  0.0126  -0.0262 55  ARG A C   
479 O  O   . ARG A 59  ? 0.3761 0.3939 0.2956 0.0289  0.0063  -0.0337 55  ARG A O   
480 C  CB  . ARG A 59  ? 0.4168 0.4338 0.3166 0.0192  0.0062  -0.0010 55  ARG A CB  
481 C  CG  . ARG A 59  ? 0.4789 0.4934 0.3528 0.0133  0.0070  0.0118  55  ARG A CG  
482 C  CD  . ARG A 59  ? 0.5127 0.5144 0.3831 0.0155  -0.0069 0.0243  55  ARG A CD  
483 N  NE  . ARG A 59  ? 0.5453 0.5497 0.4114 0.0204  -0.0196 0.0171  55  ARG A NE  
484 C  CZ  . ARG A 59  ? 0.5436 0.5439 0.4254 0.0253  -0.0317 0.0188  55  ARG A CZ  
485 N  NH1 . ARG A 59  ? 0.5579 0.5489 0.4580 0.0272  -0.0321 0.0264  55  ARG A NH1 
486 N  NH2 . ARG A 59  ? 0.5506 0.5577 0.4324 0.0278  -0.0426 0.0104  55  ARG A NH2 
487 N  N   . MSE A 60  ? 0.3647 0.3913 0.3082 0.0316  0.0167  -0.0258 56  MSE A N   
488 C  CA  . MSE A 60  ? 0.3602 0.3806 0.3222 0.0389  0.0149  -0.0314 56  MSE A CA  
489 C  C   . MSE A 60  ? 0.3800 0.4001 0.3433 0.0426  0.0212  -0.0467 56  MSE A C   
490 O  O   . MSE A 60  ? 0.3849 0.3925 0.3559 0.0454  0.0184  -0.0532 56  MSE A O   
491 C  CB  . MSE A 60  ? 0.3630 0.3899 0.3440 0.0435  0.0157  -0.0258 56  MSE A CB  
492 C  CG  . MSE A 60  ? 0.3647 0.3877 0.3448 0.0402  0.0083  -0.0152 56  MSE A CG  
493 SE SE  . MSE A 60  ? 0.3838 0.4203 0.3832 0.0448  0.0060  -0.0108 56  MSE A SE  
494 C  CE  . MSE A 60  ? 0.3795 0.4023 0.3860 0.0558  0.0020  -0.0083 56  MSE A CE  
495 N  N   . LYS A 61  ? 0.3958 0.4294 0.3530 0.0416  0.0315  -0.0539 57  LYS A N   
496 C  CA  . LYS A 61  ? 0.4176 0.4525 0.3748 0.0451  0.0400  -0.0729 57  LYS A CA  
497 C  C   . LYS A 61  ? 0.4394 0.4679 0.3722 0.0393  0.0353  -0.0829 57  LYS A C   
498 O  O   . LYS A 61  ? 0.4575 0.4790 0.3954 0.0420  0.0375  -0.1007 57  LYS A O   
499 C  CB  . LYS A 61  ? 0.4324 0.4881 0.3902 0.0450  0.0552  -0.0795 57  LYS A CB  
500 C  CG  . LYS A 61  ? 0.4183 0.4851 0.4101 0.0534  0.0591  -0.0770 57  LYS A CG  
501 C  CD  . LYS A 61  ? 0.4399 0.5317 0.4400 0.0532  0.0761  -0.0871 57  LYS A CD  
502 C  CE  . LYS A 61  ? 0.4394 0.5452 0.4239 0.0399  0.0818  -0.0751 57  LYS A CE  
503 N  NZ  . LYS A 61  ? 0.4515 0.5856 0.4516 0.0385  0.1008  -0.0845 57  LYS A NZ  
504 N  N   . SER A 62  ? 0.4400 0.4709 0.3483 0.0318  0.0278  -0.0722 58  SER A N   
505 C  CA  . SER A 62  ? 0.4630 0.4937 0.3461 0.0267  0.0200  -0.0807 58  SER A CA  
506 C  C   . SER A 62  ? 0.4576 0.4782 0.3498 0.0256  0.0044  -0.0780 58  SER A C   
507 O  O   . SER A 62  ? 0.4861 0.5099 0.3622 0.0215  -0.0053 -0.0860 58  SER A O   
508 C  CB  . SER A 62  ? 0.4866 0.5279 0.3345 0.0204  0.0205  -0.0701 58  SER A CB  
509 O  OG  . SER A 62  ? 0.4770 0.5131 0.3260 0.0191  0.0119  -0.0479 58  SER A OG  
510 N  N   . ASN A 63  ? 0.4181 0.4294 0.3359 0.0289  0.0020  -0.0681 59  ASN A N   
511 C  CA  . ASN A 63  ? 0.4103 0.4146 0.3413 0.0271  -0.0088 -0.0654 59  ASN A CA  
512 C  C   . ASN A 63  ? 0.4142 0.4044 0.3724 0.0297  -0.0044 -0.0692 59  ASN A C   
513 O  O   . ASN A 63  ? 0.4072 0.3924 0.3750 0.0356  0.0045  -0.0697 59  ASN A O   
514 C  CB  . ASN A 63  ? 0.3945 0.4008 0.3252 0.0271  -0.0150 -0.0469 59  ASN A CB  
515 C  CG  . ASN A 63  ? 0.4148 0.4293 0.3203 0.0248  -0.0223 -0.0403 59  ASN A CG  
516 O  OD1 . ASN A 63  ? 0.4219 0.4392 0.3114 0.0241  -0.0164 -0.0317 59  ASN A OD1 
517 N  ND2 . ASN A 63  ? 0.4186 0.4377 0.3209 0.0232  -0.0353 -0.0438 59  ASN A ND2 
518 N  N   . SER A 64  ? 0.4081 0.3925 0.3799 0.0256  -0.0107 -0.0707 60  SER A N   
519 C  CA  . SER A 64  ? 0.4122 0.3798 0.4073 0.0255  -0.0054 -0.0734 60  SER A CA  
520 C  C   . SER A 64  ? 0.3884 0.3513 0.3950 0.0264  -0.0043 -0.0558 60  SER A C   
521 O  O   . SER A 64  ? 0.3927 0.3411 0.4156 0.0247  0.0001  -0.0533 60  SER A O   
522 C  CB  . SER A 64  ? 0.4376 0.4009 0.4428 0.0171  -0.0097 -0.0907 60  SER A CB  
523 O  OG  . SER A 64  ? 0.4513 0.4261 0.4618 0.0110  -0.0190 -0.0872 60  SER A OG  
524 N  N   . SER A 65  ? 0.3575 0.3317 0.3544 0.0284  -0.0073 -0.0439 61  SER A N   
525 C  CA  . SER A 65  ? 0.3453 0.3180 0.3478 0.0299  -0.0052 -0.0298 61  SER A CA  
526 C  C   . SER A 65  ? 0.3285 0.3114 0.3191 0.0332  -0.0069 -0.0216 61  SER A C   
527 O  O   . SER A 65  ? 0.3233 0.3135 0.3023 0.0326  -0.0103 -0.0236 61  SER A O   
528 C  CB  . SER A 65  ? 0.3415 0.3163 0.3565 0.0237  -0.0069 -0.0291 61  SER A CB  
529 O  OG  . SER A 65  ? 0.3382 0.3267 0.3502 0.0227  -0.0154 -0.0310 61  SER A OG  
530 N  N   . LEU A 66  ? 0.3253 0.3076 0.3176 0.0356  -0.0043 -0.0122 62  LEU A N   
531 C  CA  . LEU A 66  ? 0.3180 0.3086 0.3037 0.0365  -0.0059 -0.0070 62  LEU A CA  
532 C  C   . LEU A 66  ? 0.3037 0.2975 0.2896 0.0336  -0.0104 -0.0068 62  LEU A C   
533 O  O   . LEU A 66  ? 0.3236 0.3199 0.3033 0.0334  -0.0130 -0.0044 62  LEU A O   
534 C  CB  . LEU A 66  ? 0.3198 0.3113 0.3060 0.0391  -0.0040 -0.0002 62  LEU A CB  
535 C  CG  . LEU A 66  ? 0.3171 0.3170 0.2992 0.0382  -0.0057 0.0013  62  LEU A CG  
536 C  CD1 . LEU A 66  ? 0.3319 0.3386 0.3135 0.0384  -0.0054 -0.0006 62  LEU A CD1 
537 C  CD2 . LEU A 66  ? 0.3208 0.3246 0.3001 0.0400  -0.0058 0.0053  62  LEU A CD2 
538 N  N   . THR A 67  ? 0.3053 0.2985 0.3012 0.0315  -0.0107 -0.0087 63  THR A N   
539 C  CA  . THR A 67  ? 0.2936 0.2928 0.2969 0.0313  -0.0160 -0.0096 63  THR A CA  
540 C  C   . THR A 67  ? 0.3026 0.3047 0.2981 0.0320  -0.0250 -0.0107 63  THR A C   
541 O  O   . THR A 67  ? 0.3053 0.3076 0.2978 0.0346  -0.0300 -0.0056 63  THR A O   
542 C  CB  . THR A 67  ? 0.2863 0.2899 0.3078 0.0280  -0.0138 -0.0139 63  THR A CB  
543 O  OG1 . THR A 67  ? 0.2865 0.2871 0.3090 0.0266  -0.0038 -0.0101 63  THR A OG1 
544 C  CG2 . THR A 67  ? 0.2843 0.2982 0.3198 0.0302  -0.0202 -0.0161 63  THR A CG2 
545 N  N   . ASP A 68  ? 0.3213 0.3240 0.3119 0.0298  -0.0270 -0.0173 64  ASP A N   
546 C  CA  . ASP A 68  ? 0.3424 0.3496 0.3177 0.0298  -0.0355 -0.0189 64  ASP A CA  
547 C  C   . ASP A 68  ? 0.3365 0.3405 0.2919 0.0307  -0.0317 -0.0113 64  ASP A C   
548 O  O   . ASP A 68  ? 0.3496 0.3541 0.2924 0.0316  -0.0379 -0.0037 64  ASP A O   
549 C  CB  . ASP A 68  ? 0.3665 0.3759 0.3396 0.0260  -0.0370 -0.0321 64  ASP A CB  
550 C  CG  . ASP A 68  ? 0.3829 0.3989 0.3778 0.0221  -0.0430 -0.0408 64  ASP A CG  
551 O  OD1 . ASP A 68  ? 0.3936 0.4161 0.4051 0.0235  -0.0466 -0.0364 64  ASP A OD1 
552 O  OD2 . ASP A 68  ? 0.4008 0.4163 0.3988 0.0172  -0.0435 -0.0543 64  ASP A OD2 
553 N  N   . ALA A 69  ? 0.3248 0.3259 0.2795 0.0305  -0.0219 -0.0123 65  ALA A N   
554 C  CA  . ALA A 69  ? 0.3324 0.3345 0.2749 0.0296  -0.0161 -0.0069 65  ALA A CA  
555 C  C   . ALA A 69  ? 0.3313 0.3293 0.2739 0.0288  -0.0179 0.0042  65  ALA A C   
556 O  O   . ALA A 69  ? 0.3550 0.3514 0.2841 0.0260  -0.0166 0.0115  65  ALA A O   
557 C  CB  . ALA A 69  ? 0.3092 0.3134 0.2603 0.0312  -0.0071 -0.0105 65  ALA A CB  
558 N  N   . LEU A 70  ? 0.3232 0.3180 0.2811 0.0307  -0.0194 0.0051  66  LEU A N   
559 C  CA  . LEU A 70  ? 0.3237 0.3119 0.2862 0.0302  -0.0201 0.0116  66  LEU A CA  
560 C  C   . LEU A 70  ? 0.3358 0.3180 0.2999 0.0338  -0.0291 0.0175  66  LEU A C   
561 O  O   . LEU A 70  ? 0.3326 0.3044 0.3001 0.0342  -0.0299 0.0241  66  LEU A O   
562 C  CB  . LEU A 70  ? 0.3164 0.3056 0.2923 0.0309  -0.0166 0.0068  66  LEU A CB  
563 C  CG  . LEU A 70  ? 0.3112 0.3073 0.2866 0.0292  -0.0110 0.0039  66  LEU A CG  
564 C  CD1 . LEU A 70  ? 0.3061 0.3048 0.2880 0.0300  -0.0099 0.0004  66  LEU A CD1 
565 C  CD2 . LEU A 70  ? 0.3295 0.3276 0.3015 0.0244  -0.0075 0.0067  66  LEU A CD2 
566 N  N   . THR A 71  ? 0.3512 0.3399 0.3158 0.0367  -0.0368 0.0145  67  THR A N   
567 C  CA  . THR A 71  ? 0.3612 0.3492 0.3300 0.0422  -0.0488 0.0203  67  THR A CA  
568 C  C   . THR A 71  ? 0.3914 0.3698 0.3381 0.0417  -0.0525 0.0345  67  THR A C   
569 O  O   . THR A 71  ? 0.4158 0.3978 0.3389 0.0372  -0.0505 0.0359  67  THR A O   
570 C  CB  . THR A 71  ? 0.3678 0.3701 0.3408 0.0433  -0.0579 0.0124  67  THR A CB  
571 O  OG1 . THR A 71  ? 0.3585 0.3672 0.3535 0.0418  -0.0519 0.0017  67  THR A OG1 
572 C  CG2 . THR A 71  ? 0.3935 0.4002 0.3731 0.0507  -0.0739 0.0188  67  THR A CG2 
573 N  N   . GLY A 72  ? 0.3982 0.3631 0.3524 0.0461  -0.0562 0.0452  68  GLY A N   
574 C  CA  . GLY A 72  ? 0.4325 0.3825 0.3660 0.0448  -0.0583 0.0630  68  GLY A CA  
575 C  C   . GLY A 72  ? 0.4344 0.3708 0.3663 0.0361  -0.0440 0.0669  68  GLY A C   
576 O  O   . GLY A 72  ? 0.4669 0.3856 0.3888 0.0336  -0.0431 0.0829  68  GLY A O   
577 N  N   . LEU A 73  ? 0.4040 0.3487 0.3471 0.0311  -0.0338 0.0529  69  LEU A N   
578 C  CA  . LEU A 73  ? 0.4060 0.3445 0.3535 0.0219  -0.0220 0.0525  69  LEU A CA  
579 C  C   . LEU A 73  ? 0.3952 0.3253 0.3673 0.0229  -0.0205 0.0440  69  LEU A C   
580 O  O   . LEU A 73  ? 0.4110 0.3289 0.3901 0.0156  -0.0145 0.0456  69  LEU A O   
581 C  CB  . LEU A 73  ? 0.3934 0.3501 0.3366 0.0164  -0.0132 0.0425  69  LEU A CB  
582 C  CG  . LEU A 73  ? 0.4069 0.3740 0.3274 0.0137  -0.0096 0.0450  69  LEU A CG  
583 C  CD1 . LEU A 73  ? 0.3809 0.3651 0.3082 0.0107  -0.0002 0.0329  69  LEU A CD1 
584 C  CD2 . LEU A 73  ? 0.4344 0.3909 0.3360 0.0068  -0.0050 0.0611  69  LEU A CD2 
585 N  N   . ILE A 74  ? 0.3694 0.3068 0.3548 0.0303  -0.0246 0.0334  70  ILE A N   
586 C  CA  . ILE A 74  ? 0.3632 0.2948 0.3691 0.0324  -0.0225 0.0229  70  ILE A CA  
587 C  C   . ILE A 74  ? 0.3675 0.2957 0.3886 0.0439  -0.0301 0.0227  70  ILE A C   
588 O  O   . ILE A 74  ? 0.3551 0.2932 0.3724 0.0492  -0.0376 0.0270  70  ILE A O   
589 C  CB  . ILE A 74  ? 0.3336 0.2821 0.3414 0.0295  -0.0170 0.0085  70  ILE A CB  
590 C  CG1 . ILE A 74  ? 0.3234 0.2867 0.3299 0.0348  -0.0190 0.0050  70  ILE A CG1 
591 C  CG2 . ILE A 74  ? 0.3316 0.2880 0.3299 0.0207  -0.0121 0.0088  70  ILE A CG2 
592 C  CD1 . ILE A 74  ? 0.3137 0.2899 0.3187 0.0326  -0.0136 -0.0043 70  ILE A CD1 
593 N  N   . PRO A 75  ? 0.3695 0.2856 0.4109 0.0479  -0.0282 0.0154  71  PRO A N   
594 C  CA  . PRO A 75  ? 0.3848 0.3006 0.4475 0.0608  -0.0348 0.0140  71  PRO A CA  
595 C  C   . PRO A 75  ? 0.3647 0.3067 0.4331 0.0642  -0.0355 0.0054  71  PRO A C   
596 O  O   . PRO A 75  ? 0.3373 0.2926 0.3974 0.0574  -0.0275 -0.0036 71  PRO A O   
597 C  CB  . PRO A 75  ? 0.3971 0.2998 0.4813 0.0627  -0.0277 0.0001  71  PRO A CB  
598 C  CG  . PRO A 75  ? 0.4089 0.2945 0.4827 0.0509  -0.0224 0.0022  71  PRO A CG  
599 C  CD  . PRO A 75  ? 0.3845 0.2867 0.4335 0.0411  -0.0208 0.0070  71  PRO A CD  
600 N  N   . ASP A 76  ? 0.3811 0.3304 0.4651 0.0743  -0.0454 0.0090  72  ASP A N   
601 C  CA  . ASP A 76  ? 0.3819 0.3569 0.4768 0.0754  -0.0457 0.0002  72  ASP A CA  
602 C  C   . ASP A 76  ? 0.3525 0.3382 0.4592 0.0722  -0.0308 -0.0166 72  ASP A C   
603 O  O   . ASP A 76  ? 0.3370 0.3381 0.4383 0.0659  -0.0251 -0.0212 72  ASP A O   
604 C  CB  . ASP A 76  ? 0.4106 0.3960 0.5304 0.0877  -0.0596 0.0035  72  ASP A CB  
605 C  CG  . ASP A 76  ? 0.4543 0.4390 0.5540 0.0890  -0.0762 0.0196  72  ASP A CG  
606 O  OD1 . ASP A 76  ? 0.4917 0.4738 0.5602 0.0792  -0.0742 0.0243  72  ASP A OD1 
607 O  OD2 . ASP A 76  ? 0.5132 0.5017 0.6281 0.1007  -0.0917 0.0269  72  ASP A OD2 
608 N  N   . LYS A 77  ? 0.3560 0.3320 0.4763 0.0758  -0.0236 -0.0260 73  LYS A N   
609 C  CA  . LYS A 77  ? 0.3571 0.3452 0.4826 0.0724  -0.0085 -0.0432 73  LYS A CA  
610 C  C   . LYS A 77  ? 0.3358 0.3256 0.4301 0.0602  -0.0013 -0.0436 73  LYS A C   
611 O  O   . LYS A 77  ? 0.3284 0.3329 0.4169 0.0556  0.0087  -0.0504 73  LYS A O   
612 C  CB  . LYS A 77  ? 0.3861 0.3638 0.5324 0.0791  -0.0020 -0.0573 73  LYS A CB  
613 C  CG  . LYS A 77  ? 0.4167 0.3705 0.5493 0.0739  -0.0006 -0.0595 73  LYS A CG  
614 C  CD  . LYS A 77  ? 0.4531 0.3993 0.6061 0.0785  0.0092  -0.0806 73  LYS A CD  
615 C  CE  . LYS A 77  ? 0.4869 0.4116 0.6718 0.0924  0.0020  -0.0774 73  LYS A CE  
616 N  NZ  . LYS A 77  ? 0.5286 0.4422 0.7374 0.0978  0.0126  -0.1013 73  LYS A NZ  
617 N  N   . GLU A 78  ? 0.3324 0.3082 0.4079 0.0554  -0.0063 -0.0349 74  GLU A N   
618 C  CA  . GLU A 78  ? 0.3240 0.3043 0.3750 0.0461  -0.0026 -0.0341 74  GLU A CA  
619 C  C   . GLU A 78  ? 0.3145 0.3049 0.3553 0.0440  -0.0050 -0.0251 74  GLU A C   
620 O  O   . GLU A 78  ? 0.3034 0.3021 0.3319 0.0397  0.0003  -0.0260 74  GLU A O   
621 C  CB  . GLU A 78  ? 0.3338 0.2998 0.3755 0.0410  -0.0059 -0.0302 74  GLU A CB  
622 C  CG  . GLU A 78  ? 0.3598 0.3117 0.4149 0.0415  -0.0030 -0.0414 74  GLU A CG  
623 C  CD  . GLU A 78  ? 0.3807 0.3207 0.4303 0.0326  -0.0037 -0.0411 74  GLU A CD  
624 O  OE1 . GLU A 78  ? 0.3878 0.3347 0.4233 0.0263  -0.0056 -0.0329 74  GLU A OE1 
625 O  OE2 . GLU A 78  ? 0.4117 0.3352 0.4749 0.0316  -0.0016 -0.0505 74  GLU A OE2 
626 N  N   . VAL A 79  ? 0.3196 0.3086 0.3649 0.0472  -0.0135 -0.0167 75  VAL A N   
627 C  CA  . VAL A 79  ? 0.3145 0.3122 0.3533 0.0446  -0.0158 -0.0125 75  VAL A CA  
628 C  C   . VAL A 79  ? 0.3162 0.3270 0.3667 0.0431  -0.0082 -0.0191 75  VAL A C   
629 O  O   . VAL A 79  ? 0.3046 0.3179 0.3460 0.0380  -0.0038 -0.0174 75  VAL A O   
630 C  CB  . VAL A 79  ? 0.3287 0.3263 0.3704 0.0482  -0.0277 -0.0059 75  VAL A CB  
631 C  CG1 . VAL A 79  ? 0.3349 0.3429 0.3752 0.0447  -0.0297 -0.0076 75  VAL A CG1 
632 C  CG2 . VAL A 79  ? 0.3422 0.3267 0.3659 0.0473  -0.0323 0.0039  75  VAL A CG2 
633 N  N   . LEU A 80  ? 0.3193 0.3372 0.3920 0.0475  -0.0055 -0.0265 76  LEU A N   
634 C  CA  . LEU A 80  ? 0.3261 0.3592 0.4133 0.0446  0.0051  -0.0335 76  LEU A CA  
635 C  C   . LEU A 80  ? 0.3259 0.3581 0.3916 0.0380  0.0179  -0.0340 76  LEU A C   
636 O  O   . LEU A 80  ? 0.3074 0.3445 0.3693 0.0318  0.0255  -0.0307 76  LEU A O   
637 C  CB  . LEU A 80  ? 0.3434 0.3866 0.4610 0.0520  0.0077  -0.0436 76  LEU A CB  
638 C  CG  . LEU A 80  ? 0.3606 0.4258 0.5046 0.0496  0.0185  -0.0521 76  LEU A CG  
639 C  CD1 . LEU A 80  ? 0.3595 0.4362 0.5401 0.0605  0.0183  -0.0628 76  LEU A CD1 
640 C  CD2 . LEU A 80  ? 0.3891 0.4576 0.5154 0.0408  0.0372  -0.0550 76  LEU A CD2 
641 N  N   . MSE A 81  ? 0.3186 0.3440 0.3701 0.0390  0.0196  -0.0373 77  MSE A N   
642 C  CA  . MSE A 81  ? 0.3306 0.3581 0.3576 0.0338  0.0281  -0.0374 77  MSE A CA  
643 C  C   . MSE A 81  ? 0.3146 0.3360 0.3220 0.0308  0.0230  -0.0250 77  MSE A C   
644 O  O   . MSE A 81  ? 0.2927 0.3162 0.2843 0.0274  0.0291  -0.0193 77  MSE A O   
645 C  CB  A MSE A 81  ? 0.3527 0.3765 0.3706 0.0348  0.0282  -0.0473 77  MSE A CB  
646 C  CB  B MSE A 81  ? 0.3518 0.3776 0.3705 0.0346  0.0302  -0.0486 77  MSE A CB  
647 C  CG  A MSE A 81  ? 0.3772 0.4070 0.4129 0.0382  0.0373  -0.0631 77  MSE A CG  
648 C  CG  B MSE A 81  ? 0.3738 0.4061 0.4137 0.0386  0.0393  -0.0640 77  MSE A CG  
649 SE SE  A MSE A 81  ? 0.4324 0.4803 0.4461 0.0314  0.0567  -0.0687 77  MSE A SE  
650 SE SE  B MSE A 81  ? 0.4210 0.4750 0.4617 0.0336  0.0605  -0.0690 77  MSE A SE  
651 C  CE  A MSE A 81  ? 0.4180 0.4807 0.4699 0.0325  0.0675  -0.0697 77  MSE A CE  
652 C  CE  B MSE A 81  ? 0.3863 0.4499 0.4758 0.0393  0.0576  -0.0692 77  MSE A CE  
653 N  N   . ILE A 82  ? 0.2962 0.3099 0.3048 0.0327  0.0125  -0.0201 78  ILE A N   
654 C  CA  . ILE A 82  ? 0.2991 0.3082 0.2958 0.0316  0.0086  -0.0109 78  ILE A CA  
655 C  C   . ILE A 82  ? 0.2947 0.3032 0.2975 0.0291  0.0125  -0.0066 78  ILE A C   
656 O  O   . ILE A 82  ? 0.2997 0.3036 0.2923 0.0279  0.0152  0.0006  78  ILE A O   
657 C  CB  . ILE A 82  ? 0.2950 0.2986 0.2922 0.0332  -0.0004 -0.0088 78  ILE A CB  
658 C  CG1 . ILE A 82  ? 0.3039 0.3065 0.2958 0.0326  -0.0024 -0.0116 78  ILE A CG1 
659 C  CG2 . ILE A 82  ? 0.2980 0.2988 0.2892 0.0333  -0.0025 -0.0031 78  ILE A CG2 
660 C  CD1 . ILE A 82  ? 0.3106 0.3190 0.2901 0.0314  -0.0029 -0.0101 78  ILE A CD1 
661 N  N   . ASN A 83  ? 0.2924 0.3055 0.3147 0.0283  0.0124  -0.0113 79  ASN A N   
662 C  CA  . ASN A 83  ? 0.2890 0.3028 0.3227 0.0233  0.0164  -0.0102 79  ASN A CA  
663 C  C   . ASN A 83  ? 0.3032 0.3180 0.3326 0.0178  0.0304  -0.0060 79  ASN A C   
664 O  O   . ASN A 83  ? 0.2986 0.3041 0.3257 0.0132  0.0346  0.0011  79  ASN A O   
665 C  CB  . ASN A 83  ? 0.2843 0.3092 0.3438 0.0232  0.0115  -0.0179 79  ASN A CB  
666 C  CG  . ASN A 83  ? 0.2855 0.3125 0.3609 0.0157  0.0138  -0.0200 79  ASN A CG  
667 O  OD1 . ASN A 83  ? 0.3275 0.3436 0.3954 0.0133  0.0104  -0.0181 79  ASN A OD1 
668 N  ND2 . ASN A 83  ? 0.2760 0.3179 0.3766 0.0114  0.0204  -0.0258 79  ASN A ND2 
669 N  N   . VAL A 84  ? 0.3105 0.3347 0.3371 0.0180  0.0385  -0.0101 80  VAL A N   
670 C  CA  . VAL A 84  ? 0.3344 0.3606 0.3498 0.0118  0.0538  -0.0046 80  VAL A CA  
671 C  C   . VAL A 84  ? 0.3515 0.3660 0.3354 0.0132  0.0516  0.0085  80  VAL A C   
672 O  O   . VAL A 84  ? 0.3640 0.3697 0.3385 0.0087  0.0590  0.0211  80  VAL A O   
673 C  CB  . VAL A 84  ? 0.3621 0.4048 0.3811 0.0107  0.0666  -0.0149 80  VAL A CB  
674 C  CG1 . VAL A 84  ? 0.3350 0.3891 0.3860 0.0160  0.0623  -0.0294 80  VAL A CG1 
675 C  CG2 . VAL A 84  ? 0.3916 0.4347 0.3788 0.0129  0.0684  -0.0156 80  VAL A CG2 
676 N  N   . ALA A 85  ? 0.3496 0.3639 0.3202 0.0195  0.0409  0.0063  81  ALA A N   
677 C  CA  . ALA A 85  ? 0.3696 0.3782 0.3158 0.0229  0.0351  0.0170  81  ALA A CA  
678 C  C   . ALA A 85  ? 0.3715 0.3655 0.3228 0.0250  0.0305  0.0280  81  ALA A C   
679 O  O   . ALA A 85  ? 0.4010 0.3866 0.3374 0.0268  0.0310  0.0419  81  ALA A O   
680 C  CB  . ALA A 85  ? 0.3693 0.3842 0.3098 0.0274  0.0244  0.0091  81  ALA A CB  
681 N  N   . GLU A 86  ? 0.3593 0.3495 0.3305 0.0253  0.0258  0.0215  82  GLU A N   
682 C  CA  . GLU A 86  ? 0.3723 0.3484 0.3506 0.0271  0.0227  0.0265  82  GLU A CA  
683 C  C   . GLU A 86  ? 0.3999 0.3628 0.3828 0.0210  0.0327  0.0353  82  GLU A C   
684 O  O   . GLU A 86  ? 0.4109 0.3574 0.3898 0.0239  0.0329  0.0464  82  GLU A O   
685 C  CB  . GLU A 86  ? 0.3570 0.3348 0.3513 0.0270  0.0164  0.0151  82  GLU A CB  
686 C  CG  . GLU A 86  ? 0.3776 0.3434 0.3770 0.0296  0.0134  0.0149  82  GLU A CG  
687 C  CD  . GLU A 86  ? 0.3697 0.3408 0.3736 0.0306  0.0064  0.0038  82  GLU A CD  
688 O  OE1 . GLU A 86  ? 0.3557 0.3362 0.3644 0.0277  0.0034  -0.0022 82  GLU A OE1 
689 O  OE2 . GLU A 86  ? 0.3743 0.3408 0.3769 0.0350  0.0043  0.0018  82  GLU A OE2 
690 N  N   . ASN A 87  ? 0.4091 0.3792 0.4035 0.0125  0.0419  0.0305  83  ASN A N   
691 C  CA  . ASN A 87  ? 0.4436 0.4034 0.4462 0.0029  0.0548  0.0381  83  ASN A CA  
692 C  C   . ASN A 87  ? 0.4792 0.4314 0.4563 0.0018  0.0643  0.0567  83  ASN A C   
693 O  O   . ASN A 87  ? 0.5017 0.4332 0.4782 -0.0022 0.0711  0.0709  83  ASN A O   
694 C  CB  . ASN A 87  ? 0.4480 0.4247 0.4747 -0.0061 0.0627  0.0263  83  ASN A CB  
695 C  CG  . ASN A 87  ? 0.4404 0.4198 0.4947 -0.0083 0.0540  0.0126  83  ASN A CG  
696 O  OD1 . ASN A 87  ? 0.4687 0.4356 0.5380 -0.0155 0.0566  0.0124  83  ASN A OD1 
697 N  ND2 . ASN A 87  ? 0.4179 0.4126 0.4780 -0.0022 0.0429  0.0011  83  ASN A ND2 
698 N  N   . SER A 88  ? 0.4707 0.4377 0.4253 0.0052  0.0646  0.0565  84  SER A N   
699 C  CA  . SER A 88  ? 0.5100 0.4743 0.4328 0.0040  0.0724  0.0735  84  SER A CA  
700 C  C   . SER A 88  ? 0.5242 0.4787 0.4246 0.0155  0.0585  0.0874  84  SER A C   
701 O  O   . SER A 88  ? 0.5637 0.5134 0.4348 0.0166  0.0610  0.1055  84  SER A O   
702 C  CB  . SER A 88  ? 0.5136 0.5011 0.4212 0.0019  0.0791  0.0629  84  SER A CB  
703 O  OG  . SER A 88  ? 0.4939 0.4933 0.4016 0.0099  0.0654  0.0483  84  SER A OG  
704 N  N   . GLY A 89  ? 0.5123 0.4663 0.4266 0.0241  0.0440  0.0794  85  GLY A N   
705 C  CA  . GLY A 89  ? 0.5300 0.4807 0.4320 0.0361  0.0302  0.0892  85  GLY A CA  
706 C  C   . GLY A 89  ? 0.5521 0.5236 0.4267 0.0394  0.0235  0.0884  85  GLY A C   
707 O  O   . GLY A 89  ? 0.5957 0.5662 0.4463 0.0454  0.0174  0.1048  85  GLY A O   
708 N  N   . LYS A 90  ? 0.5215 0.5111 0.4001 0.0355  0.0236  0.0690  86  LYS A N   
709 C  CA  . LYS A 90  ? 0.5273 0.5368 0.3846 0.0366  0.0174  0.0615  86  LYS A CA  
710 C  C   . LYS A 90  ? 0.4846 0.5047 0.3616 0.0378  0.0089  0.0420  86  LYS A C   
711 O  O   . LYS A 90  ? 0.4695 0.5000 0.3460 0.0332  0.0122  0.0264  86  LYS A O   
712 C  CB  . LYS A 90  ? 0.5466 0.5647 0.3862 0.0279  0.0321  0.0557  86  LYS A CB  
713 C  CG  . LYS A 90  ? 0.5990 0.6078 0.4153 0.0235  0.0449  0.0758  86  LYS A CG  
714 C  CD  . LYS A 90  ? 0.6389 0.6513 0.4166 0.0296  0.0345  0.0929  86  LYS A CD  
715 C  CE  . LYS A 90  ? 0.6944 0.6929 0.4450 0.0250  0.0478  0.1184  86  LYS A CE  
716 N  NZ  . LYS A 90  ? 0.7392 0.7362 0.4543 0.0344  0.0333  0.1416  86  LYS A NZ  
717 N  N   . ILE A 91  ? 0.4733 0.4898 0.3684 0.0436  -0.0004 0.0429  87  ILE A N   
718 C  CA  . ILE A 91  ? 0.4397 0.4632 0.3535 0.0425  -0.0052 0.0276  87  ILE A CA  
719 C  C   . ILE A 91  ? 0.4411 0.4823 0.3459 0.0407  -0.0122 0.0162  87  ILE A C   
720 O  O   . ILE A 91  ? 0.4152 0.4585 0.3283 0.0355  -0.0096 0.0020  87  ILE A O   
721 C  CB  . ILE A 91  ? 0.4503 0.4702 0.3823 0.0484  -0.0114 0.0299  87  ILE A CB  
722 C  CG1 . ILE A 91  ? 0.4618 0.4632 0.4044 0.0490  -0.0049 0.0361  87  ILE A CG1 
723 C  CG2 . ILE A 91  ? 0.4124 0.4389 0.3593 0.0450  -0.0135 0.0168  87  ILE A CG2 
724 C  CD1 . ILE A 91  ? 0.4468 0.4431 0.3981 0.0416  0.0030  0.0280  87  ILE A CD1 
725 N  N   . SER A 92  ? 0.4415 0.4945 0.3304 0.0450  -0.0220 0.0224  88  SER A N   
726 C  CA  . SER A 92  ? 0.4566 0.5298 0.3393 0.0423  -0.0313 0.0091  88  SER A CA  
727 C  C   . SER A 92  ? 0.4736 0.5497 0.3405 0.0344  -0.0233 -0.0053 88  SER A C   
728 O  O   . SER A 92  ? 0.4735 0.5549 0.3509 0.0288  -0.0243 -0.0236 88  SER A O   
729 C  CB  . SER A 92  ? 0.4820 0.5710 0.3482 0.0494  -0.0457 0.0195  88  SER A CB  
730 O  OG  . SER A 92  ? 0.5015 0.6138 0.3637 0.0452  -0.0565 0.0036  88  SER A OG  
731 N  N   . SER A 93  ? 0.4967 0.5687 0.3403 0.0338  -0.0138 0.0025  89  SER A N   
732 C  CA  . SER A 93  ? 0.5148 0.5922 0.3435 0.0272  -0.0029 -0.0128 89  SER A CA  
733 C  C   . SER A 93  ? 0.4756 0.5419 0.3325 0.0239  0.0085  -0.0257 89  SER A C   
734 O  O   . SER A 93  ? 0.4610 0.5316 0.3201 0.0201  0.0136  -0.0455 89  SER A O   
735 C  CB  . SER A 93  ? 0.5630 0.6409 0.3587 0.0261  0.0074  0.0005  89  SER A CB  
736 O  OG  . SER A 93  ? 0.5811 0.6418 0.3894 0.0266  0.0183  0.0164  89  SER A OG  
737 N  N   . GLY A 94  ? 0.4493 0.5020 0.3282 0.0263  0.0113  -0.0155 90  GLY A N   
738 C  CA  . GLY A 94  ? 0.4238 0.4679 0.3305 0.0253  0.0173  -0.0249 90  GLY A CA  
739 C  C   . GLY A 94  ? 0.4063 0.4484 0.3297 0.0246  0.0091  -0.0365 90  GLY A C   
740 O  O   . GLY A 94  ? 0.3854 0.4236 0.3220 0.0234  0.0132  -0.0504 90  GLY A O   
741 N  N   . ILE A 95  ? 0.3981 0.4423 0.3234 0.0258  -0.0017 -0.0305 91  ILE A N   
742 C  CA  . ILE A 95  ? 0.3835 0.4274 0.3236 0.0224  -0.0079 -0.0400 91  ILE A CA  
743 C  C   . ILE A 95  ? 0.3911 0.4437 0.3241 0.0171  -0.0092 -0.0585 91  ILE A C   
744 O  O   . ILE A 95  ? 0.3896 0.4338 0.3385 0.0129  -0.0079 -0.0712 91  ILE A O   
745 C  CB  . ILE A 95  ? 0.3738 0.4245 0.3194 0.0239  -0.0169 -0.0314 91  ILE A CB  
746 C  CG1 . ILE A 95  ? 0.3617 0.4016 0.3168 0.0281  -0.0142 -0.0188 91  ILE A CG1 
747 C  CG2 . ILE A 95  ? 0.3758 0.4298 0.3373 0.0172  -0.0212 -0.0419 91  ILE A CG2 
748 C  CD1 . ILE A 95  ? 0.3598 0.4077 0.3215 0.0314  -0.0202 -0.0119 91  ILE A CD1 
749 N  N   . ALA A 96  ? 0.4147 0.4825 0.3226 0.0171  -0.0120 -0.0602 92  ALA A N   
750 C  CA  . ALA A 96  ? 0.4353 0.5141 0.3317 0.0113  -0.0139 -0.0814 92  ALA A CA  
751 C  C   . ALA A 96  ? 0.4497 0.5179 0.3518 0.0096  -0.0003 -0.0981 92  ALA A C   
752 O  O   . ALA A 96  ? 0.4612 0.5268 0.3731 0.0044  -0.0002 -0.1193 92  ALA A O   
753 C  CB  . ALA A 96  ? 0.4662 0.5648 0.3271 0.0126  -0.0199 -0.0775 92  ALA A CB  
754 N  N   . ALA A 97  ? 0.4452 0.5076 0.3457 0.0140  0.0114  -0.0895 93  ALA A N   
755 C  CA  . ALA A 97  ? 0.4522 0.5088 0.3644 0.0147  0.0252  -0.1049 93  ALA A CA  
756 C  C   . ALA A 97  ? 0.4287 0.4659 0.3771 0.0169  0.0242  -0.1092 93  ALA A C   
757 O  O   . ALA A 97  ? 0.4445 0.4743 0.4076 0.0171  0.0300  -0.1284 93  ALA A O   
758 C  CB  . ALA A 97  ? 0.4550 0.5150 0.3612 0.0175  0.0380  -0.0937 93  ALA A CB  
759 N  N   . ILE A 98  ? 0.4099 0.4381 0.3713 0.0190  0.0172  -0.0911 94  ILE A N   
760 C  CA  . ILE A 98  ? 0.3989 0.4082 0.3876 0.0207  0.0143  -0.0902 94  ILE A CA  
761 C  C   . ILE A 98  ? 0.4168 0.4186 0.4127 0.0139  0.0100  -0.1045 94  ILE A C   
762 O  O   . ILE A 98  ? 0.4087 0.3931 0.4248 0.0146  0.0132  -0.1154 94  ILE A O   
763 C  CB  . ILE A 98  ? 0.3777 0.3820 0.3707 0.0225  0.0077  -0.0689 94  ILE A CB  
764 C  CG1 . ILE A 98  ? 0.3671 0.3744 0.3619 0.0281  0.0119  -0.0585 94  ILE A CG1 
765 C  CG2 . ILE A 98  ? 0.3778 0.3632 0.3903 0.0223  0.0041  -0.0656 94  ILE A CG2 
766 C  CD1 . ILE A 98  ? 0.3457 0.3517 0.3381 0.0289  0.0060  -0.0416 94  ILE A CD1 
767 N  N   . ARG A 99  ? 0.4241 0.4387 0.4070 0.0073  0.0023  -0.1047 95  ARG A N   
768 C  CA  . ARG A 99  ? 0.4532 0.4660 0.4451 -0.0022 -0.0023 -0.1209 95  ARG A CA  
769 C  C   . ARG A 99  ? 0.4797 0.4899 0.4713 -0.0047 0.0037  -0.1480 95  ARG A C   
770 O  O   . ARG A 99  ? 0.4863 0.4779 0.4994 -0.0095 0.0054  -0.1621 95  ARG A O   
771 C  CB  . ARG A 99  ? 0.4610 0.4977 0.4398 -0.0076 -0.0129 -0.1189 95  ARG A CB  
772 C  CG  . ARG A 99  ? 0.4936 0.5341 0.4866 -0.0198 -0.0191 -0.1362 95  ARG A CG  
773 C  CD  . ARG A 99  ? 0.5104 0.5821 0.4931 -0.0228 -0.0318 -0.1352 95  ARG A CD  
774 N  NE  . ARG A 99  ? 0.5477 0.6317 0.5411 -0.0356 -0.0393 -0.1589 95  ARG A NE  
775 C  CZ  . ARG A 99  ? 0.5823 0.6805 0.5584 -0.0397 -0.0439 -0.1823 95  ARG A CZ  
776 N  NH1 . ARG A 99  ? 0.6121 0.7226 0.6024 -0.0531 -0.0521 -0.2054 95  ARG A NH1 
777 N  NH2 . ARG A 99  ? 0.5998 0.7016 0.5445 -0.0321 -0.0396 -0.1843 95  ARG A NH2 
778 N  N   . LYS A 100 ? 0.5024 0.5295 0.4695 -0.0018 0.0082  -0.1556 96  LYS A N   
779 C  CA  . LYS A 100 ? 0.5383 0.5662 0.5012 -0.0036 0.0165  -0.1843 96  LYS A CA  
780 C  C   . LYS A 100 ? 0.5415 0.5446 0.5358 0.0029  0.0272  -0.1923 96  LYS A C   
781 O  O   . LYS A 100 ? 0.5608 0.5503 0.5709 -0.0002 0.0308  -0.2169 96  LYS A O   
782 C  CB  . LYS A 100 ? 0.5663 0.6174 0.4938 -0.0012 0.0232  -0.1863 96  LYS A CB  
783 C  CG  . LYS A 100 ? 0.6149 0.6730 0.5306 -0.0046 0.0325  -0.2195 96  LYS A CG  
784 C  CD  . LYS A 100 ? 0.6464 0.7278 0.5216 -0.0034 0.0419  -0.2191 96  LYS A CD  
785 C  CE  . LYS A 100 ? 0.6939 0.7859 0.5515 -0.0083 0.0508  -0.2557 96  LYS A CE  
786 N  NZ  . LYS A 100 ? 0.7290 0.8393 0.5543 -0.0064 0.0685  -0.2573 96  LYS A NZ  
787 N  N   . ASN A 101 ? 0.5213 0.5184 0.5267 0.0125  0.0311  -0.1725 97  ASN A N   
788 C  CA  . ASN A 101 ? 0.5305 0.5073 0.5690 0.0217  0.0380  -0.1761 97  ASN A CA  
789 C  C   . ASN A 101 ? 0.5374 0.4842 0.6030 0.0198  0.0322  -0.1768 97  ASN A C   
790 O  O   . ASN A 101 ? 0.5704 0.4975 0.6609 0.0243  0.0379  -0.1936 97  ASN A O   
791 C  CB  . ASN A 101 ? 0.5072 0.4867 0.5538 0.0309  0.0381  -0.1521 97  ASN A CB  
792 C  CG  . ASN A 101 ? 0.5126 0.5151 0.5465 0.0339  0.0497  -0.1549 97  ASN A CG  
793 O  OD1 . ASN A 101 ? 0.5408 0.5549 0.5643 0.0321  0.0608  -0.1765 97  ASN A OD1 
794 N  ND2 . ASN A 101 ? 0.5001 0.5098 0.5351 0.0372  0.0484  -0.1340 97  ASN A ND2 
795 N  N   . ILE A 102 ? 0.5247 0.4670 0.5866 0.0132  0.0223  -0.1581 98  ILE A N   
796 C  CA  . ILE A 102 ? 0.5402 0.4537 0.6241 0.0080  0.0184  -0.1543 98  ILE A CA  
797 C  C   . ILE A 102 ? 0.5726 0.4772 0.6653 -0.0023 0.0209  -0.1840 98  ILE A C   
798 O  O   . ILE A 102 ? 0.6019 0.4753 0.7217 -0.0018 0.0241  -0.1922 98  ILE A O   
799 C  CB  . ILE A 102 ? 0.5278 0.4458 0.6029 0.0001  0.0104  -0.1318 98  ILE A CB  
800 C  CG1 . ILE A 102 ? 0.5016 0.4226 0.5710 0.0096  0.0078  -0.1048 98  ILE A CG1 
801 C  CG2 . ILE A 102 ? 0.5485 0.4392 0.6443 -0.0095 0.0095  -0.1295 98  ILE A CG2 
802 C  CD1 . ILE A 102 ? 0.4810 0.4116 0.5388 0.0030  0.0024  -0.0864 98  ILE A CD1 
803 N  N   . ILE A 103 ? 0.5769 0.5086 0.6468 -0.0112 0.0185  -0.2003 99  ILE A N   
804 C  CA  . ILE A 103 ? 0.6182 0.5481 0.6928 -0.0232 0.0185  -0.2325 99  ILE A CA  
805 C  C   . ILE A 103 ? 0.6601 0.5798 0.7432 -0.0167 0.0299  -0.2618 99  ILE A C   
806 O  O   . ILE A 103 ? 0.6904 0.5849 0.7979 -0.0221 0.0333  -0.2846 99  ILE A O   
807 C  CB  . ILE A 103 ? 0.6112 0.5786 0.6554 -0.0328 0.0096  -0.2417 99  ILE A CB  
808 C  CG1 . ILE A 103 ? 0.5833 0.5620 0.6276 -0.0390 -0.0011 -0.2174 99  ILE A CG1 
809 C  CG2 . ILE A 103 ? 0.6457 0.6152 0.6938 -0.0460 0.0081  -0.2793 99  ILE A CG2 
810 C  CD1 . ILE A 103 ? 0.5804 0.5988 0.5959 -0.0423 -0.0120 -0.2186 99  ILE A CD1 
811 N  N   . ASP A 104 ? 0.6698 0.6088 0.7353 -0.0059 0.0373  -0.2620 100 ASP A N   
812 C  CA  . ASP A 104 ? 0.7158 0.6504 0.7907 0.0020  0.0514  -0.2897 100 ASP A CA  
813 C  C   . ASP A 104 ? 0.7328 0.6300 0.8530 0.0135  0.0563  -0.2874 100 ASP A C   
814 O  O   . ASP A 104 ? 0.7745 0.6548 0.9165 0.0165  0.0655  -0.3170 100 ASP A O   
815 C  CB  . ASP A 104 ? 0.7177 0.6822 0.7677 0.0103  0.0607  -0.2849 100 ASP A CB  
816 C  CG  . ASP A 104 ? 0.7398 0.7387 0.7419 0.0006  0.0581  -0.2918 100 ASP A CG  
817 O  OD1 . ASP A 104 ? 0.7571 0.7605 0.7471 -0.0115 0.0486  -0.3071 100 ASP A OD1 
818 O  OD2 . ASP A 104 ? 0.7413 0.7627 0.7185 0.0049  0.0651  -0.2809 100 ASP A OD2 
819 N  N   . ALA A 105 ? 0.7160 0.6001 0.8493 0.0204  0.0495  -0.2530 101 ALA A N   
820 C  CA  . ALA A 105 ? 0.7351 0.5825 0.9084 0.0322  0.0497  -0.2438 101 ALA A CA  
821 C  C   . ALA A 105 ? 0.7882 0.5982 0.9860 0.0239  0.0501  -0.2617 101 ALA A C   
822 O  O   . ALA A 105 ? 0.8184 0.5956 1.0519 0.0349  0.0544  -0.2679 101 ALA A O   
823 C  CB  . ALA A 105 ? 0.7007 0.5419 0.8739 0.0365  0.0393  -0.2032 101 ALA A CB  
824 N  N   . ASP A 106 ? 0.8048 0.6199 0.9869 0.0046  0.0453  -0.2697 102 ASP A N   
825 C  CA  . ASP A 106 ? 0.8592 0.6471 1.0623 -0.0081 0.0476  -0.2977 102 ASP A CA  
826 C  C   . ASP A 106 ? 0.8715 0.6868 1.0548 -0.0160 0.0525  -0.3401 102 ASP A C   
827 O  O   . ASP A 106 ? 0.9014 0.7053 1.0944 -0.0303 0.0529  -0.3704 102 ASP A O   
828 C  CB  . ASP A 106 ? 0.8750 0.6530 1.0797 -0.0267 0.0389  -0.2813 102 ASP A CB  
829 C  CG  . ASP A 106 ? 0.8735 0.6248 1.0909 -0.0206 0.0354  -0.2394 102 ASP A CG  
830 O  OD1 . ASP A 106 ? 0.9289 0.6369 1.1748 -0.0256 0.0373  -0.2342 102 ASP A OD1 
831 O  OD2 . ASP A 106 ? 0.8403 0.6125 1.0381 -0.0113 0.0310  -0.2118 102 ASP A OD2 
# 
